data_2MRL
#
_entry.id   2MRL
#
_entity_poly.entity_id   1
_entity_poly.type   'polypeptide(L)'
_entity_poly.pdbx_seq_one_letter_code
;MDRIFMTRTEALEFLLKAHQTAVDKIGHPSHKQTPADHAAIEALDRLLLDVRARRVDQFQINASAAQIIVTD
;
_entity_poly.pdbx_strand_id   A
#
# COMPACT_ATOMS: atom_id res chain seq x y z
N MET A 1 16.29 -4.82 -11.65
CA MET A 1 15.48 -3.62 -11.76
C MET A 1 13.99 -3.97 -11.74
N ASP A 2 13.33 -3.71 -10.62
CA ASP A 2 11.91 -4.00 -10.48
C ASP A 2 11.10 -2.71 -10.43
N ARG A 3 10.13 -2.60 -11.32
CA ARG A 3 9.27 -1.41 -11.38
C ARG A 3 7.87 -1.77 -11.85
N ILE A 4 6.87 -1.21 -11.20
CA ILE A 4 5.48 -1.47 -11.55
C ILE A 4 4.72 -0.17 -11.79
N PHE A 5 4.13 -0.04 -12.98
CA PHE A 5 3.37 1.14 -13.33
C PHE A 5 1.87 0.86 -13.34
N MET A 6 1.13 1.65 -12.58
CA MET A 6 -0.32 1.49 -12.49
C MET A 6 -1.03 2.83 -12.47
N THR A 7 -2.29 2.85 -12.89
CA THR A 7 -3.08 4.08 -12.91
C THR A 7 -3.58 4.43 -11.52
N ARG A 8 -4.28 5.56 -11.42
CA ARG A 8 -4.83 6.01 -10.14
C ARG A 8 -5.62 4.90 -9.47
N THR A 9 -6.55 4.31 -10.21
CA THR A 9 -7.39 3.23 -9.68
C THR A 9 -6.56 1.99 -9.37
N GLU A 10 -5.74 1.58 -10.34
CA GLU A 10 -4.89 0.42 -10.17
C GLU A 10 -3.93 0.59 -8.99
N ALA A 11 -3.73 1.85 -8.60
CA ALA A 11 -2.84 2.16 -7.50
C ALA A 11 -3.19 1.33 -6.26
N LEU A 12 -4.45 0.95 -6.15
CA LEU A 12 -4.91 0.15 -5.02
C LEU A 12 -4.01 -1.06 -4.81
N GLU A 13 -3.68 -1.75 -5.89
CA GLU A 13 -2.83 -2.93 -5.82
C GLU A 13 -1.50 -2.60 -5.14
N PHE A 14 -1.00 -1.39 -5.36
CA PHE A 14 0.26 -0.95 -4.77
C PHE A 14 0.07 -0.64 -3.29
N LEU A 15 -1.00 0.07 -2.96
CA LEU A 15 -1.29 0.43 -1.58
C LEU A 15 -1.57 -0.81 -0.74
N LEU A 16 -2.04 -1.87 -1.39
CA LEU A 16 -2.34 -3.12 -0.70
C LEU A 16 -1.09 -3.98 -0.57
N LYS A 17 -0.40 -4.19 -1.69
CA LYS A 17 0.81 -5.01 -1.70
C LYS A 17 1.88 -4.39 -0.81
N ALA A 18 1.87 -3.06 -0.72
CA ALA A 18 2.85 -2.35 0.09
C ALA A 18 2.73 -2.74 1.56
N HIS A 19 1.50 -2.83 2.04
CA HIS A 19 1.24 -3.19 3.43
C HIS A 19 1.76 -4.60 3.73
N GLN A 20 1.50 -5.53 2.82
CA GLN A 20 1.94 -6.91 2.98
C GLN A 20 3.44 -6.98 3.23
N THR A 21 4.19 -6.14 2.51
CA THR A 21 5.64 -6.11 2.65
C THR A 21 6.04 -5.80 4.09
N ALA A 22 5.46 -4.74 4.65
CA ALA A 22 5.75 -4.34 6.02
C ALA A 22 5.23 -5.37 7.01
N VAL A 23 4.00 -5.82 6.81
CA VAL A 23 3.39 -6.80 7.70
C VAL A 23 4.19 -8.09 7.72
N ASP A 24 4.79 -8.43 6.58
CA ASP A 24 5.59 -9.64 6.48
C ASP A 24 7.00 -9.40 6.98
N LYS A 25 7.49 -8.18 6.81
CA LYS A 25 8.83 -7.82 7.25
C LYS A 25 8.97 -7.95 8.76
N ILE A 26 7.96 -7.49 9.48
CA ILE A 26 7.96 -7.55 10.94
C ILE A 26 7.86 -9.00 11.42
N GLY A 27 7.36 -9.87 10.56
CA GLY A 27 7.23 -11.27 10.91
C GLY A 27 6.00 -11.54 11.76
N HIS A 28 4.92 -10.80 11.49
CA HIS A 28 3.68 -10.96 12.24
C HIS A 28 3.06 -12.34 11.98
N PRO A 29 2.23 -12.79 12.92
CA PRO A 29 1.56 -14.10 12.82
C PRO A 29 0.50 -14.11 11.72
N SER A 30 -0.27 -15.20 11.67
CA SER A 30 -1.32 -15.34 10.68
C SER A 30 -2.66 -15.65 11.33
N HIS A 31 -2.78 -15.29 12.61
CA HIS A 31 -4.01 -15.53 13.35
C HIS A 31 -5.21 -14.91 12.64
N LYS A 32 -6.40 -15.37 12.99
CA LYS A 32 -7.63 -14.87 12.38
C LYS A 32 -7.75 -13.36 12.59
N GLN A 33 -8.46 -12.69 11.69
CA GLN A 33 -8.67 -11.26 11.77
C GLN A 33 -9.22 -10.87 13.14
N THR A 34 -8.73 -9.76 13.67
CA THR A 34 -9.19 -9.27 14.98
C THR A 34 -10.19 -8.14 14.82
N PRO A 35 -10.98 -7.90 15.88
CA PRO A 35 -11.99 -6.84 15.88
C PRO A 35 -11.38 -5.44 15.91
N ALA A 36 -10.25 -5.32 16.60
CA ALA A 36 -9.56 -4.03 16.71
C ALA A 36 -9.21 -3.49 15.32
N ASP A 37 -9.09 -4.39 14.35
CA ASP A 37 -8.77 -3.99 12.98
C ASP A 37 -9.74 -2.94 12.48
N HIS A 38 -10.97 -2.98 12.99
CA HIS A 38 -12.01 -2.04 12.58
C HIS A 38 -11.56 -0.60 12.83
N ALA A 39 -10.74 -0.42 13.87
CA ALA A 39 -10.25 0.91 14.22
C ALA A 39 -9.08 1.31 13.33
N ALA A 40 -8.31 0.31 12.89
CA ALA A 40 -7.15 0.56 12.04
C ALA A 40 -7.56 1.33 10.78
N ILE A 41 -8.82 1.19 10.39
CA ILE A 41 -9.33 1.88 9.21
C ILE A 41 -9.11 3.39 9.31
N GLU A 42 -9.02 3.88 10.54
CA GLU A 42 -8.82 5.31 10.78
C GLU A 42 -7.56 5.80 10.06
N ALA A 43 -6.57 4.93 9.97
CA ALA A 43 -5.30 5.26 9.31
C ALA A 43 -5.44 5.20 7.80
N LEU A 44 -6.04 4.11 7.32
CA LEU A 44 -6.24 3.91 5.88
C LEU A 44 -6.96 5.10 5.26
N ASP A 45 -7.77 5.78 6.07
CA ASP A 45 -8.51 6.94 5.60
C ASP A 45 -7.60 7.94 4.92
N ARG A 46 -6.35 8.02 5.39
CA ARG A 46 -5.38 8.95 4.84
C ARG A 46 -5.08 8.61 3.38
N LEU A 47 -4.57 7.41 3.14
CA LEU A 47 -4.24 6.98 1.79
C LEU A 47 -5.51 6.87 0.93
N LEU A 48 -6.60 6.49 1.56
CA LEU A 48 -7.88 6.35 0.86
C LEU A 48 -8.33 7.68 0.29
N LEU A 49 -8.18 8.74 1.08
CA LEU A 49 -8.58 10.08 0.66
C LEU A 49 -7.57 10.64 -0.35
N ASP A 50 -6.30 10.37 -0.12
CA ASP A 50 -5.24 10.84 -1.01
C ASP A 50 -5.38 10.23 -2.40
N VAL A 51 -5.85 8.98 -2.45
CA VAL A 51 -6.03 8.28 -3.71
C VAL A 51 -7.33 8.69 -4.38
N ARG A 52 -8.43 8.59 -3.65
CA ARG A 52 -9.75 8.95 -4.18
C ARG A 52 -9.77 10.39 -4.65
N ALA A 53 -8.98 11.25 -3.98
CA ALA A 53 -8.91 12.66 -4.34
C ALA A 53 -7.87 12.89 -5.43
N ARG A 54 -7.32 11.81 -5.96
CA ARG A 54 -6.31 11.90 -7.02
C ARG A 54 -5.19 12.86 -6.62
N ARG A 55 -4.61 12.64 -5.45
CA ARG A 55 -3.53 13.48 -4.96
C ARG A 55 -2.34 12.64 -4.52
N VAL A 56 -2.22 11.45 -5.09
CA VAL A 56 -1.12 10.54 -4.76
C VAL A 56 0.01 10.65 -5.77
N ASP A 57 1.24 10.39 -5.31
CA ASP A 57 2.41 10.46 -6.17
C ASP A 57 3.16 9.13 -6.19
N GLN A 58 4.25 9.08 -6.94
CA GLN A 58 5.05 7.87 -7.04
C GLN A 58 6.21 7.90 -6.04
N PHE A 59 6.55 6.74 -5.50
CA PHE A 59 7.64 6.64 -4.53
C PHE A 59 8.07 5.19 -4.36
N GLN A 60 9.24 4.99 -3.76
CA GLN A 60 9.77 3.66 -3.53
C GLN A 60 10.49 3.57 -2.18
N ILE A 61 10.28 2.47 -1.47
CA ILE A 61 10.90 2.28 -0.17
C ILE A 61 12.31 1.72 -0.32
N ASN A 62 12.44 0.64 -1.08
CA ASN A 62 13.74 0.01 -1.31
C ASN A 62 14.01 -0.17 -2.80
N ALA A 63 15.27 -0.45 -3.13
CA ALA A 63 15.65 -0.64 -4.54
C ALA A 63 15.57 -2.11 -4.93
N SER A 64 15.79 -2.99 -3.95
CA SER A 64 15.74 -4.43 -4.19
C SER A 64 14.30 -4.94 -4.17
N ALA A 65 13.50 -4.39 -3.26
CA ALA A 65 12.11 -4.80 -3.12
C ALA A 65 11.29 -4.35 -4.34
N ALA A 66 10.14 -4.99 -4.53
CA ALA A 66 9.27 -4.66 -5.66
C ALA A 66 8.84 -3.20 -5.61
N GLN A 67 9.31 -2.42 -6.58
CA GLN A 67 8.98 -1.00 -6.64
C GLN A 67 7.74 -0.77 -7.53
N ILE A 68 6.96 0.25 -7.18
CA ILE A 68 5.76 0.57 -7.94
C ILE A 68 5.68 2.07 -8.23
N ILE A 69 6.13 2.47 -9.41
CA ILE A 69 6.09 3.87 -9.81
C ILE A 69 4.73 4.25 -10.35
N VAL A 70 4.04 5.13 -9.62
CA VAL A 70 2.71 5.58 -10.03
C VAL A 70 2.78 6.39 -11.32
N THR A 71 1.91 6.07 -12.27
CA THR A 71 1.87 6.75 -13.55
C THR A 71 0.62 7.63 -13.67
N ASP A 72 0.69 8.83 -13.12
CA ASP A 72 -0.43 9.76 -13.16
C ASP A 72 -0.91 9.95 -14.60
N MET A 1 16.04 -4.88 -11.64
CA MET A 1 15.04 -3.81 -11.60
C MET A 1 13.63 -4.38 -11.77
N ASP A 2 12.78 -4.16 -10.77
CA ASP A 2 11.42 -4.65 -10.82
C ASP A 2 10.42 -3.48 -10.74
N ARG A 3 10.57 -2.53 -11.65
CA ARG A 3 9.69 -1.37 -11.69
C ARG A 3 8.26 -1.78 -12.01
N ILE A 4 7.30 -0.96 -11.60
CA ILE A 4 5.89 -1.23 -11.84
C ILE A 4 5.13 0.04 -12.17
N PHE A 5 4.74 0.19 -13.43
CA PHE A 5 4.00 1.37 -13.86
C PHE A 5 2.50 1.17 -13.69
N MET A 6 1.88 2.02 -12.88
CA MET A 6 0.45 1.93 -12.63
C MET A 6 -0.22 3.29 -12.83
N THR A 7 -1.45 3.27 -13.33
CA THR A 7 -2.20 4.50 -13.57
C THR A 7 -2.84 5.02 -12.29
N ARG A 8 -3.57 6.12 -12.40
CA ARG A 8 -4.23 6.72 -11.25
C ARG A 8 -5.09 5.68 -10.51
N THR A 9 -5.77 4.84 -11.28
CA THR A 9 -6.63 3.81 -10.71
C THR A 9 -5.82 2.56 -10.34
N GLU A 10 -4.94 2.15 -11.25
CA GLU A 10 -4.11 0.98 -11.03
C GLU A 10 -3.23 1.16 -9.79
N ALA A 11 -3.03 2.41 -9.39
CA ALA A 11 -2.22 2.73 -8.23
C ALA A 11 -2.65 1.90 -7.02
N LEU A 12 -3.93 1.56 -6.97
CA LEU A 12 -4.46 0.77 -5.86
C LEU A 12 -3.63 -0.47 -5.62
N GLU A 13 -3.30 -1.18 -6.70
CA GLU A 13 -2.49 -2.39 -6.61
C GLU A 13 -1.22 -2.14 -5.82
N PHE A 14 -0.59 -1.00 -6.06
CA PHE A 14 0.65 -0.64 -5.38
C PHE A 14 0.38 -0.32 -3.91
N LEU A 15 -0.64 0.49 -3.67
CA LEU A 15 -1.01 0.87 -2.30
C LEU A 15 -1.18 -0.36 -1.43
N LEU A 16 -1.86 -1.37 -1.95
CA LEU A 16 -2.10 -2.60 -1.22
C LEU A 16 -0.89 -3.53 -1.29
N LYS A 17 -0.12 -3.40 -2.37
CA LYS A 17 1.07 -4.22 -2.56
C LYS A 17 2.07 -3.99 -1.44
N ALA A 18 2.39 -2.73 -1.18
CA ALA A 18 3.34 -2.38 -0.11
C ALA A 18 2.95 -3.04 1.20
N HIS A 19 1.66 -3.05 1.51
CA HIS A 19 1.17 -3.65 2.73
C HIS A 19 1.29 -5.17 2.69
N GLN A 20 1.02 -5.74 1.50
CA GLN A 20 1.09 -7.18 1.33
C GLN A 20 2.49 -7.70 1.66
N THR A 21 3.51 -6.93 1.30
CA THR A 21 4.89 -7.30 1.56
C THR A 21 5.31 -6.95 2.98
N ALA A 22 4.81 -5.81 3.47
CA ALA A 22 5.12 -5.36 4.82
C ALA A 22 4.64 -6.36 5.86
N VAL A 23 3.39 -6.81 5.71
CA VAL A 23 2.80 -7.76 6.64
C VAL A 23 3.59 -9.07 6.66
N ASP A 24 4.18 -9.41 5.52
CA ASP A 24 4.97 -10.64 5.41
C ASP A 24 6.39 -10.41 5.91
N LYS A 25 6.87 -9.17 5.82
CA LYS A 25 8.20 -8.82 6.27
C LYS A 25 8.41 -9.21 7.73
N ILE A 26 7.34 -9.14 8.50
CA ILE A 26 7.40 -9.49 9.92
C ILE A 26 7.32 -11.00 10.12
N GLY A 27 6.75 -11.68 9.15
CA GLY A 27 6.62 -13.13 9.23
C GLY A 27 5.66 -13.56 10.32
N HIS A 28 4.76 -12.68 10.70
CA HIS A 28 3.77 -12.97 11.74
C HIS A 28 2.36 -12.75 11.22
N PRO A 29 1.38 -13.42 11.86
CA PRO A 29 -0.03 -13.32 11.49
C PRO A 29 -0.62 -11.95 11.82
N SER A 30 -1.54 -11.49 10.97
CA SER A 30 -2.18 -10.20 11.17
C SER A 30 -3.70 -10.33 11.19
N HIS A 31 -4.17 -11.55 11.50
CA HIS A 31 -5.60 -11.81 11.56
C HIS A 31 -6.00 -12.31 12.95
N LYS A 32 -6.59 -11.43 13.74
CA LYS A 32 -7.02 -11.78 15.10
C LYS A 32 -8.23 -10.96 15.50
N GLN A 33 -9.31 -11.65 15.87
CA GLN A 33 -10.54 -10.99 16.29
C GLN A 33 -10.28 -10.05 17.46
N THR A 34 -10.45 -8.75 17.22
CA THR A 34 -10.23 -7.74 18.25
C THR A 34 -11.10 -6.52 18.02
N PRO A 35 -11.31 -5.73 19.07
CA PRO A 35 -12.12 -4.50 19.01
C PRO A 35 -11.44 -3.40 18.20
N ALA A 36 -10.12 -3.38 18.25
CA ALA A 36 -9.36 -2.36 17.52
C ALA A 36 -9.55 -2.50 16.02
N ASP A 37 -9.91 -3.70 15.58
CA ASP A 37 -10.14 -3.97 14.17
C ASP A 37 -11.13 -2.97 13.58
N HIS A 38 -12.06 -2.51 14.41
CA HIS A 38 -13.08 -1.55 13.98
C HIS A 38 -12.43 -0.20 13.68
N ALA A 39 -11.45 0.18 14.49
CA ALA A 39 -10.77 1.46 14.30
C ALA A 39 -9.80 1.39 13.13
N ALA A 40 -9.31 0.19 12.84
CA ALA A 40 -8.37 -0.01 11.73
C ALA A 40 -8.94 0.56 10.43
N ILE A 41 -10.25 0.58 10.32
CA ILE A 41 -10.91 1.11 9.12
C ILE A 41 -10.42 2.52 8.80
N GLU A 42 -10.01 3.25 9.84
CA GLU A 42 -9.52 4.62 9.66
C GLU A 42 -8.36 4.65 8.68
N ALA A 43 -7.62 3.55 8.60
CA ALA A 43 -6.47 3.45 7.69
C ALA A 43 -6.93 3.21 6.27
N LEU A 44 -7.84 2.26 6.10
CA LEU A 44 -8.36 1.93 4.76
C LEU A 44 -8.88 3.17 4.06
N ASP A 45 -9.77 3.89 4.73
CA ASP A 45 -10.34 5.11 4.17
C ASP A 45 -9.25 6.12 3.82
N ARG A 46 -8.14 6.06 4.56
CA ARG A 46 -7.03 6.97 4.33
C ARG A 46 -6.46 6.79 2.92
N LEU A 47 -5.97 5.60 2.63
CA LEU A 47 -5.40 5.29 1.33
C LEU A 47 -6.40 5.57 0.22
N LEU A 48 -7.62 5.07 0.39
CA LEU A 48 -8.67 5.27 -0.60
C LEU A 48 -8.92 6.75 -0.85
N LEU A 49 -9.12 7.50 0.23
CA LEU A 49 -9.37 8.93 0.13
C LEU A 49 -8.20 9.64 -0.56
N ASP A 50 -6.99 9.25 -0.19
CA ASP A 50 -5.80 9.85 -0.78
C ASP A 50 -5.78 9.66 -2.29
N VAL A 51 -5.74 8.40 -2.73
CA VAL A 51 -5.72 8.09 -4.15
C VAL A 51 -6.96 8.63 -4.85
N ARG A 52 -8.04 8.80 -4.09
CA ARG A 52 -9.28 9.32 -4.64
C ARG A 52 -9.20 10.82 -4.84
N ALA A 53 -8.44 11.50 -3.99
CA ALA A 53 -8.27 12.93 -4.07
C ALA A 53 -7.00 13.31 -4.84
N ARG A 54 -6.57 12.40 -5.72
CA ARG A 54 -5.38 12.64 -6.52
C ARG A 54 -4.20 13.02 -5.63
N ARG A 55 -4.08 12.33 -4.49
CA ARG A 55 -2.99 12.60 -3.56
C ARG A 55 -1.98 11.45 -3.56
N VAL A 56 -1.90 10.75 -4.67
CA VAL A 56 -0.98 9.63 -4.81
C VAL A 56 0.33 10.08 -5.45
N ASP A 57 1.43 9.46 -5.03
CA ASP A 57 2.74 9.80 -5.57
C ASP A 57 3.64 8.56 -5.61
N GLN A 58 4.82 8.71 -6.20
CA GLN A 58 5.77 7.61 -6.32
C GLN A 58 6.78 7.63 -5.17
N PHE A 59 7.21 6.45 -4.75
CA PHE A 59 8.17 6.33 -3.65
C PHE A 59 9.05 5.10 -3.83
N GLN A 60 10.19 5.10 -3.16
CA GLN A 60 11.12 3.98 -3.24
C GLN A 60 12.28 4.16 -2.27
N ILE A 61 12.39 3.25 -1.30
CA ILE A 61 13.46 3.31 -0.31
C ILE A 61 14.74 2.67 -0.84
N ASN A 62 14.57 1.66 -1.68
CA ASN A 62 15.71 0.94 -2.26
C ASN A 62 15.61 0.89 -3.77
N ALA A 63 14.39 0.72 -4.28
CA ALA A 63 14.16 0.67 -5.72
C ALA A 63 14.84 -0.55 -6.33
N SER A 64 15.12 -1.55 -5.50
CA SER A 64 15.79 -2.77 -5.97
C SER A 64 14.86 -3.97 -5.83
N ALA A 65 14.00 -3.93 -4.82
CA ALA A 65 13.05 -5.01 -4.59
C ALA A 65 11.61 -4.52 -4.70
N ALA A 66 10.88 -5.08 -5.67
CA ALA A 66 9.49 -4.70 -5.88
C ALA A 66 9.34 -3.19 -6.00
N GLN A 67 9.90 -2.62 -7.07
CA GLN A 67 9.83 -1.18 -7.30
C GLN A 67 8.55 -0.81 -8.03
N ILE A 68 7.92 0.28 -7.61
CA ILE A 68 6.69 0.75 -8.23
C ILE A 68 6.76 2.25 -8.51
N ILE A 69 6.23 2.65 -9.66
CA ILE A 69 6.22 4.05 -10.05
C ILE A 69 4.81 4.51 -10.43
N VAL A 70 4.36 5.59 -9.80
CA VAL A 70 3.03 6.13 -10.08
C VAL A 70 3.07 7.09 -11.26
N THR A 71 2.51 6.67 -12.38
CA THR A 71 2.47 7.49 -13.59
C THR A 71 1.44 8.60 -13.46
N ASP A 72 1.79 9.65 -12.72
CA ASP A 72 0.89 10.78 -12.53
C ASP A 72 1.50 12.05 -13.09
N MET A 1 15.70 -4.66 -9.60
CA MET A 1 14.94 -3.74 -10.44
C MET A 1 13.60 -4.35 -10.85
N ASP A 2 12.57 -4.10 -10.05
CA ASP A 2 11.23 -4.62 -10.33
C ASP A 2 10.20 -3.50 -10.31
N ARG A 3 10.39 -2.52 -11.20
CA ARG A 3 9.47 -1.40 -11.28
C ARG A 3 8.09 -1.85 -11.75
N ILE A 4 7.07 -1.10 -11.35
CA ILE A 4 5.70 -1.44 -11.73
C ILE A 4 4.90 -0.18 -12.07
N PHE A 5 4.61 0.01 -13.35
CA PHE A 5 3.86 1.17 -13.80
C PHE A 5 2.36 0.96 -13.60
N MET A 6 1.74 1.84 -12.83
CA MET A 6 0.32 1.75 -12.56
C MET A 6 -0.35 3.12 -12.70
N THR A 7 -1.59 3.13 -13.18
CA THR A 7 -2.33 4.36 -13.37
C THR A 7 -3.08 4.75 -12.09
N ARG A 8 -3.81 5.85 -12.15
CA ARG A 8 -4.57 6.33 -11.01
C ARG A 8 -5.44 5.22 -10.42
N THR A 9 -6.12 4.49 -11.30
CA THR A 9 -6.98 3.39 -10.88
C THR A 9 -6.17 2.16 -10.50
N GLU A 10 -5.20 1.82 -11.34
CA GLU A 10 -4.35 0.66 -11.08
C GLU A 10 -3.60 0.81 -9.77
N ALA A 11 -3.49 2.05 -9.30
CA ALA A 11 -2.79 2.33 -8.05
C ALA A 11 -3.30 1.44 -6.92
N LEU A 12 -4.56 1.04 -7.01
CA LEU A 12 -5.18 0.18 -6.00
C LEU A 12 -4.30 -1.04 -5.74
N GLU A 13 -3.76 -1.62 -6.80
CA GLU A 13 -2.92 -2.80 -6.69
C GLU A 13 -1.63 -2.47 -5.94
N PHE A 14 -1.14 -1.25 -6.11
CA PHE A 14 0.08 -0.81 -5.44
C PHE A 14 -0.15 -0.65 -3.94
N LEU A 15 -1.21 0.06 -3.57
CA LEU A 15 -1.53 0.28 -2.17
C LEU A 15 -2.03 -1.00 -1.51
N LEU A 16 -2.57 -1.90 -2.32
CA LEU A 16 -3.09 -3.18 -1.83
C LEU A 16 -1.96 -4.19 -1.64
N LYS A 17 -0.97 -4.12 -2.53
CA LYS A 17 0.17 -5.03 -2.45
C LYS A 17 1.20 -4.53 -1.45
N ALA A 18 1.27 -3.21 -1.27
CA ALA A 18 2.21 -2.61 -0.34
C ALA A 18 1.96 -3.10 1.09
N HIS A 19 0.71 -3.50 1.36
CA HIS A 19 0.34 -3.97 2.68
C HIS A 19 0.90 -5.38 2.92
N GLN A 20 0.70 -6.26 1.94
CA GLN A 20 1.19 -7.64 2.05
C GLN A 20 2.67 -7.66 2.40
N THR A 21 3.43 -6.76 1.79
CA THR A 21 4.87 -6.68 2.04
C THR A 21 5.17 -5.90 3.31
N ALA A 22 4.29 -4.97 3.65
CA ALA A 22 4.46 -4.16 4.85
C ALA A 22 4.25 -4.98 6.11
N VAL A 23 3.26 -5.88 6.07
CA VAL A 23 2.96 -6.74 7.21
C VAL A 23 4.14 -7.63 7.56
N ASP A 24 4.93 -7.97 6.55
CA ASP A 24 6.09 -8.83 6.75
C ASP A 24 7.16 -8.11 7.56
N LYS A 25 7.26 -6.80 7.36
CA LYS A 25 8.24 -5.99 8.08
C LYS A 25 7.86 -5.85 9.55
N ILE A 26 6.57 -5.81 9.81
CA ILE A 26 6.06 -5.68 11.18
C ILE A 26 6.15 -7.01 11.93
N GLY A 27 6.17 -8.11 11.17
CA GLY A 27 6.25 -9.42 11.78
C GLY A 27 5.01 -9.79 12.56
N HIS A 28 3.86 -9.27 12.12
CA HIS A 28 2.59 -9.53 12.78
C HIS A 28 2.26 -11.02 12.73
N PRO A 29 1.41 -11.47 13.67
CA PRO A 29 0.99 -12.87 13.75
C PRO A 29 0.08 -13.27 12.60
N SER A 30 -0.08 -14.57 12.38
CA SER A 30 -0.92 -15.08 11.31
C SER A 30 -2.27 -15.54 11.86
N HIS A 31 -2.64 -15.01 13.02
CA HIS A 31 -3.90 -15.37 13.65
C HIS A 31 -5.06 -14.59 13.03
N LYS A 32 -6.29 -15.03 13.30
CA LYS A 32 -7.47 -14.37 12.77
C LYS A 32 -7.57 -12.93 13.29
N GLN A 33 -8.27 -12.08 12.55
CA GLN A 33 -8.45 -10.69 12.94
C GLN A 33 -9.00 -10.59 14.36
N THR A 34 -9.02 -9.38 14.89
CA THR A 34 -9.53 -9.15 16.25
C THR A 34 -10.62 -8.09 16.25
N PRO A 35 -11.43 -8.09 17.30
CA PRO A 35 -12.54 -7.13 17.45
C PRO A 35 -12.05 -5.71 17.71
N ALA A 36 -10.78 -5.59 18.10
CA ALA A 36 -10.18 -4.29 18.38
C ALA A 36 -9.46 -3.75 17.14
N ASP A 37 -9.17 -4.63 16.19
CA ASP A 37 -8.49 -4.24 14.97
C ASP A 37 -9.32 -3.23 14.18
N HIS A 38 -10.63 -3.24 14.41
CA HIS A 38 -11.54 -2.33 13.73
C HIS A 38 -11.04 -0.89 13.83
N ALA A 39 -10.36 -0.58 14.93
CA ALA A 39 -9.83 0.77 15.15
C ALA A 39 -8.81 1.14 14.09
N ALA A 40 -8.01 0.15 13.66
CA ALA A 40 -7.00 0.38 12.65
C ALA A 40 -7.59 1.02 11.40
N ILE A 41 -8.87 0.73 11.15
CA ILE A 41 -9.56 1.28 9.99
C ILE A 41 -9.42 2.80 9.93
N GLU A 42 -9.31 3.42 11.10
CA GLU A 42 -9.18 4.88 11.18
C GLU A 42 -7.93 5.34 10.44
N ALA A 43 -6.92 4.48 10.38
CA ALA A 43 -5.68 4.80 9.70
C ALA A 43 -5.83 4.69 8.19
N LEU A 44 -6.54 3.66 7.75
CA LEU A 44 -6.75 3.43 6.33
C LEU A 44 -7.37 4.67 5.67
N ASP A 45 -8.10 5.45 6.45
CA ASP A 45 -8.74 6.66 5.95
C ASP A 45 -7.72 7.57 5.28
N ARG A 46 -6.48 7.50 5.73
CA ARG A 46 -5.40 8.32 5.17
C ARG A 46 -5.12 7.91 3.73
N LEU A 47 -4.69 6.67 3.54
CA LEU A 47 -4.37 6.16 2.21
C LEU A 47 -5.60 6.17 1.31
N LEU A 48 -6.77 5.97 1.92
CA LEU A 48 -8.03 5.96 1.18
C LEU A 48 -8.32 7.33 0.58
N LEU A 49 -8.46 8.32 1.44
CA LEU A 49 -8.74 9.69 1.01
C LEU A 49 -7.59 10.23 0.15
N ASP A 50 -6.38 9.75 0.40
CA ASP A 50 -5.21 10.17 -0.35
C ASP A 50 -5.32 9.75 -1.81
N VAL A 51 -5.45 8.45 -2.03
CA VAL A 51 -5.56 7.92 -3.38
C VAL A 51 -6.89 8.30 -4.02
N ARG A 52 -7.88 8.57 -3.18
CA ARG A 52 -9.20 8.96 -3.67
C ARG A 52 -9.23 10.42 -4.07
N ALA A 53 -8.40 11.22 -3.41
CA ALA A 53 -8.32 12.65 -3.70
C ALA A 53 -7.20 12.95 -4.69
N ARG A 54 -6.84 11.95 -5.50
CA ARG A 54 -5.79 12.11 -6.49
C ARG A 54 -4.53 12.67 -5.85
N ARG A 55 -4.32 12.35 -4.58
CA ARG A 55 -3.14 12.82 -3.85
C ARG A 55 -2.06 11.76 -3.83
N VAL A 56 -2.07 10.89 -4.83
CA VAL A 56 -1.07 9.82 -4.92
C VAL A 56 0.10 10.24 -5.80
N ASP A 57 1.29 9.75 -5.45
CA ASP A 57 2.50 10.07 -6.21
C ASP A 57 3.43 8.86 -6.26
N GLN A 58 4.44 8.95 -7.12
CA GLN A 58 5.41 7.86 -7.27
C GLN A 58 6.64 8.11 -6.40
N PHE A 59 7.25 7.03 -5.94
CA PHE A 59 8.44 7.12 -5.09
C PHE A 59 9.04 5.75 -4.84
N GLN A 60 10.36 5.71 -4.62
CA GLN A 60 11.05 4.46 -4.37
C GLN A 60 12.29 4.69 -3.53
N ILE A 61 12.46 3.88 -2.49
CA ILE A 61 13.61 3.98 -1.60
C ILE A 61 14.80 3.20 -2.14
N ASN A 62 14.51 2.11 -2.86
CA ASN A 62 15.56 1.27 -3.43
C ASN A 62 14.96 0.23 -4.37
N ALA A 63 15.74 -0.17 -5.38
CA ALA A 63 15.30 -1.15 -6.34
C ALA A 63 15.81 -2.55 -5.98
N SER A 64 15.41 -3.02 -4.81
CA SER A 64 15.84 -4.35 -4.35
C SER A 64 14.66 -5.31 -4.31
N ALA A 65 13.51 -4.82 -3.86
CA ALA A 65 12.31 -5.64 -3.78
C ALA A 65 11.23 -5.13 -4.73
N ALA A 66 10.04 -5.70 -4.62
CA ALA A 66 8.92 -5.30 -5.47
C ALA A 66 8.70 -3.79 -5.41
N GLN A 67 9.11 -3.10 -6.47
CA GLN A 67 8.97 -1.65 -6.54
C GLN A 67 7.82 -1.26 -7.47
N ILE A 68 7.24 -0.10 -7.23
CA ILE A 68 6.13 0.39 -8.04
C ILE A 68 6.25 1.89 -8.28
N ILE A 69 6.07 2.30 -9.54
CA ILE A 69 6.15 3.71 -9.90
C ILE A 69 4.87 4.17 -10.60
N VAL A 70 4.18 5.10 -9.97
CA VAL A 70 2.94 5.63 -10.53
C VAL A 70 3.22 6.61 -11.66
N THR A 71 2.69 6.30 -12.84
CA THR A 71 2.90 7.15 -14.01
C THR A 71 1.59 7.80 -14.45
N ASP A 72 1.15 8.80 -13.71
CA ASP A 72 -0.09 9.50 -14.02
C ASP A 72 0.03 10.25 -15.34
N MET A 1 15.12 -0.99 -10.67
CA MET A 1 15.17 -2.10 -11.62
C MET A 1 13.82 -2.81 -11.67
N ASP A 2 13.32 -3.21 -10.50
CA ASP A 2 12.04 -3.91 -10.42
C ASP A 2 10.89 -2.92 -10.29
N ARG A 3 10.86 -1.94 -11.19
CA ARG A 3 9.81 -0.93 -11.19
C ARG A 3 8.46 -1.54 -11.55
N ILE A 4 7.38 -0.93 -11.07
CA ILE A 4 6.04 -1.41 -11.35
C ILE A 4 5.09 -0.25 -11.63
N PHE A 5 4.69 -0.12 -12.89
CA PHE A 5 3.78 0.96 -13.29
C PHE A 5 2.36 0.66 -12.82
N MET A 6 1.57 1.71 -12.64
CA MET A 6 0.19 1.57 -12.19
C MET A 6 -0.62 2.80 -12.55
N THR A 7 -1.92 2.61 -12.79
CA THR A 7 -2.81 3.71 -13.15
C THR A 7 -3.51 4.27 -11.91
N ARG A 8 -4.37 5.26 -12.12
CA ARG A 8 -5.10 5.88 -11.02
C ARG A 8 -5.94 4.84 -10.27
N THR A 9 -6.58 3.95 -11.02
CA THR A 9 -7.41 2.92 -10.42
C THR A 9 -6.57 1.72 -9.98
N GLU A 10 -5.74 1.23 -10.90
CA GLU A 10 -4.89 0.08 -10.60
C GLU A 10 -3.94 0.39 -9.45
N ALA A 11 -3.75 1.67 -9.18
CA ALA A 11 -2.87 2.10 -8.09
C ALA A 11 -3.21 1.38 -6.79
N LEU A 12 -4.48 1.01 -6.64
CA LEU A 12 -4.94 0.32 -5.45
C LEU A 12 -4.04 -0.88 -5.14
N GLU A 13 -3.73 -1.66 -6.16
CA GLU A 13 -2.87 -2.83 -6.01
C GLU A 13 -1.58 -2.46 -5.28
N PHE A 14 -0.97 -1.36 -5.68
CA PHE A 14 0.26 -0.91 -5.06
C PHE A 14 0.03 -0.46 -3.63
N LEU A 15 -1.01 0.34 -3.42
CA LEU A 15 -1.35 0.83 -2.09
C LEU A 15 -1.43 -0.31 -1.08
N LEU A 16 -2.09 -1.39 -1.48
CA LEU A 16 -2.24 -2.56 -0.61
C LEU A 16 -1.00 -3.43 -0.67
N LYS A 17 -0.27 -3.36 -1.78
CA LYS A 17 0.95 -4.14 -1.95
C LYS A 17 1.98 -3.79 -0.89
N ALA A 18 2.31 -2.51 -0.80
CA ALA A 18 3.28 -2.03 0.18
C ALA A 18 2.90 -2.47 1.58
N HIS A 19 1.60 -2.60 1.84
CA HIS A 19 1.11 -3.01 3.14
C HIS A 19 1.30 -4.51 3.34
N GLN A 20 0.82 -5.30 2.39
CA GLN A 20 0.94 -6.75 2.48
C GLN A 20 2.39 -7.18 2.69
N THR A 21 3.32 -6.40 2.11
CA THR A 21 4.73 -6.69 2.24
C THR A 21 5.28 -6.20 3.59
N ALA A 22 4.78 -5.07 4.04
CA ALA A 22 5.20 -4.50 5.32
C ALA A 22 4.75 -5.37 6.48
N VAL A 23 3.60 -6.00 6.34
CA VAL A 23 3.05 -6.86 7.38
C VAL A 23 3.75 -8.21 7.39
N ASP A 24 4.21 -8.64 6.22
CA ASP A 24 4.90 -9.93 6.10
C ASP A 24 6.37 -9.78 6.46
N LYS A 25 6.91 -8.59 6.27
CA LYS A 25 8.31 -8.32 6.56
C LYS A 25 8.64 -8.69 8.01
N ILE A 26 7.77 -8.30 8.94
CA ILE A 26 7.97 -8.60 10.35
C ILE A 26 7.76 -10.09 10.63
N GLY A 27 6.99 -10.75 9.76
CA GLY A 27 6.73 -12.16 9.93
C GLY A 27 5.35 -12.42 10.49
N HIS A 28 4.42 -11.50 10.24
CA HIS A 28 3.05 -11.65 10.73
C HIS A 28 2.10 -11.95 9.57
N PRO A 29 0.95 -12.56 9.90
CA PRO A 29 -0.07 -12.91 8.92
C PRO A 29 -0.77 -11.68 8.34
N SER A 30 -1.48 -11.88 7.23
CA SER A 30 -2.20 -10.79 6.58
C SER A 30 -3.64 -10.72 7.06
N HIS A 31 -4.11 -11.82 7.66
CA HIS A 31 -5.48 -11.88 8.17
C HIS A 31 -5.49 -12.07 9.68
N LYS A 32 -6.23 -11.22 10.38
CA LYS A 32 -6.33 -11.28 11.83
C LYS A 32 -7.71 -10.85 12.30
N GLN A 33 -8.35 -11.71 13.08
CA GLN A 33 -9.68 -11.41 13.61
C GLN A 33 -9.60 -10.80 15.00
N THR A 34 -9.83 -9.49 15.08
CA THR A 34 -9.79 -8.79 16.35
C THR A 34 -10.57 -7.48 16.29
N PRO A 35 -10.95 -6.96 17.47
CA PRO A 35 -11.71 -5.71 17.57
C PRO A 35 -10.87 -4.49 17.19
N ALA A 36 -9.58 -4.54 17.52
CA ALA A 36 -8.68 -3.43 17.21
C ALA A 36 -8.66 -3.14 15.72
N ASP A 37 -8.96 -4.16 14.92
CA ASP A 37 -8.98 -4.01 13.47
C ASP A 37 -10.01 -2.97 13.03
N HIS A 38 -11.16 -2.98 13.71
CA HIS A 38 -12.23 -2.06 13.40
C HIS A 38 -11.74 -0.61 13.47
N ALA A 39 -10.99 -0.30 14.52
CA ALA A 39 -10.45 1.04 14.71
C ALA A 39 -9.31 1.32 13.73
N ALA A 40 -8.65 0.25 13.28
CA ALA A 40 -7.55 0.39 12.34
C ALA A 40 -7.96 1.19 11.12
N ILE A 41 -9.24 1.13 10.77
CA ILE A 41 -9.76 1.85 9.62
C ILE A 41 -9.41 3.33 9.70
N GLU A 42 -9.27 3.84 10.92
CA GLU A 42 -8.93 5.24 11.13
C GLU A 42 -7.65 5.61 10.40
N ALA A 43 -6.78 4.61 10.22
CA ALA A 43 -5.51 4.83 9.53
C ALA A 43 -5.68 4.78 8.02
N LEU A 44 -6.57 3.90 7.56
CA LEU A 44 -6.83 3.75 6.13
C LEU A 44 -7.51 4.99 5.56
N ASP A 45 -8.25 5.69 6.42
CA ASP A 45 -8.94 6.90 6.00
C ASP A 45 -7.98 7.90 5.37
N ARG A 46 -6.72 7.83 5.78
CA ARG A 46 -5.69 8.73 5.25
C ARG A 46 -5.39 8.41 3.79
N LEU A 47 -4.91 7.19 3.55
CA LEU A 47 -4.58 6.76 2.20
C LEU A 47 -5.81 6.74 1.31
N LEU A 48 -6.95 6.41 1.90
CA LEU A 48 -8.22 6.35 1.16
C LEU A 48 -8.61 7.74 0.68
N LEU A 49 -8.73 8.68 1.61
CA LEU A 49 -9.10 10.06 1.28
C LEU A 49 -8.11 10.66 0.28
N ASP A 50 -6.83 10.44 0.51
CA ASP A 50 -5.79 10.96 -0.37
C ASP A 50 -5.99 10.45 -1.81
N VAL A 51 -6.01 9.14 -1.96
CA VAL A 51 -6.20 8.53 -3.27
C VAL A 51 -7.52 8.95 -3.90
N ARG A 52 -8.52 9.20 -3.04
CA ARG A 52 -9.83 9.62 -3.51
C ARG A 52 -9.81 11.07 -3.99
N ALA A 53 -8.94 11.87 -3.38
CA ALA A 53 -8.83 13.28 -3.73
C ALA A 53 -7.70 13.49 -4.75
N ARG A 54 -7.39 12.44 -5.51
CA ARG A 54 -6.33 12.52 -6.50
C ARG A 54 -5.01 12.93 -5.87
N ARG A 55 -4.61 12.21 -4.83
CA ARG A 55 -3.36 12.51 -4.12
C ARG A 55 -2.38 11.34 -4.25
N VAL A 56 -2.53 10.56 -5.32
CA VAL A 56 -1.66 9.41 -5.55
C VAL A 56 -0.43 9.82 -6.35
N ASP A 57 0.70 9.19 -6.03
CA ASP A 57 1.96 9.48 -6.73
C ASP A 57 2.90 8.29 -6.67
N GLN A 58 4.06 8.43 -7.30
CA GLN A 58 5.05 7.35 -7.32
C GLN A 58 6.07 7.53 -6.21
N PHE A 59 6.60 6.42 -5.71
CA PHE A 59 7.60 6.46 -4.64
C PHE A 59 8.45 5.20 -4.64
N GLN A 60 9.64 5.29 -4.06
CA GLN A 60 10.55 4.15 -3.99
C GLN A 60 11.22 4.06 -2.63
N ILE A 61 10.92 3.00 -1.90
CA ILE A 61 11.50 2.81 -0.57
C ILE A 61 12.84 2.10 -0.65
N ASN A 62 12.86 0.93 -1.29
CA ASN A 62 14.08 0.16 -1.45
C ASN A 62 14.26 -0.30 -2.90
N ALA A 63 15.51 -0.40 -3.33
CA ALA A 63 15.82 -0.84 -4.69
C ALA A 63 15.99 -2.35 -4.76
N SER A 64 16.35 -2.96 -3.63
CA SER A 64 16.55 -4.39 -3.56
C SER A 64 15.22 -5.13 -3.57
N ALA A 65 14.18 -4.48 -3.06
CA ALA A 65 12.85 -5.07 -3.00
C ALA A 65 12.00 -4.61 -4.18
N ALA A 66 10.82 -5.18 -4.31
CA ALA A 66 9.90 -4.83 -5.40
C ALA A 66 9.69 -3.32 -5.46
N GLN A 67 10.09 -2.72 -6.58
CA GLN A 67 9.94 -1.29 -6.77
C GLN A 67 8.62 -0.95 -7.45
N ILE A 68 8.07 0.21 -7.14
CA ILE A 68 6.81 0.65 -7.73
C ILE A 68 6.86 2.12 -8.11
N ILE A 69 6.32 2.44 -9.29
CA ILE A 69 6.30 3.80 -9.78
C ILE A 69 5.01 4.11 -10.53
N VAL A 70 4.10 4.80 -9.86
CA VAL A 70 2.81 5.16 -10.47
C VAL A 70 3.02 5.96 -11.74
N THR A 71 2.48 5.45 -12.85
CA THR A 71 2.60 6.13 -14.13
C THR A 71 1.58 7.25 -14.27
N ASP A 72 1.88 8.39 -13.66
CA ASP A 72 0.98 9.55 -13.71
C ASP A 72 0.87 10.08 -15.14
N MET A 1 14.20 -6.20 -13.06
CA MET A 1 12.80 -5.91 -13.31
C MET A 1 12.02 -5.78 -12.00
N ASP A 2 12.16 -4.63 -11.34
CA ASP A 2 11.48 -4.39 -10.08
C ASP A 2 10.64 -3.12 -10.15
N ARG A 3 9.60 -3.15 -10.98
CA ARG A 3 8.71 -2.00 -11.14
C ARG A 3 7.29 -2.45 -11.45
N ILE A 4 6.32 -1.76 -10.88
CA ILE A 4 4.91 -2.08 -11.09
C ILE A 4 4.10 -0.82 -11.42
N PHE A 5 3.69 -0.72 -12.67
CA PHE A 5 2.90 0.42 -13.13
C PHE A 5 1.42 0.22 -12.83
N MET A 6 0.80 1.20 -12.19
CA MET A 6 -0.61 1.14 -11.85
C MET A 6 -1.25 2.51 -11.88
N THR A 7 -2.51 2.57 -12.30
CA THR A 7 -3.23 3.83 -12.39
C THR A 7 -3.73 4.27 -11.01
N ARG A 8 -4.43 5.41 -10.97
CA ARG A 8 -4.95 5.93 -9.71
C ARG A 8 -5.75 4.86 -8.97
N THR A 9 -6.63 4.19 -9.69
CA THR A 9 -7.46 3.14 -9.10
C THR A 9 -6.63 1.91 -8.76
N GLU A 10 -5.83 1.46 -9.72
CA GLU A 10 -4.99 0.28 -9.52
C GLU A 10 -4.03 0.50 -8.36
N ALA A 11 -3.79 1.76 -8.02
CA ALA A 11 -2.89 2.11 -6.92
C ALA A 11 -3.23 1.32 -5.66
N LEU A 12 -4.51 0.99 -5.51
CA LEU A 12 -4.97 0.24 -4.34
C LEU A 12 -4.12 -1.02 -4.13
N GLU A 13 -3.80 -1.70 -5.24
CA GLU A 13 -3.00 -2.91 -5.17
C GLU A 13 -1.65 -2.65 -4.50
N PHE A 14 -1.05 -1.50 -4.83
CA PHE A 14 0.23 -1.12 -4.26
C PHE A 14 0.10 -0.78 -2.78
N LEU A 15 -0.90 0.03 -2.45
CA LEU A 15 -1.14 0.43 -1.07
C LEU A 15 -1.29 -0.79 -0.17
N LEU A 16 -2.04 -1.77 -0.64
CA LEU A 16 -2.26 -3.01 0.12
C LEU A 16 -1.07 -3.95 0.00
N LYS A 17 -0.34 -3.85 -1.11
CA LYS A 17 0.82 -4.68 -1.35
C LYS A 17 1.90 -4.42 -0.29
N ALA A 18 2.26 -3.15 -0.12
CA ALA A 18 3.28 -2.77 0.85
C ALA A 18 2.82 -3.09 2.27
N HIS A 19 1.53 -2.90 2.54
CA HIS A 19 0.97 -3.17 3.85
C HIS A 19 1.20 -4.62 4.25
N GLN A 20 0.91 -5.54 3.35
CA GLN A 20 1.09 -6.97 3.60
C GLN A 20 2.51 -7.26 4.09
N THR A 21 3.47 -6.49 3.59
CA THR A 21 4.87 -6.66 3.97
C THR A 21 5.18 -5.91 5.26
N ALA A 22 4.48 -4.80 5.49
CA ALA A 22 4.68 -3.99 6.68
C ALA A 22 4.14 -4.70 7.92
N VAL A 23 3.08 -5.47 7.73
CA VAL A 23 2.47 -6.20 8.83
C VAL A 23 3.37 -7.33 9.32
N ASP A 24 3.98 -8.04 8.38
CA ASP A 24 4.87 -9.14 8.71
C ASP A 24 6.27 -8.63 8.99
N LYS A 25 6.58 -7.44 8.49
CA LYS A 25 7.89 -6.84 8.68
C LYS A 25 8.25 -6.77 10.15
N ILE A 26 7.27 -6.45 10.98
CA ILE A 26 7.48 -6.35 12.42
C ILE A 26 7.73 -7.72 13.04
N GLY A 27 7.28 -8.77 12.34
CA GLY A 27 7.46 -10.11 12.83
C GLY A 27 6.17 -10.74 13.33
N HIS A 28 5.06 -10.38 12.69
CA HIS A 28 3.76 -10.91 13.08
C HIS A 28 3.36 -12.08 12.17
N PRO A 29 2.47 -12.94 12.69
CA PRO A 29 1.99 -14.12 11.95
C PRO A 29 1.08 -13.73 10.79
N SER A 30 0.45 -14.73 10.18
CA SER A 30 -0.45 -14.50 9.05
C SER A 30 -1.84 -15.04 9.33
N HIS A 31 -2.15 -15.18 10.62
CA HIS A 31 -3.46 -15.68 11.03
C HIS A 31 -4.59 -14.85 10.43
N LYS A 32 -5.81 -15.35 10.53
CA LYS A 32 -6.97 -14.64 9.99
C LYS A 32 -7.04 -13.22 10.55
N GLN A 33 -7.69 -12.33 9.79
CA GLN A 33 -7.84 -10.95 10.21
C GLN A 33 -8.43 -10.85 11.62
N THR A 34 -8.18 -9.73 12.28
CA THR A 34 -8.68 -9.52 13.63
C THR A 34 -9.66 -8.35 13.68
N PRO A 35 -10.49 -8.31 14.73
CA PRO A 35 -11.49 -7.25 14.92
C PRO A 35 -10.84 -5.91 15.26
N ALA A 36 -9.66 -5.96 15.88
CA ALA A 36 -8.94 -4.75 16.24
C ALA A 36 -8.62 -3.90 15.03
N ASP A 37 -8.58 -4.54 13.86
CA ASP A 37 -8.28 -3.84 12.61
C ASP A 37 -9.26 -2.70 12.38
N HIS A 38 -10.44 -2.81 12.98
CA HIS A 38 -11.46 -1.78 12.84
C HIS A 38 -10.90 -0.40 13.16
N ALA A 39 -10.37 -0.24 14.37
CA ALA A 39 -9.80 1.02 14.80
C ALA A 39 -8.70 1.49 13.84
N ALA A 40 -8.02 0.52 13.23
CA ALA A 40 -6.94 0.82 12.29
C ALA A 40 -7.50 1.46 11.01
N ILE A 41 -8.75 1.15 10.70
CA ILE A 41 -9.40 1.69 9.51
C ILE A 41 -9.35 3.21 9.49
N GLU A 42 -9.25 3.80 10.68
CA GLU A 42 -9.19 5.25 10.80
C GLU A 42 -8.10 5.84 9.90
N ALA A 43 -7.01 5.09 9.75
CA ALA A 43 -5.89 5.52 8.91
C ALA A 43 -6.14 5.19 7.45
N LEU A 44 -6.83 4.09 7.21
CA LEU A 44 -7.14 3.64 5.86
C LEU A 44 -7.89 4.73 5.09
N ASP A 45 -8.57 5.60 5.83
CA ASP A 45 -9.32 6.69 5.21
C ASP A 45 -8.38 7.73 4.60
N ARG A 46 -7.16 7.79 5.11
CA ARG A 46 -6.16 8.73 4.62
C ARG A 46 -5.71 8.36 3.22
N LEU A 47 -5.14 7.17 3.08
CA LEU A 47 -4.66 6.70 1.78
C LEU A 47 -5.77 6.77 0.73
N LEU A 48 -7.00 6.51 1.16
CA LEU A 48 -8.15 6.54 0.26
C LEU A 48 -8.47 7.98 -0.15
N LEU A 49 -8.50 8.87 0.82
CA LEU A 49 -8.79 10.28 0.55
C LEU A 49 -7.77 10.88 -0.39
N ASP A 50 -6.52 10.45 -0.27
CA ASP A 50 -5.44 10.94 -1.12
C ASP A 50 -5.57 10.38 -2.54
N VAL A 51 -5.54 9.05 -2.64
CA VAL A 51 -5.66 8.39 -3.94
C VAL A 51 -6.95 8.80 -4.65
N ARG A 52 -7.95 9.18 -3.88
CA ARG A 52 -9.23 9.60 -4.44
C ARG A 52 -9.21 11.08 -4.81
N ALA A 53 -8.50 11.88 -4.00
CA ALA A 53 -8.39 13.31 -4.25
C ALA A 53 -7.17 13.64 -5.08
N ARG A 54 -6.61 12.62 -5.74
CA ARG A 54 -5.43 12.80 -6.57
C ARG A 54 -4.33 13.51 -5.79
N ARG A 55 -4.00 12.99 -4.61
CA ARG A 55 -2.96 13.58 -3.78
C ARG A 55 -1.80 12.60 -3.57
N VAL A 56 -1.64 11.68 -4.52
CA VAL A 56 -0.57 10.68 -4.44
C VAL A 56 0.35 10.77 -5.66
N ASP A 57 1.61 10.40 -5.46
CA ASP A 57 2.59 10.43 -6.54
C ASP A 57 3.47 9.18 -6.52
N GLN A 58 4.37 9.09 -7.48
CA GLN A 58 5.26 7.93 -7.59
C GLN A 58 6.59 8.21 -6.88
N PHE A 59 7.13 7.20 -6.23
CA PHE A 59 8.40 7.34 -5.51
C PHE A 59 8.98 5.96 -5.18
N GLN A 60 10.30 5.92 -5.00
CA GLN A 60 10.98 4.67 -4.67
C GLN A 60 12.21 4.94 -3.80
N ILE A 61 12.38 4.12 -2.76
CA ILE A 61 13.51 4.27 -1.85
C ILE A 61 14.74 3.52 -2.38
N ASN A 62 14.49 2.49 -3.19
CA ASN A 62 15.58 1.70 -3.75
C ASN A 62 15.04 0.72 -4.80
N ALA A 63 15.95 -0.01 -5.44
CA ALA A 63 15.58 -0.98 -6.45
C ALA A 63 16.12 -2.37 -6.12
N SER A 64 15.82 -2.84 -4.91
CA SER A 64 16.30 -4.15 -4.46
C SER A 64 15.15 -5.14 -4.38
N ALA A 65 13.94 -4.62 -4.17
CA ALA A 65 12.75 -5.45 -4.07
C ALA A 65 11.67 -5.00 -5.06
N ALA A 66 10.57 -5.74 -5.11
CA ALA A 66 9.46 -5.41 -6.00
C ALA A 66 8.98 -3.99 -5.76
N GLN A 67 9.39 -3.07 -6.63
CA GLN A 67 9.00 -1.67 -6.51
C GLN A 67 7.68 -1.40 -7.25
N ILE A 68 7.08 -0.25 -6.98
CA ILE A 68 5.83 0.11 -7.62
C ILE A 68 5.83 1.58 -8.02
N ILE A 69 5.46 1.85 -9.27
CA ILE A 69 5.41 3.22 -9.78
C ILE A 69 4.00 3.59 -10.21
N VAL A 70 3.59 4.82 -9.89
CA VAL A 70 2.27 5.30 -10.24
C VAL A 70 2.29 6.03 -11.59
N THR A 71 1.36 5.68 -12.46
CA THR A 71 1.27 6.30 -13.78
C THR A 71 0.43 7.57 -13.73
N ASP A 72 1.02 8.64 -13.21
CA ASP A 72 0.32 9.92 -13.10
C ASP A 72 0.65 10.82 -14.31
N MET A 1 13.99 -6.67 -12.29
CA MET A 1 12.93 -6.23 -13.18
C MET A 1 11.56 -6.56 -12.61
N ASP A 2 11.33 -6.15 -11.36
CA ASP A 2 10.05 -6.41 -10.70
C ASP A 2 9.30 -5.11 -10.47
N ARG A 3 9.11 -4.34 -11.53
CA ARG A 3 8.41 -3.07 -11.43
C ARG A 3 6.90 -3.27 -11.61
N ILE A 4 6.11 -2.46 -10.91
CA ILE A 4 4.67 -2.54 -10.99
C ILE A 4 4.06 -1.20 -11.37
N PHE A 5 3.55 -1.11 -12.60
CA PHE A 5 2.94 0.11 -13.09
C PHE A 5 1.46 0.17 -12.71
N MET A 6 1.07 1.22 -11.99
CA MET A 6 -0.32 1.39 -11.58
C MET A 6 -0.78 2.84 -11.77
N THR A 7 -2.04 3.01 -12.13
CA THR A 7 -2.60 4.33 -12.35
C THR A 7 -3.10 4.94 -11.04
N ARG A 8 -3.66 6.14 -11.13
CA ARG A 8 -4.18 6.83 -9.96
C ARG A 8 -5.11 5.93 -9.16
N THR A 9 -6.03 5.27 -9.86
CA THR A 9 -6.98 4.37 -9.22
C THR A 9 -6.30 3.12 -8.68
N GLU A 10 -5.47 2.51 -9.53
CA GLU A 10 -4.74 1.30 -9.14
C GLU A 10 -3.82 1.58 -7.96
N ALA A 11 -3.51 2.85 -7.75
CA ALA A 11 -2.63 3.25 -6.65
C ALA A 11 -3.08 2.62 -5.34
N LEU A 12 -4.38 2.40 -5.21
CA LEU A 12 -4.95 1.80 -4.00
C LEU A 12 -4.20 0.52 -3.62
N GLU A 13 -3.90 -0.30 -4.63
CA GLU A 13 -3.20 -1.55 -4.41
C GLU A 13 -1.77 -1.29 -3.94
N PHE A 14 -1.18 -0.22 -4.43
CA PHE A 14 0.19 0.14 -4.07
C PHE A 14 0.27 0.55 -2.60
N LEU A 15 -0.63 1.43 -2.19
CA LEU A 15 -0.66 1.90 -0.80
C LEU A 15 -1.17 0.80 0.13
N LEU A 16 -2.00 -0.07 -0.40
CA LEU A 16 -2.56 -1.17 0.39
C LEU A 16 -1.55 -2.30 0.54
N LYS A 17 -0.72 -2.49 -0.49
CA LYS A 17 0.30 -3.54 -0.47
C LYS A 17 1.58 -3.04 0.19
N ALA A 18 1.81 -1.73 0.11
CA ALA A 18 2.99 -1.13 0.70
C ALA A 18 3.14 -1.52 2.17
N HIS A 19 2.01 -1.61 2.87
CA HIS A 19 2.01 -1.98 4.27
C HIS A 19 2.20 -3.48 4.44
N GLN A 20 1.55 -4.26 3.58
CA GLN A 20 1.65 -5.71 3.63
C GLN A 20 3.11 -6.16 3.58
N THR A 21 3.88 -5.55 2.67
CA THR A 21 5.29 -5.89 2.52
C THR A 21 6.09 -5.44 3.73
N ALA A 22 5.87 -4.20 4.16
CA ALA A 22 6.58 -3.66 5.32
C ALA A 22 6.40 -4.55 6.54
N VAL A 23 5.14 -4.81 6.89
CA VAL A 23 4.82 -5.64 8.05
C VAL A 23 5.55 -6.97 7.98
N ASP A 24 5.75 -7.47 6.77
CA ASP A 24 6.45 -8.73 6.56
C ASP A 24 7.91 -8.64 6.98
N LYS A 25 8.50 -7.47 6.75
CA LYS A 25 9.90 -7.24 7.10
C LYS A 25 10.07 -7.12 8.62
N ILE A 26 9.00 -6.67 9.29
CA ILE A 26 9.03 -6.51 10.74
C ILE A 26 9.13 -7.85 11.44
N GLY A 27 8.69 -8.91 10.75
CA GLY A 27 8.73 -10.24 11.33
C GLY A 27 7.46 -10.60 12.06
N HIS A 28 6.35 -9.97 11.67
CA HIS A 28 5.07 -10.23 12.29
C HIS A 28 4.57 -11.64 11.95
N PRO A 29 3.68 -12.17 12.80
CA PRO A 29 3.11 -13.50 12.62
C PRO A 29 2.15 -13.57 11.43
N SER A 30 1.78 -14.78 11.04
CA SER A 30 0.87 -14.97 9.91
C SER A 30 -0.46 -15.56 10.38
N HIS A 31 -0.76 -15.37 11.66
CA HIS A 31 -2.01 -15.88 12.24
C HIS A 31 -3.22 -15.33 11.50
N LYS A 32 -4.37 -15.94 11.72
CA LYS A 32 -5.61 -15.51 11.07
C LYS A 32 -5.92 -14.06 11.41
N GLN A 33 -6.66 -13.39 10.53
CA GLN A 33 -7.04 -12.00 10.74
C GLN A 33 -7.80 -11.83 12.05
N THR A 34 -7.80 -10.61 12.57
CA THR A 34 -8.49 -10.31 13.81
C THR A 34 -9.60 -9.29 13.60
N PRO A 35 -10.56 -9.25 14.53
CA PRO A 35 -11.69 -8.32 14.47
C PRO A 35 -11.27 -6.87 14.70
N ALA A 36 -10.09 -6.69 15.28
CA ALA A 36 -9.57 -5.35 15.56
C ALA A 36 -9.02 -4.71 14.28
N ASP A 37 -8.62 -5.54 13.33
CA ASP A 37 -8.07 -5.05 12.07
C ASP A 37 -9.04 -4.08 11.40
N HIS A 38 -10.33 -4.25 11.68
CA HIS A 38 -11.36 -3.39 11.10
C HIS A 38 -11.03 -1.92 11.34
N ALA A 39 -10.48 -1.63 12.52
CA ALA A 39 -10.12 -0.26 12.87
C ALA A 39 -9.21 0.36 11.81
N ALA A 40 -8.46 -0.49 11.11
CA ALA A 40 -7.54 -0.03 10.08
C ALA A 40 -8.27 0.86 9.07
N ILE A 41 -9.54 0.60 8.86
CA ILE A 41 -10.35 1.37 7.92
C ILE A 41 -10.36 2.85 8.31
N GLU A 42 -10.36 3.11 9.61
CA GLU A 42 -10.38 4.49 10.12
C GLU A 42 -9.23 5.30 9.52
N ALA A 43 -8.00 4.84 9.76
CA ALA A 43 -6.83 5.52 9.24
C ALA A 43 -6.77 5.45 7.72
N LEU A 44 -7.34 4.38 7.17
CA LEU A 44 -7.35 4.20 5.72
C LEU A 44 -8.06 5.35 5.03
N ASP A 45 -8.98 5.99 5.75
CA ASP A 45 -9.73 7.12 5.21
C ASP A 45 -8.80 8.16 4.61
N ARG A 46 -7.63 8.33 5.22
CA ARG A 46 -6.65 9.30 4.75
C ARG A 46 -6.17 8.94 3.35
N LEU A 47 -5.77 7.69 3.16
CA LEU A 47 -5.29 7.23 1.87
C LEU A 47 -6.37 7.39 0.79
N LEU A 48 -7.54 6.82 1.05
CA LEU A 48 -8.65 6.90 0.11
C LEU A 48 -8.92 8.35 -0.27
N LEU A 49 -9.19 9.18 0.72
CA LEU A 49 -9.47 10.59 0.49
C LEU A 49 -8.38 11.23 -0.37
N ASP A 50 -7.13 10.95 -0.04
CA ASP A 50 -6.00 11.48 -0.79
C ASP A 50 -6.11 11.15 -2.27
N VAL A 51 -6.21 9.86 -2.57
CA VAL A 51 -6.32 9.40 -3.95
C VAL A 51 -7.51 10.05 -4.65
N ARG A 52 -8.60 10.26 -3.90
CA ARG A 52 -9.80 10.87 -4.46
C ARG A 52 -9.59 12.37 -4.67
N ALA A 53 -8.70 12.95 -3.88
CA ALA A 53 -8.41 14.38 -4.00
C ALA A 53 -7.19 14.63 -4.87
N ARG A 54 -6.92 13.69 -5.78
CA ARG A 54 -5.78 13.81 -6.69
C ARG A 54 -4.49 13.97 -5.90
N ARG A 55 -4.25 13.07 -4.96
CA ARG A 55 -3.05 13.11 -4.14
C ARG A 55 -2.21 11.85 -4.34
N VAL A 56 -2.35 11.22 -5.50
CA VAL A 56 -1.62 10.00 -5.81
C VAL A 56 -0.28 10.33 -6.47
N ASP A 57 0.73 9.51 -6.18
CA ASP A 57 2.07 9.72 -6.74
C ASP A 57 2.87 8.41 -6.70
N GLN A 58 4.09 8.47 -7.21
CA GLN A 58 4.96 7.30 -7.24
C GLN A 58 5.88 7.28 -6.03
N PHE A 59 6.37 6.09 -5.69
CA PHE A 59 7.25 5.93 -4.53
C PHE A 59 7.80 4.50 -4.47
N GLN A 60 9.08 4.38 -4.15
CA GLN A 60 9.73 3.08 -4.05
C GLN A 60 10.17 2.80 -2.62
N ILE A 61 9.75 1.66 -2.08
CA ILE A 61 10.10 1.27 -0.72
C ILE A 61 11.57 0.88 -0.63
N ASN A 62 11.98 -0.05 -1.49
CA ASN A 62 13.36 -0.52 -1.51
C ASN A 62 13.77 -0.96 -2.92
N ALA A 63 15.03 -1.37 -3.07
CA ALA A 63 15.54 -1.81 -4.36
C ALA A 63 15.32 -3.31 -4.55
N SER A 64 15.40 -4.06 -3.46
CA SER A 64 15.21 -5.50 -3.52
C SER A 64 13.73 -5.87 -3.44
N ALA A 65 12.99 -5.13 -2.62
CA ALA A 65 11.57 -5.36 -2.46
C ALA A 65 10.79 -4.97 -3.71
N ALA A 66 9.49 -5.22 -3.71
CA ALA A 66 8.64 -4.89 -4.84
C ALA A 66 8.71 -3.40 -5.16
N GLN A 67 9.42 -3.06 -6.24
CA GLN A 67 9.57 -1.67 -6.64
C GLN A 67 8.34 -1.20 -7.44
N ILE A 68 7.32 -0.74 -6.70
CA ILE A 68 6.10 -0.27 -7.34
C ILE A 68 6.20 1.22 -7.68
N ILE A 69 5.84 1.56 -8.91
CA ILE A 69 5.89 2.94 -9.37
C ILE A 69 4.61 3.32 -10.10
N VAL A 70 4.15 4.55 -9.89
CA VAL A 70 2.94 5.04 -10.53
C VAL A 70 3.27 5.81 -11.81
N THR A 71 2.79 5.29 -12.94
CA THR A 71 3.03 5.91 -14.23
C THR A 71 1.75 6.53 -14.79
N ASP A 72 1.35 7.67 -14.23
CA ASP A 72 0.15 8.36 -14.68
C ASP A 72 0.40 9.08 -16.00
N MET A 1 15.72 -3.63 -10.06
CA MET A 1 14.80 -2.51 -10.26
C MET A 1 13.50 -2.99 -10.90
N ASP A 2 12.71 -3.72 -10.12
CA ASP A 2 11.44 -4.25 -10.60
C ASP A 2 10.36 -3.16 -10.59
N ARG A 3 10.54 -2.14 -11.42
CA ARG A 3 9.60 -1.04 -11.51
C ARG A 3 8.24 -1.51 -12.03
N ILE A 4 7.17 -0.94 -11.50
CA ILE A 4 5.82 -1.31 -11.93
C ILE A 4 4.94 -0.08 -12.09
N PHE A 5 4.53 0.19 -13.32
CA PHE A 5 3.68 1.34 -13.63
C PHE A 5 2.27 1.11 -13.11
N MET A 6 1.54 2.20 -12.89
CA MET A 6 0.16 2.13 -12.40
C MET A 6 -0.46 3.51 -12.31
N THR A 7 -1.76 3.58 -12.59
CA THR A 7 -2.47 4.86 -12.54
C THR A 7 -3.13 5.07 -11.19
N ARG A 8 -3.84 6.18 -11.05
CA ARG A 8 -4.53 6.49 -9.80
C ARG A 8 -5.39 5.32 -9.34
N THR A 9 -6.16 4.76 -10.26
CA THR A 9 -7.03 3.63 -9.96
C THR A 9 -6.22 2.38 -9.63
N GLU A 10 -5.27 2.07 -10.50
CA GLU A 10 -4.42 0.89 -10.32
C GLU A 10 -3.63 0.99 -9.02
N ALA A 11 -3.51 2.21 -8.50
CA ALA A 11 -2.78 2.44 -7.27
C ALA A 11 -3.20 1.46 -6.18
N LEU A 12 -4.47 1.08 -6.21
CA LEU A 12 -5.00 0.14 -5.22
C LEU A 12 -4.14 -1.12 -5.15
N GLU A 13 -3.73 -1.61 -6.32
CA GLU A 13 -2.89 -2.80 -6.38
C GLU A 13 -1.57 -2.59 -5.65
N PHE A 14 -1.00 -1.41 -5.83
CA PHE A 14 0.28 -1.07 -5.19
C PHE A 14 0.13 -1.02 -3.67
N LEU A 15 -0.96 -0.40 -3.22
CA LEU A 15 -1.22 -0.27 -1.79
C LEU A 15 -1.38 -1.64 -1.13
N LEU A 16 -2.17 -2.50 -1.77
CA LEU A 16 -2.40 -3.85 -1.26
C LEU A 16 -1.17 -4.73 -1.47
N LYS A 17 -0.36 -4.39 -2.47
CA LYS A 17 0.84 -5.15 -2.79
C LYS A 17 1.89 -4.98 -1.69
N ALA A 18 2.23 -3.73 -1.39
CA ALA A 18 3.22 -3.44 -0.36
C ALA A 18 2.85 -4.11 0.95
N HIS A 19 1.55 -4.25 1.21
CA HIS A 19 1.07 -4.87 2.43
C HIS A 19 1.47 -6.34 2.49
N GLN A 20 1.20 -7.07 1.41
CA GLN A 20 1.53 -8.48 1.34
C GLN A 20 3.01 -8.70 1.62
N THR A 21 3.86 -7.90 0.99
CA THR A 21 5.31 -8.02 1.17
C THR A 21 5.72 -7.58 2.57
N ALA A 22 5.07 -6.55 3.08
CA ALA A 22 5.36 -6.05 4.42
C ALA A 22 5.13 -7.11 5.47
N VAL A 23 3.90 -7.63 5.52
CA VAL A 23 3.54 -8.67 6.48
C VAL A 23 4.50 -9.86 6.38
N ASP A 24 5.02 -10.10 5.19
CA ASP A 24 5.93 -11.21 4.96
C ASP A 24 7.29 -10.94 5.61
N LYS A 25 7.77 -9.71 5.48
CA LYS A 25 9.04 -9.32 6.06
C LYS A 25 9.07 -9.59 7.55
N ILE A 26 7.92 -9.41 8.21
CA ILE A 26 7.82 -9.64 9.64
C ILE A 26 7.76 -11.13 9.96
N GLY A 27 7.32 -11.92 8.98
CA GLY A 27 7.23 -13.36 9.17
C GLY A 27 6.15 -13.74 10.15
N HIS A 28 5.18 -12.84 10.34
CA HIS A 28 4.07 -13.10 11.27
C HIS A 28 2.73 -12.83 10.60
N PRO A 29 1.68 -13.45 11.13
CA PRO A 29 0.32 -13.30 10.60
C PRO A 29 -0.25 -11.90 10.85
N SER A 30 -1.10 -11.43 9.92
CA SER A 30 -1.70 -10.11 10.04
C SER A 30 -3.22 -10.21 10.06
N HIS A 31 -3.73 -11.39 10.43
CA HIS A 31 -5.16 -11.62 10.49
C HIS A 31 -5.59 -12.05 11.89
N LYS A 32 -6.17 -11.12 12.64
CA LYS A 32 -6.62 -11.40 14.00
C LYS A 32 -7.86 -10.58 14.34
N GLN A 33 -8.81 -11.21 15.02
CA GLN A 33 -10.05 -10.54 15.41
C GLN A 33 -9.86 -9.78 16.72
N THR A 34 -9.86 -8.46 16.64
CA THR A 34 -9.69 -7.62 17.82
C THR A 34 -10.47 -6.32 17.68
N PRO A 35 -10.75 -5.66 18.82
CA PRO A 35 -11.47 -4.39 18.85
C PRO A 35 -10.66 -3.24 18.28
N ALA A 36 -9.34 -3.37 18.33
CA ALA A 36 -8.45 -2.34 17.82
C ALA A 36 -8.51 -2.28 16.29
N ASP A 37 -8.80 -3.41 15.67
CA ASP A 37 -8.89 -3.48 14.21
C ASP A 37 -9.99 -2.57 13.69
N HIS A 38 -11.04 -2.41 14.50
CA HIS A 38 -12.18 -1.57 14.12
C HIS A 38 -11.73 -0.13 13.90
N ALA A 39 -10.65 0.26 14.58
CA ALA A 39 -10.11 1.61 14.46
C ALA A 39 -9.16 1.73 13.27
N ALA A 40 -8.56 0.61 12.88
CA ALA A 40 -7.63 0.58 11.77
C ALA A 40 -8.24 1.23 10.53
N ILE A 41 -9.56 1.13 10.41
CA ILE A 41 -10.27 1.72 9.27
C ILE A 41 -9.90 3.19 9.09
N GLU A 42 -9.58 3.85 10.19
CA GLU A 42 -9.21 5.26 10.15
C GLU A 42 -8.09 5.50 9.13
N ALA A 43 -7.23 4.50 8.95
CA ALA A 43 -6.13 4.61 8.01
C ALA A 43 -6.61 4.37 6.58
N LEU A 44 -7.37 3.30 6.38
CA LEU A 44 -7.89 2.97 5.06
C LEU A 44 -8.68 4.14 4.48
N ASP A 45 -9.56 4.72 5.29
CA ASP A 45 -10.38 5.84 4.86
C ASP A 45 -9.50 6.96 4.30
N ARG A 46 -8.58 7.46 5.13
CA ARG A 46 -7.69 8.54 4.72
C ARG A 46 -6.92 8.16 3.45
N LEU A 47 -6.52 6.89 3.37
CA LEU A 47 -5.79 6.40 2.21
C LEU A 47 -6.64 6.49 0.95
N LEU A 48 -7.82 5.89 1.01
CA LEU A 48 -8.74 5.90 -0.14
C LEU A 48 -9.02 7.33 -0.61
N LEU A 49 -9.39 8.19 0.32
CA LEU A 49 -9.68 9.58 0.01
C LEU A 49 -8.47 10.25 -0.64
N ASP A 50 -7.30 9.99 -0.08
CA ASP A 50 -6.06 10.57 -0.60
C ASP A 50 -5.87 10.20 -2.07
N VAL A 51 -5.77 8.90 -2.34
CA VAL A 51 -5.58 8.43 -3.70
C VAL A 51 -6.75 8.83 -4.60
N ARG A 52 -7.91 9.04 -3.99
CA ARG A 52 -9.10 9.43 -4.73
C ARG A 52 -9.03 10.90 -5.13
N ALA A 53 -8.39 11.71 -4.29
CA ALA A 53 -8.26 13.13 -4.56
C ALA A 53 -6.90 13.45 -5.18
N ARG A 54 -6.32 12.46 -5.85
CA ARG A 54 -5.01 12.63 -6.49
C ARG A 54 -3.99 13.18 -5.50
N ARG A 55 -3.98 12.64 -4.30
CA ARG A 55 -3.05 13.08 -3.26
C ARG A 55 -1.94 12.06 -3.05
N VAL A 56 -1.66 11.28 -4.09
CA VAL A 56 -0.61 10.26 -4.02
C VAL A 56 0.46 10.50 -5.07
N ASP A 57 1.70 10.21 -4.71
CA ASP A 57 2.82 10.38 -5.64
C ASP A 57 3.66 9.11 -5.73
N GLN A 58 4.72 9.17 -6.55
CA GLN A 58 5.59 8.01 -6.73
C GLN A 58 6.79 8.09 -5.79
N PHE A 59 7.23 6.93 -5.30
CA PHE A 59 8.36 6.87 -4.39
C PHE A 59 8.76 5.42 -4.12
N GLN A 60 9.97 5.23 -3.59
CA GLN A 60 10.46 3.90 -3.29
C GLN A 60 11.13 3.87 -1.92
N ILE A 61 10.83 2.84 -1.14
CA ILE A 61 11.39 2.69 0.20
C ILE A 61 12.75 1.97 0.14
N ASN A 62 12.89 1.08 -0.84
CA ASN A 62 14.14 0.34 -1.00
C ASN A 62 14.12 -0.47 -2.29
N ALA A 63 15.30 -0.92 -2.73
CA ALA A 63 15.41 -1.70 -3.95
C ALA A 63 15.56 -3.19 -3.63
N SER A 64 14.95 -3.62 -2.54
CA SER A 64 15.02 -5.01 -2.12
C SER A 64 13.65 -5.68 -2.19
N ALA A 65 12.85 -5.25 -3.15
CA ALA A 65 11.51 -5.80 -3.33
C ALA A 65 10.84 -5.21 -4.56
N ALA A 66 9.65 -5.73 -4.89
CA ALA A 66 8.90 -5.24 -6.05
C ALA A 66 8.74 -3.73 -6.01
N GLN A 67 9.17 -3.07 -7.07
CA GLN A 67 9.09 -1.62 -7.15
C GLN A 67 7.83 -1.19 -7.92
N ILE A 68 7.25 -0.07 -7.52
CA ILE A 68 6.04 0.45 -8.16
C ILE A 68 6.10 1.97 -8.29
N ILE A 69 6.01 2.46 -9.52
CA ILE A 69 6.04 3.89 -9.77
C ILE A 69 4.70 4.38 -10.32
N VAL A 70 4.22 5.50 -9.77
CA VAL A 70 2.94 6.07 -10.21
C VAL A 70 3.10 6.82 -11.53
N THR A 71 2.25 6.49 -12.50
CA THR A 71 2.29 7.12 -13.80
C THR A 71 1.06 7.98 -14.04
N ASP A 72 1.05 9.17 -13.44
CA ASP A 72 -0.08 10.09 -13.58
C ASP A 72 -0.30 10.44 -15.05
N MET A 1 14.48 -6.46 -8.56
CA MET A 1 13.99 -5.17 -9.01
C MET A 1 12.79 -5.34 -9.95
N ASP A 2 11.61 -5.04 -9.45
CA ASP A 2 10.39 -5.17 -10.25
C ASP A 2 9.65 -3.84 -10.32
N ARG A 3 9.31 -3.42 -11.53
CA ARG A 3 8.60 -2.16 -11.74
C ARG A 3 7.13 -2.41 -12.07
N ILE A 4 6.26 -1.59 -11.51
CA ILE A 4 4.83 -1.72 -11.75
C ILE A 4 4.17 -0.36 -11.96
N PHE A 5 3.79 -0.08 -13.21
CA PHE A 5 3.15 1.19 -13.54
C PHE A 5 1.64 1.10 -13.37
N MET A 6 1.12 1.81 -12.36
CA MET A 6 -0.32 1.81 -12.08
C MET A 6 -0.91 3.20 -12.28
N THR A 7 -2.14 3.25 -12.75
CA THR A 7 -2.82 4.52 -12.99
C THR A 7 -3.45 5.05 -11.71
N ARG A 8 -4.13 6.19 -11.81
CA ARG A 8 -4.77 6.80 -10.66
C ARG A 8 -5.67 5.80 -9.94
N THR A 9 -6.47 5.07 -10.71
CA THR A 9 -7.37 4.07 -10.15
C THR A 9 -6.62 2.80 -9.78
N GLU A 10 -5.74 2.35 -10.66
CA GLU A 10 -4.96 1.14 -10.42
C GLU A 10 -4.10 1.29 -9.17
N ALA A 11 -3.87 2.53 -8.77
CA ALA A 11 -3.07 2.82 -7.59
C ALA A 11 -3.54 2.00 -6.39
N LEU A 12 -4.84 1.69 -6.36
CA LEU A 12 -5.41 0.92 -5.27
C LEU A 12 -4.60 -0.35 -5.02
N GLU A 13 -4.17 -0.99 -6.09
CA GLU A 13 -3.37 -2.22 -5.98
C GLU A 13 -2.03 -1.95 -5.31
N PHE A 14 -1.48 -0.76 -5.58
CA PHE A 14 -0.19 -0.39 -5.01
C PHE A 14 -0.33 -0.15 -3.50
N LEU A 15 -1.33 0.64 -3.12
CA LEU A 15 -1.56 0.94 -1.70
C LEU A 15 -2.08 -0.27 -0.96
N LEU A 16 -2.70 -1.19 -1.70
CA LEU A 16 -3.25 -2.41 -1.10
C LEU A 16 -2.17 -3.47 -0.96
N LYS A 17 -1.26 -3.52 -1.93
CA LYS A 17 -0.18 -4.50 -1.92
C LYS A 17 0.99 -3.99 -1.07
N ALA A 18 1.10 -2.67 -0.94
CA ALA A 18 2.17 -2.07 -0.15
C ALA A 18 2.12 -2.54 1.30
N HIS A 19 0.93 -2.48 1.89
CA HIS A 19 0.75 -2.90 3.28
C HIS A 19 1.08 -4.38 3.44
N GLN A 20 0.57 -5.21 2.53
CA GLN A 20 0.82 -6.64 2.57
C GLN A 20 2.31 -6.94 2.61
N THR A 21 3.09 -6.17 1.86
CA THR A 21 4.53 -6.34 1.81
C THR A 21 5.20 -5.77 3.05
N ALA A 22 4.69 -4.64 3.53
CA ALA A 22 5.23 -3.99 4.72
C ALA A 22 5.02 -4.85 5.96
N VAL A 23 4.00 -5.70 5.92
CA VAL A 23 3.70 -6.58 7.04
C VAL A 23 4.56 -7.84 7.01
N ASP A 24 5.00 -8.21 5.81
CA ASP A 24 5.83 -9.41 5.64
C ASP A 24 7.21 -9.19 6.26
N LYS A 25 7.83 -8.07 5.93
CA LYS A 25 9.16 -7.75 6.45
C LYS A 25 9.16 -7.79 7.97
N ILE A 26 8.07 -7.34 8.58
CA ILE A 26 7.95 -7.33 10.03
C ILE A 26 7.82 -8.74 10.58
N GLY A 27 7.34 -9.66 9.74
CA GLY A 27 7.17 -11.03 10.15
C GLY A 27 6.03 -11.21 11.14
N HIS A 28 5.01 -10.36 11.02
CA HIS A 28 3.85 -10.42 11.89
C HIS A 28 3.23 -11.82 11.88
N PRO A 29 2.50 -12.14 12.96
CA PRO A 29 1.83 -13.45 13.10
C PRO A 29 0.67 -13.61 12.12
N SER A 30 0.16 -14.83 12.01
CA SER A 30 -0.95 -15.12 11.12
C SER A 30 -2.15 -15.64 11.90
N HIS A 31 -2.19 -15.34 13.19
CA HIS A 31 -3.28 -15.78 14.05
C HIS A 31 -4.63 -15.33 13.49
N LYS A 32 -5.71 -15.90 14.02
CA LYS A 32 -7.05 -15.56 13.57
C LYS A 32 -7.29 -14.06 13.68
N GLN A 33 -8.17 -13.54 12.82
CA GLN A 33 -8.49 -12.12 12.83
C GLN A 33 -8.94 -11.67 14.21
N THR A 34 -8.91 -10.35 14.43
CA THR A 34 -9.30 -9.79 15.72
C THR A 34 -10.13 -8.52 15.53
N PRO A 35 -10.90 -8.15 16.56
CA PRO A 35 -11.75 -6.96 16.53
C PRO A 35 -10.93 -5.67 16.54
N ALA A 36 -9.73 -5.74 17.10
CA ALA A 36 -8.85 -4.58 17.18
C ALA A 36 -8.36 -4.16 15.79
N ASP A 37 -8.22 -5.15 14.91
CA ASP A 37 -7.76 -4.88 13.54
C ASP A 37 -8.69 -3.91 12.84
N HIS A 38 -9.96 -3.92 13.22
CA HIS A 38 -10.96 -3.03 12.62
C HIS A 38 -10.50 -1.58 12.69
N ALA A 39 -9.70 -1.27 13.71
CA ALA A 39 -9.19 0.09 13.89
C ALA A 39 -8.35 0.53 12.70
N ALA A 40 -7.68 -0.43 12.06
CA ALA A 40 -6.85 -0.15 10.90
C ALA A 40 -7.63 0.63 9.85
N ILE A 41 -8.94 0.43 9.81
CA ILE A 41 -9.79 1.10 8.85
C ILE A 41 -9.58 2.61 8.89
N GLU A 42 -9.36 3.14 10.09
CA GLU A 42 -9.15 4.57 10.26
C GLU A 42 -8.03 5.06 9.35
N ALA A 43 -7.06 4.19 9.07
CA ALA A 43 -5.94 4.53 8.21
C ALA A 43 -6.32 4.41 6.74
N LEU A 44 -7.12 3.40 6.42
CA LEU A 44 -7.56 3.18 5.05
C LEU A 44 -8.14 4.45 4.45
N ASP A 45 -8.87 5.22 5.25
CA ASP A 45 -9.47 6.46 4.80
C ASP A 45 -8.42 7.39 4.21
N ARG A 46 -7.23 7.38 4.80
CA ARG A 46 -6.14 8.23 4.33
C ARG A 46 -5.76 7.88 2.90
N LEU A 47 -5.51 6.59 2.66
CA LEU A 47 -5.13 6.12 1.32
C LEU A 47 -6.18 6.53 0.29
N LEU A 48 -7.42 6.12 0.53
CA LEU A 48 -8.51 6.44 -0.38
C LEU A 48 -8.57 7.93 -0.66
N LEU A 49 -8.59 8.73 0.39
CA LEU A 49 -8.63 10.18 0.25
C LEU A 49 -7.48 10.69 -0.62
N ASP A 50 -6.28 10.21 -0.33
CA ASP A 50 -5.09 10.61 -1.09
C ASP A 50 -5.28 10.32 -2.57
N VAL A 51 -5.43 9.04 -2.90
CA VAL A 51 -5.61 8.62 -4.28
C VAL A 51 -6.81 9.32 -4.91
N ARG A 52 -7.77 9.72 -4.07
CA ARG A 52 -8.97 10.39 -4.54
C ARG A 52 -8.68 11.84 -4.92
N ALA A 53 -7.77 12.47 -4.17
CA ALA A 53 -7.40 13.85 -4.43
C ALA A 53 -6.09 13.93 -5.21
N ARG A 54 -5.79 12.87 -5.95
CA ARG A 54 -4.56 12.82 -6.74
C ARG A 54 -3.34 13.14 -5.88
N ARG A 55 -3.21 12.44 -4.76
CA ARG A 55 -2.10 12.66 -3.85
C ARG A 55 -1.16 11.45 -3.84
N VAL A 56 -1.15 10.70 -4.94
CA VAL A 56 -0.31 9.53 -5.07
C VAL A 56 0.84 9.77 -6.05
N ASP A 57 2.07 9.72 -5.55
CA ASP A 57 3.23 9.93 -6.39
C ASP A 57 4.09 8.67 -6.47
N GLN A 58 5.10 8.69 -7.33
CA GLN A 58 5.98 7.55 -7.50
C GLN A 58 7.24 7.70 -6.65
N PHE A 59 7.70 6.60 -6.07
CA PHE A 59 8.89 6.61 -5.23
C PHE A 59 9.31 5.19 -4.86
N GLN A 60 10.60 5.02 -4.58
CA GLN A 60 11.12 3.71 -4.20
C GLN A 60 12.01 3.81 -2.97
N ILE A 61 11.42 3.61 -1.80
CA ILE A 61 12.16 3.68 -0.55
C ILE A 61 13.12 2.51 -0.42
N ASN A 62 12.81 1.41 -1.09
CA ASN A 62 13.65 0.22 -1.05
C ASN A 62 14.00 -0.26 -2.46
N ALA A 63 15.28 -0.41 -2.73
CA ALA A 63 15.74 -0.86 -4.05
C ALA A 63 15.49 -2.36 -4.23
N SER A 64 15.63 -3.11 -3.15
CA SER A 64 15.42 -4.55 -3.19
C SER A 64 13.94 -4.89 -3.16
N ALA A 65 13.13 -4.00 -2.58
CA ALA A 65 11.70 -4.20 -2.49
C ALA A 65 11.06 -4.15 -3.87
N ALA A 66 9.72 -4.16 -3.90
CA ALA A 66 8.99 -4.12 -5.15
C ALA A 66 8.74 -2.68 -5.58
N GLN A 67 9.33 -2.29 -6.72
CA GLN A 67 9.18 -0.94 -7.24
C GLN A 67 7.82 -0.78 -7.91
N ILE A 68 7.05 0.19 -7.43
CA ILE A 68 5.72 0.46 -8.00
C ILE A 68 5.62 1.89 -8.51
N ILE A 69 5.83 2.06 -9.81
CA ILE A 69 5.77 3.38 -10.43
C ILE A 69 4.32 3.84 -10.59
N VAL A 70 4.09 5.13 -10.42
CA VAL A 70 2.75 5.70 -10.55
C VAL A 70 2.69 6.69 -11.70
N THR A 71 1.62 6.62 -12.48
CA THR A 71 1.44 7.51 -13.62
C THR A 71 0.35 8.55 -13.33
N ASP A 72 0.69 9.56 -12.56
CA ASP A 72 -0.26 10.62 -12.21
C ASP A 72 -0.19 11.76 -13.22
N MET A 1 14.46 -5.78 -11.88
CA MET A 1 13.67 -4.86 -11.06
C MET A 1 12.20 -5.26 -11.08
N ASP A 2 11.51 -5.01 -9.97
CA ASP A 2 10.09 -5.35 -9.86
C ASP A 2 9.23 -4.10 -10.06
N ARG A 3 9.56 -3.32 -11.08
CA ARG A 3 8.81 -2.10 -11.38
C ARG A 3 7.39 -2.43 -11.79
N ILE A 4 6.43 -1.70 -11.23
CA ILE A 4 5.02 -1.90 -11.54
C ILE A 4 4.29 -0.57 -11.71
N PHE A 5 3.93 -0.26 -12.95
CA PHE A 5 3.23 0.98 -13.25
C PHE A 5 1.73 0.82 -13.01
N MET A 6 1.06 1.96 -12.78
CA MET A 6 -0.38 1.95 -12.53
C MET A 6 -0.91 3.37 -12.38
N THR A 7 -2.22 3.53 -12.50
CA THR A 7 -2.85 4.83 -12.39
C THR A 7 -3.31 5.08 -10.95
N ARG A 8 -3.94 6.25 -10.73
CA ARG A 8 -4.43 6.61 -9.40
C ARG A 8 -5.33 5.52 -8.84
N THR A 9 -6.23 5.00 -9.69
CA THR A 9 -7.16 3.96 -9.27
C THR A 9 -6.42 2.69 -8.91
N GLU A 10 -5.64 2.16 -9.85
CA GLU A 10 -4.87 0.94 -9.63
C GLU A 10 -3.88 1.12 -8.47
N ALA A 11 -3.59 2.38 -8.15
CA ALA A 11 -2.66 2.68 -7.07
C ALA A 11 -3.02 1.92 -5.81
N LEU A 12 -4.31 1.64 -5.64
CA LEU A 12 -4.79 0.91 -4.46
C LEU A 12 -3.97 -0.35 -4.24
N GLU A 13 -3.78 -1.13 -5.30
CA GLU A 13 -3.01 -2.37 -5.21
C GLU A 13 -1.65 -2.13 -4.59
N PHE A 14 -1.04 -1.00 -4.93
CA PHE A 14 0.27 -0.64 -4.40
C PHE A 14 0.18 -0.30 -2.91
N LEU A 15 -0.77 0.57 -2.57
CA LEU A 15 -0.96 0.98 -1.19
C LEU A 15 -1.11 -0.23 -0.27
N LEU A 16 -1.86 -1.22 -0.73
CA LEU A 16 -2.09 -2.43 0.05
C LEU A 16 -0.92 -3.40 -0.12
N LYS A 17 -0.24 -3.32 -1.26
CA LYS A 17 0.90 -4.18 -1.53
C LYS A 17 2.02 -3.96 -0.51
N ALA A 18 2.41 -2.70 -0.34
CA ALA A 18 3.46 -2.36 0.60
C ALA A 18 3.10 -2.80 2.01
N HIS A 19 1.83 -2.69 2.37
CA HIS A 19 1.37 -3.09 3.70
C HIS A 19 1.60 -4.58 3.93
N GLN A 20 1.20 -5.40 2.97
CA GLN A 20 1.39 -6.84 3.07
C GLN A 20 2.83 -7.19 3.38
N THR A 21 3.76 -6.41 2.82
CA THR A 21 5.18 -6.64 3.04
C THR A 21 5.62 -6.09 4.40
N ALA A 22 5.06 -4.96 4.78
CA ALA A 22 5.40 -4.33 6.06
C ALA A 22 5.00 -5.22 7.23
N VAL A 23 3.79 -5.77 7.15
CA VAL A 23 3.28 -6.64 8.22
C VAL A 23 4.15 -7.89 8.36
N ASP A 24 4.74 -8.33 7.25
CA ASP A 24 5.59 -9.51 7.25
C ASP A 24 7.01 -9.16 7.67
N LYS A 25 7.39 -7.90 7.46
CA LYS A 25 8.73 -7.43 7.82
C LYS A 25 8.99 -7.63 9.31
N ILE A 26 8.01 -7.26 10.13
CA ILE A 26 8.13 -7.40 11.57
C ILE A 26 8.17 -8.87 11.98
N GLY A 27 7.63 -9.73 11.13
CA GLY A 27 7.60 -11.15 11.41
C GLY A 27 6.37 -11.56 12.21
N HIS A 28 5.25 -10.90 11.95
CA HIS A 28 4.00 -11.19 12.64
C HIS A 28 3.45 -12.55 12.21
N PRO A 29 2.62 -13.15 13.07
CA PRO A 29 2.02 -14.46 12.80
C PRO A 29 0.97 -14.40 11.69
N SER A 30 0.34 -15.53 11.40
CA SER A 30 -0.67 -15.60 10.36
C SER A 30 -2.01 -16.02 10.94
N HIS A 31 -2.19 -15.81 12.24
CA HIS A 31 -3.42 -16.17 12.92
C HIS A 31 -4.62 -15.51 12.25
N LYS A 32 -5.81 -16.01 12.55
CA LYS A 32 -7.03 -15.47 11.98
C LYS A 32 -7.17 -13.98 12.27
N GLN A 33 -7.86 -13.26 11.39
CA GLN A 33 -8.05 -11.83 11.57
C GLN A 33 -8.66 -11.52 12.94
N THR A 34 -8.70 -10.24 13.29
CA THR A 34 -9.24 -9.81 14.57
C THR A 34 -10.20 -8.64 14.39
N PRO A 35 -11.07 -8.43 15.39
CA PRO A 35 -12.06 -7.34 15.35
C PRO A 35 -11.40 -5.97 15.51
N ALA A 36 -10.29 -5.93 16.25
CA ALA A 36 -9.58 -4.68 16.47
C ALA A 36 -9.11 -4.07 15.16
N ASP A 37 -8.92 -4.92 14.15
CA ASP A 37 -8.47 -4.47 12.84
C ASP A 37 -9.40 -3.39 12.30
N HIS A 38 -10.66 -3.43 12.71
CA HIS A 38 -11.65 -2.46 12.26
C HIS A 38 -11.15 -1.03 12.49
N ALA A 39 -10.35 -0.84 13.54
CA ALA A 39 -9.81 0.46 13.86
C ALA A 39 -8.75 0.89 12.85
N ALA A 40 -8.02 -0.10 12.32
CA ALA A 40 -6.98 0.17 11.34
C ALA A 40 -7.52 0.97 10.16
N ILE A 41 -8.81 0.79 9.88
CA ILE A 41 -9.45 1.51 8.78
C ILE A 41 -9.24 3.01 8.89
N GLU A 42 -9.09 3.49 10.12
CA GLU A 42 -8.88 4.91 10.37
C GLU A 42 -7.72 5.44 9.54
N ALA A 43 -6.73 4.59 9.33
CA ALA A 43 -5.55 4.98 8.54
C ALA A 43 -5.81 4.83 7.06
N LEU A 44 -6.68 3.90 6.70
CA LEU A 44 -7.02 3.65 5.30
C LEU A 44 -7.68 4.89 4.68
N ASP A 45 -8.33 5.68 5.52
CA ASP A 45 -9.00 6.89 5.05
C ASP A 45 -8.03 7.80 4.30
N ARG A 46 -6.84 7.97 4.87
CA ARG A 46 -5.82 8.82 4.25
C ARG A 46 -5.49 8.34 2.84
N LEU A 47 -5.29 7.04 2.70
CA LEU A 47 -4.96 6.46 1.39
C LEU A 47 -6.09 6.69 0.40
N LEU A 48 -7.28 6.20 0.74
CA LEU A 48 -8.44 6.36 -0.13
C LEU A 48 -8.64 7.83 -0.51
N LEU A 49 -8.71 8.69 0.49
CA LEU A 49 -8.89 10.12 0.25
C LEU A 49 -7.82 10.66 -0.69
N ASP A 50 -6.57 10.29 -0.44
CA ASP A 50 -5.45 10.73 -1.26
C ASP A 50 -5.70 10.40 -2.73
N VAL A 51 -6.00 9.13 -3.00
CA VAL A 51 -6.25 8.67 -4.36
C VAL A 51 -7.38 9.48 -5.00
N ARG A 52 -8.51 9.57 -4.31
CA ARG A 52 -9.66 10.31 -4.82
C ARG A 52 -9.29 11.76 -5.10
N ALA A 53 -8.38 12.31 -4.29
CA ALA A 53 -7.94 13.68 -4.45
C ALA A 53 -6.95 13.81 -5.61
N ARG A 54 -6.48 12.67 -6.11
CA ARG A 54 -5.53 12.66 -7.21
C ARG A 54 -4.22 13.33 -6.81
N ARG A 55 -3.65 12.90 -5.69
CA ARG A 55 -2.40 13.47 -5.20
C ARG A 55 -1.34 12.38 -5.02
N VAL A 56 -1.48 11.30 -5.79
CA VAL A 56 -0.53 10.20 -5.72
C VAL A 56 0.63 10.40 -6.69
N ASP A 57 1.84 10.18 -6.20
CA ASP A 57 3.04 10.34 -7.01
C ASP A 57 3.84 9.04 -7.06
N GLN A 58 4.94 9.05 -7.81
CA GLN A 58 5.78 7.88 -7.94
C GLN A 58 6.95 7.93 -6.94
N PHE A 59 7.37 6.76 -6.48
CA PHE A 59 8.46 6.68 -5.51
C PHE A 59 8.90 5.23 -5.32
N GLN A 60 10.04 5.05 -4.65
CA GLN A 60 10.57 3.72 -4.40
C GLN A 60 11.30 3.66 -3.07
N ILE A 61 10.95 2.67 -2.25
CA ILE A 61 11.57 2.50 -0.94
C ILE A 61 12.94 1.85 -1.06
N ASN A 62 13.02 0.77 -1.82
CA ASN A 62 14.28 0.05 -2.02
C ASN A 62 14.15 -0.94 -3.17
N ALA A 63 15.30 -1.36 -3.71
CA ALA A 63 15.32 -2.32 -4.80
C ALA A 63 15.57 -3.74 -4.29
N SER A 64 15.06 -4.03 -3.10
CA SER A 64 15.23 -5.34 -2.50
C SER A 64 13.89 -6.07 -2.39
N ALA A 65 12.81 -5.30 -2.25
CA ALA A 65 11.48 -5.87 -2.14
C ALA A 65 10.73 -5.78 -3.46
N ALA A 66 10.35 -4.56 -3.84
CA ALA A 66 9.64 -4.34 -5.09
C ALA A 66 9.54 -2.85 -5.41
N GLN A 67 8.98 -2.53 -6.58
CA GLN A 67 8.84 -1.15 -7.00
C GLN A 67 7.49 -0.93 -7.70
N ILE A 68 6.91 0.24 -7.49
CA ILE A 68 5.62 0.57 -8.09
C ILE A 68 5.59 2.03 -8.53
N ILE A 69 5.57 2.25 -9.84
CA ILE A 69 5.53 3.60 -10.39
C ILE A 69 4.09 4.07 -10.59
N VAL A 70 3.85 5.35 -10.34
CA VAL A 70 2.53 5.94 -10.49
C VAL A 70 2.47 6.88 -11.68
N THR A 71 1.82 6.43 -12.76
CA THR A 71 1.69 7.24 -13.96
C THR A 71 0.24 7.66 -14.19
N ASP A 72 -0.09 8.87 -13.78
CA ASP A 72 -1.44 9.39 -13.93
C ASP A 72 -1.71 9.77 -15.39
N MET A 1 13.36 -3.57 -13.71
CA MET A 1 13.22 -5.02 -13.80
C MET A 1 11.95 -5.49 -13.09
N ASP A 2 11.90 -5.29 -11.77
CA ASP A 2 10.75 -5.70 -10.99
C ASP A 2 9.84 -4.50 -10.71
N ARG A 3 9.78 -3.58 -11.67
CA ARG A 3 8.94 -2.39 -11.53
C ARG A 3 7.47 -2.73 -11.75
N ILE A 4 6.59 -1.86 -11.27
CA ILE A 4 5.15 -2.06 -11.42
C ILE A 4 4.44 -0.74 -11.69
N PHE A 5 3.96 -0.58 -12.92
CA PHE A 5 3.26 0.64 -13.32
C PHE A 5 1.85 0.65 -12.74
N MET A 6 1.30 1.85 -12.56
CA MET A 6 -0.04 2.00 -12.03
C MET A 6 -0.63 3.36 -12.40
N THR A 7 -1.94 3.40 -12.60
CA THR A 7 -2.62 4.64 -12.96
C THR A 7 -3.15 5.35 -11.73
N ARG A 8 -3.83 6.48 -11.94
CA ARG A 8 -4.40 7.25 -10.85
C ARG A 8 -5.36 6.41 -10.02
N THR A 9 -6.23 5.67 -10.70
CA THR A 9 -7.20 4.82 -10.03
C THR A 9 -6.57 3.50 -9.61
N GLU A 10 -5.89 2.85 -10.54
CA GLU A 10 -5.24 1.57 -10.25
C GLU A 10 -4.21 1.72 -9.12
N ALA A 11 -3.79 2.95 -8.88
CA ALA A 11 -2.82 3.22 -7.83
C ALA A 11 -3.23 2.57 -6.51
N LEU A 12 -4.54 2.43 -6.32
CA LEU A 12 -5.07 1.83 -5.10
C LEU A 12 -4.38 0.49 -4.81
N GLU A 13 -4.18 -0.30 -5.86
CA GLU A 13 -3.54 -1.60 -5.71
C GLU A 13 -2.19 -1.46 -5.02
N PHE A 14 -1.41 -0.47 -5.44
CA PHE A 14 -0.09 -0.23 -4.87
C PHE A 14 -0.21 0.26 -3.43
N LEU A 15 -1.10 1.21 -3.21
CA LEU A 15 -1.31 1.76 -1.87
C LEU A 15 -1.56 0.65 -0.85
N LEU A 16 -2.42 -0.29 -1.21
CA LEU A 16 -2.74 -1.41 -0.34
C LEU A 16 -1.67 -2.49 -0.41
N LYS A 17 -0.97 -2.55 -1.54
CA LYS A 17 0.09 -3.53 -1.75
C LYS A 17 1.19 -3.35 -0.72
N ALA A 18 1.68 -2.12 -0.58
CA ALA A 18 2.74 -1.80 0.37
C ALA A 18 2.38 -2.29 1.77
N HIS A 19 1.09 -2.30 2.07
CA HIS A 19 0.61 -2.75 3.39
C HIS A 19 1.15 -4.14 3.71
N GLN A 20 1.18 -5.01 2.71
CA GLN A 20 1.67 -6.37 2.90
C GLN A 20 3.11 -6.37 3.39
N THR A 21 3.89 -5.41 2.92
CA THR A 21 5.29 -5.29 3.31
C THR A 21 5.42 -4.67 4.69
N ALA A 22 4.62 -3.64 4.94
CA ALA A 22 4.65 -2.95 6.24
C ALA A 22 4.28 -3.90 7.37
N VAL A 23 3.18 -4.63 7.20
CA VAL A 23 2.72 -5.57 8.20
C VAL A 23 3.74 -6.69 8.42
N ASP A 24 4.36 -7.14 7.34
CA ASP A 24 5.36 -8.20 7.41
C ASP A 24 6.65 -7.69 8.05
N LYS A 25 6.94 -6.41 7.84
CA LYS A 25 8.14 -5.80 8.40
C LYS A 25 8.14 -5.89 9.92
N ILE A 26 6.96 -5.89 10.51
CA ILE A 26 6.83 -5.98 11.96
C ILE A 26 7.22 -7.37 12.46
N GLY A 27 7.14 -8.35 11.57
CA GLY A 27 7.50 -9.71 11.94
C GLY A 27 6.41 -10.39 12.76
N HIS A 28 5.16 -10.05 12.49
CA HIS A 28 4.03 -10.62 13.20
C HIS A 28 3.69 -12.00 12.65
N PRO A 29 3.03 -12.82 13.49
CA PRO A 29 2.63 -14.18 13.10
C PRO A 29 1.51 -14.19 12.05
N SER A 30 1.00 -15.37 11.75
CA SER A 30 -0.06 -15.51 10.77
C SER A 30 -1.37 -15.97 11.43
N HIS A 31 -1.47 -15.72 12.73
CA HIS A 31 -2.66 -16.11 13.49
C HIS A 31 -3.93 -15.59 12.80
N LYS A 32 -5.08 -16.10 13.24
CA LYS A 32 -6.35 -15.69 12.67
C LYS A 32 -6.52 -14.17 12.74
N GLN A 33 -7.28 -13.62 11.79
CA GLN A 33 -7.51 -12.18 11.75
C GLN A 33 -8.03 -11.67 13.10
N THR A 34 -7.23 -10.82 13.75
CA THR A 34 -7.59 -10.26 15.03
C THR A 34 -8.67 -9.19 14.88
N PRO A 35 -9.39 -8.91 15.98
CA PRO A 35 -10.45 -7.90 15.99
C PRO A 35 -9.91 -6.48 15.85
N ALA A 36 -8.63 -6.31 16.16
CA ALA A 36 -7.99 -5.00 16.07
C ALA A 36 -7.84 -4.57 14.62
N ASP A 37 -7.79 -5.53 13.72
CA ASP A 37 -7.65 -5.25 12.30
C ASP A 37 -8.73 -4.29 11.82
N HIS A 38 -9.90 -4.38 12.44
CA HIS A 38 -11.02 -3.52 12.09
C HIS A 38 -10.64 -2.05 12.18
N ALA A 39 -9.69 -1.75 13.05
CA ALA A 39 -9.22 -0.38 13.24
C ALA A 39 -8.44 0.10 12.02
N ALA A 40 -7.80 -0.83 11.32
CA ALA A 40 -7.03 -0.51 10.13
C ALA A 40 -7.85 0.31 9.14
N ILE A 41 -9.16 0.10 9.16
CA ILE A 41 -10.05 0.82 8.26
C ILE A 41 -9.84 2.33 8.35
N GLU A 42 -9.54 2.80 9.56
CA GLU A 42 -9.30 4.22 9.78
C GLU A 42 -8.23 4.75 8.83
N ALA A 43 -7.30 3.88 8.46
CA ALA A 43 -6.22 4.26 7.55
C ALA A 43 -6.67 4.20 6.10
N LEU A 44 -7.50 3.21 5.79
CA LEU A 44 -8.01 3.03 4.43
C LEU A 44 -8.61 4.33 3.91
N ASP A 45 -9.28 5.07 4.79
CA ASP A 45 -9.91 6.33 4.42
C ASP A 45 -8.86 7.32 3.89
N ARG A 46 -7.72 7.36 4.56
CA ARG A 46 -6.64 8.26 4.16
C ARG A 46 -6.19 7.98 2.73
N LEU A 47 -6.01 6.71 2.42
CA LEU A 47 -5.58 6.30 1.08
C LEU A 47 -6.59 6.77 0.03
N LEU A 48 -7.83 6.31 0.16
CA LEU A 48 -8.89 6.68 -0.78
C LEU A 48 -8.97 8.20 -0.94
N LEU A 49 -9.22 8.88 0.17
CA LEU A 49 -9.33 10.34 0.15
C LEU A 49 -8.11 10.96 -0.52
N ASP A 50 -6.93 10.46 -0.16
CA ASP A 50 -5.69 10.97 -0.73
C ASP A 50 -5.73 10.95 -2.25
N VAL A 51 -5.88 9.75 -2.81
CA VAL A 51 -5.94 9.59 -4.26
C VAL A 51 -7.02 10.49 -4.87
N ARG A 52 -8.13 10.62 -4.16
CA ARG A 52 -9.24 11.44 -4.63
C ARG A 52 -8.85 12.92 -4.66
N ALA A 53 -7.99 13.32 -3.73
CA ALA A 53 -7.53 14.70 -3.65
C ALA A 53 -6.20 14.88 -4.36
N ARG A 54 -5.94 14.01 -5.34
CA ARG A 54 -4.70 14.08 -6.10
C ARG A 54 -3.48 14.04 -5.17
N ARG A 55 -3.49 13.10 -4.25
CA ARG A 55 -2.39 12.95 -3.30
C ARG A 55 -1.60 11.67 -3.58
N VAL A 56 -1.63 11.22 -4.83
CA VAL A 56 -0.91 10.01 -5.22
C VAL A 56 0.32 10.34 -6.06
N ASP A 57 1.34 9.51 -5.96
CA ASP A 57 2.57 9.71 -6.72
C ASP A 57 3.40 8.45 -6.75
N GLN A 58 4.55 8.51 -7.42
CA GLN A 58 5.44 7.37 -7.53
C GLN A 58 6.52 7.40 -6.44
N PHE A 59 6.98 6.22 -6.04
CA PHE A 59 8.00 6.11 -5.00
C PHE A 59 8.54 4.69 -4.90
N GLN A 60 9.85 4.57 -4.73
CA GLN A 60 10.48 3.26 -4.63
C GLN A 60 11.09 3.06 -3.25
N ILE A 61 11.07 1.81 -2.77
CA ILE A 61 11.61 1.49 -1.46
C ILE A 61 13.13 1.69 -1.43
N ASN A 62 13.73 1.77 -2.61
CA ASN A 62 15.17 1.97 -2.72
C ASN A 62 15.93 0.77 -2.14
N ALA A 63 15.60 -0.42 -2.63
CA ALA A 63 16.24 -1.64 -2.15
C ALA A 63 15.93 -2.82 -3.08
N SER A 64 16.28 -4.02 -2.64
CA SER A 64 16.05 -5.22 -3.43
C SER A 64 14.57 -5.61 -3.42
N ALA A 65 13.85 -5.12 -2.41
CA ALA A 65 12.43 -5.41 -2.28
C ALA A 65 11.68 -5.06 -3.56
N ALA A 66 10.41 -5.45 -3.63
CA ALA A 66 9.59 -5.18 -4.81
C ALA A 66 9.66 -3.70 -5.19
N GLN A 67 9.67 -3.44 -6.50
CA GLN A 67 9.72 -2.07 -7.00
C GLN A 67 8.41 -1.68 -7.66
N ILE A 68 7.83 -0.57 -7.20
CA ILE A 68 6.57 -0.08 -7.75
C ILE A 68 6.66 1.40 -8.11
N ILE A 69 6.05 1.77 -9.22
CA ILE A 69 6.06 3.16 -9.68
C ILE A 69 4.70 3.55 -10.26
N VAL A 70 4.18 4.69 -9.81
CA VAL A 70 2.89 5.17 -10.29
C VAL A 70 3.08 6.10 -11.50
N THR A 71 2.62 5.64 -12.66
CA THR A 71 2.73 6.42 -13.89
C THR A 71 1.36 6.92 -14.34
N ASP A 72 0.85 7.94 -13.66
CA ASP A 72 -0.45 8.51 -14.00
C ASP A 72 -0.31 9.59 -15.08
N MET A 1 15.92 -2.27 -12.59
CA MET A 1 14.86 -2.27 -11.58
C MET A 1 13.54 -2.74 -12.17
N ASP A 2 12.79 -3.52 -11.40
CA ASP A 2 11.50 -4.03 -11.85
C ASP A 2 10.40 -2.99 -11.64
N ARG A 3 10.48 -1.89 -12.39
CA ARG A 3 9.49 -0.82 -12.28
C ARG A 3 8.12 -1.31 -12.74
N ILE A 4 7.08 -0.73 -12.18
CA ILE A 4 5.71 -1.10 -12.54
C ILE A 4 4.83 0.14 -12.70
N PHE A 5 4.40 0.39 -13.94
CA PHE A 5 3.56 1.54 -14.23
C PHE A 5 2.14 1.33 -13.71
N MET A 6 1.45 2.42 -13.43
CA MET A 6 0.09 2.35 -12.91
C MET A 6 -0.50 3.75 -12.74
N THR A 7 -1.80 3.87 -13.00
CA THR A 7 -2.49 5.15 -12.88
C THR A 7 -3.12 5.31 -11.50
N ARG A 8 -3.80 6.43 -11.29
CA ARG A 8 -4.46 6.71 -10.02
C ARG A 8 -5.34 5.54 -9.60
N THR A 9 -6.13 5.03 -10.54
CA THR A 9 -7.02 3.91 -10.27
C THR A 9 -6.24 2.63 -10.04
N GLU A 10 -5.31 2.33 -10.94
CA GLU A 10 -4.49 1.12 -10.82
C GLU A 10 -3.68 1.15 -9.53
N ALA A 11 -3.52 2.33 -8.96
CA ALA A 11 -2.76 2.49 -7.72
C ALA A 11 -3.23 1.49 -6.67
N LEU A 12 -4.51 1.13 -6.71
CA LEU A 12 -5.09 0.19 -5.76
C LEU A 12 -4.24 -1.08 -5.68
N GLU A 13 -3.84 -1.59 -6.85
CA GLU A 13 -3.03 -2.81 -6.91
C GLU A 13 -1.68 -2.59 -6.23
N PHE A 14 -1.13 -1.39 -6.39
CA PHE A 14 0.16 -1.05 -5.80
C PHE A 14 0.08 -1.06 -4.27
N LEU A 15 -0.98 -0.44 -3.74
CA LEU A 15 -1.18 -0.39 -2.30
C LEU A 15 -1.52 -1.76 -1.73
N LEU A 16 -2.22 -2.56 -2.52
CA LEU A 16 -2.61 -3.90 -2.10
C LEU A 16 -1.42 -4.85 -2.15
N LYS A 17 -0.61 -4.74 -3.20
CA LYS A 17 0.56 -5.59 -3.37
C LYS A 17 1.68 -5.15 -2.44
N ALA A 18 1.71 -3.86 -2.11
CA ALA A 18 2.73 -3.31 -1.23
C ALA A 18 2.49 -3.75 0.21
N HIS A 19 1.23 -3.85 0.60
CA HIS A 19 0.86 -4.25 1.94
C HIS A 19 1.47 -5.61 2.29
N GLN A 20 1.44 -6.52 1.33
CA GLN A 20 1.99 -7.86 1.52
C GLN A 20 3.44 -7.79 1.98
N THR A 21 4.19 -6.84 1.43
CA THR A 21 5.59 -6.66 1.78
C THR A 21 5.75 -6.11 3.19
N ALA A 22 4.94 -5.10 3.52
CA ALA A 22 4.98 -4.50 4.85
C ALA A 22 4.60 -5.49 5.92
N VAL A 23 3.43 -6.12 5.76
CA VAL A 23 2.94 -7.09 6.72
C VAL A 23 3.98 -8.19 6.97
N ASP A 24 4.74 -8.51 5.93
CA ASP A 24 5.76 -9.55 6.04
C ASP A 24 7.05 -8.97 6.62
N LYS A 25 7.25 -7.66 6.44
CA LYS A 25 8.44 -6.99 6.95
C LYS A 25 8.39 -6.89 8.47
N ILE A 26 7.22 -6.54 9.00
CA ILE A 26 7.04 -6.40 10.44
C ILE A 26 6.90 -7.77 11.10
N GLY A 27 6.48 -8.76 10.33
CA GLY A 27 6.31 -10.09 10.87
C GLY A 27 5.09 -10.22 11.74
N HIS A 28 4.03 -9.49 11.41
CA HIS A 28 2.79 -9.51 12.17
C HIS A 28 2.30 -10.94 12.34
N PRO A 29 1.49 -11.17 13.38
CA PRO A 29 0.91 -12.49 13.67
C PRO A 29 -0.12 -12.92 12.65
N SER A 30 -0.55 -14.17 12.73
CA SER A 30 -1.54 -14.71 11.80
C SER A 30 -2.77 -15.22 12.55
N HIS A 31 -2.96 -14.72 13.77
CA HIS A 31 -4.10 -15.12 14.58
C HIS A 31 -5.42 -14.66 13.96
N LYS A 32 -6.52 -15.19 14.47
CA LYS A 32 -7.84 -14.84 13.96
C LYS A 32 -8.05 -13.33 13.97
N GLN A 33 -8.93 -12.84 13.11
CA GLN A 33 -9.23 -11.42 13.03
C GLN A 33 -9.60 -10.86 14.40
N THR A 34 -9.13 -9.66 14.69
CA THR A 34 -9.43 -9.01 15.97
C THR A 34 -10.33 -7.80 15.78
N PRO A 35 -10.99 -7.39 16.88
CA PRO A 35 -11.90 -6.24 16.87
C PRO A 35 -11.16 -4.93 16.70
N ALA A 36 -9.94 -4.86 17.22
CA ALA A 36 -9.13 -3.66 17.12
C ALA A 36 -8.96 -3.21 15.68
N ASP A 37 -9.03 -4.17 14.76
CA ASP A 37 -8.89 -3.88 13.34
C ASP A 37 -9.86 -2.80 12.91
N HIS A 38 -11.04 -2.78 13.52
CA HIS A 38 -12.07 -1.80 13.20
C HIS A 38 -11.51 -0.38 13.30
N ALA A 39 -10.89 -0.07 14.44
CA ALA A 39 -10.30 1.24 14.67
C ALA A 39 -9.10 1.47 13.76
N ALA A 40 -8.37 0.40 13.48
CA ALA A 40 -7.20 0.49 12.62
C ALA A 40 -7.55 1.09 11.26
N ILE A 41 -8.80 0.91 10.84
CA ILE A 41 -9.26 1.44 9.57
C ILE A 41 -9.01 2.95 9.47
N GLU A 42 -9.01 3.61 10.62
CA GLU A 42 -8.78 5.05 10.67
C GLU A 42 -7.45 5.41 10.01
N ALA A 43 -6.50 4.48 10.04
CA ALA A 43 -5.19 4.70 9.45
C ALA A 43 -5.22 4.45 7.95
N LEU A 44 -6.01 3.47 7.54
CA LEU A 44 -6.13 3.12 6.12
C LEU A 44 -6.97 4.16 5.37
N ASP A 45 -7.84 4.85 6.11
CA ASP A 45 -8.69 5.87 5.51
C ASP A 45 -7.86 7.00 4.94
N ARG A 46 -6.66 7.19 5.48
CA ARG A 46 -5.76 8.24 5.03
C ARG A 46 -5.28 7.98 3.61
N LEU A 47 -4.57 6.86 3.43
CA LEU A 47 -4.05 6.50 2.11
C LEU A 47 -5.17 6.42 1.08
N LEU A 48 -6.35 5.97 1.53
CA LEU A 48 -7.50 5.84 0.65
C LEU A 48 -7.96 7.21 0.15
N LEU A 49 -8.25 8.11 1.10
CA LEU A 49 -8.70 9.45 0.75
C LEU A 49 -7.69 10.15 -0.17
N ASP A 50 -6.41 9.95 0.12
CA ASP A 50 -5.35 10.56 -0.69
C ASP A 50 -5.42 10.05 -2.13
N VAL A 51 -5.42 8.74 -2.29
CA VAL A 51 -5.47 8.11 -3.61
C VAL A 51 -6.65 8.65 -4.41
N ARG A 52 -7.84 8.57 -3.82
CA ARG A 52 -9.05 9.05 -4.48
C ARG A 52 -9.00 10.55 -4.69
N ALA A 53 -8.27 11.25 -3.82
CA ALA A 53 -8.14 12.69 -3.92
C ALA A 53 -7.21 13.09 -5.07
N ARG A 54 -6.51 12.11 -5.62
CA ARG A 54 -5.59 12.35 -6.72
C ARG A 54 -4.44 13.27 -6.28
N ARG A 55 -3.81 12.92 -5.17
CA ARG A 55 -2.70 13.71 -4.64
C ARG A 55 -1.55 12.80 -4.21
N VAL A 56 -1.46 11.63 -4.84
CA VAL A 56 -0.40 10.68 -4.54
C VAL A 56 0.76 10.81 -5.53
N ASP A 57 1.97 10.58 -5.04
CA ASP A 57 3.16 10.66 -5.89
C ASP A 57 3.86 9.32 -5.97
N GLN A 58 4.96 9.27 -6.73
CA GLN A 58 5.72 8.04 -6.90
C GLN A 58 6.87 7.97 -5.90
N PHE A 59 7.20 6.77 -5.46
CA PHE A 59 8.28 6.56 -4.50
C PHE A 59 8.59 5.07 -4.35
N GLN A 60 9.79 4.78 -3.85
CA GLN A 60 10.21 3.39 -3.65
C GLN A 60 10.80 3.20 -2.25
N ILE A 61 10.51 2.05 -1.65
CA ILE A 61 11.01 1.75 -0.31
C ILE A 61 12.43 1.20 -0.37
N ASN A 62 12.63 0.17 -1.19
CA ASN A 62 13.95 -0.44 -1.33
C ASN A 62 14.10 -1.08 -2.71
N ALA A 63 15.26 -1.68 -2.94
CA ALA A 63 15.54 -2.34 -4.22
C ALA A 63 15.71 -3.84 -4.04
N SER A 64 14.91 -4.42 -3.15
CA SER A 64 15.00 -5.86 -2.89
C SER A 64 13.75 -6.58 -3.40
N ALA A 65 12.65 -5.84 -3.48
CA ALA A 65 11.40 -6.41 -3.97
C ALA A 65 10.87 -5.64 -5.17
N ALA A 66 9.69 -6.03 -5.66
CA ALA A 66 9.08 -5.37 -6.80
C ALA A 66 9.03 -3.86 -6.60
N GLN A 67 9.23 -3.11 -7.68
CA GLN A 67 9.20 -1.65 -7.62
C GLN A 67 8.09 -1.09 -8.49
N ILE A 68 7.24 -0.26 -7.90
CA ILE A 68 6.12 0.35 -8.63
C ILE A 68 6.27 1.86 -8.69
N ILE A 69 5.84 2.45 -9.80
CA ILE A 69 5.91 3.89 -9.98
C ILE A 69 4.58 4.46 -10.46
N VAL A 70 4.25 5.65 -10.00
CA VAL A 70 3.00 6.30 -10.39
C VAL A 70 3.18 7.09 -11.68
N THR A 71 3.09 6.40 -12.82
CA THR A 71 3.24 7.03 -14.11
C THR A 71 1.92 7.03 -14.89
N ASP A 72 1.01 7.91 -14.49
CA ASP A 72 -0.29 8.01 -15.15
C ASP A 72 -0.12 8.15 -16.67
N MET A 1 14.74 -4.08 -10.98
CA MET A 1 14.02 -2.95 -10.41
C MET A 1 12.62 -3.36 -9.98
N ASP A 2 12.00 -4.24 -10.77
CA ASP A 2 10.65 -4.71 -10.47
C ASP A 2 9.65 -3.55 -10.51
N ARG A 3 9.87 -2.62 -11.43
CA ARG A 3 8.99 -1.47 -11.57
C ARG A 3 7.59 -1.90 -12.01
N ILE A 4 6.58 -1.23 -11.47
CA ILE A 4 5.20 -1.54 -11.81
C ILE A 4 4.37 -0.27 -12.00
N PHE A 5 4.03 0.02 -13.25
CA PHE A 5 3.23 1.20 -13.57
C PHE A 5 1.77 0.99 -13.21
N MET A 6 1.08 2.09 -12.92
CA MET A 6 -0.33 2.03 -12.56
C MET A 6 -0.89 3.42 -12.29
N THR A 7 -2.20 3.57 -12.43
CA THR A 7 -2.86 4.86 -12.20
C THR A 7 -3.36 4.97 -10.77
N ARG A 8 -4.01 6.10 -10.46
CA ARG A 8 -4.54 6.33 -9.12
C ARG A 8 -5.40 5.15 -8.67
N THR A 9 -6.28 4.70 -9.56
CA THR A 9 -7.17 3.59 -9.24
C THR A 9 -6.38 2.30 -9.02
N GLU A 10 -5.55 1.95 -10.00
CA GLU A 10 -4.74 0.74 -9.91
C GLU A 10 -3.81 0.80 -8.72
N ALA A 11 -3.57 2.00 -8.21
CA ALA A 11 -2.69 2.20 -7.07
C ALA A 11 -3.07 1.28 -5.91
N LEU A 12 -4.35 0.90 -5.88
CA LEU A 12 -4.85 0.02 -4.82
C LEU A 12 -3.95 -1.21 -4.67
N GLU A 13 -3.56 -1.79 -5.80
CA GLU A 13 -2.70 -2.97 -5.79
C GLU A 13 -1.39 -2.68 -5.07
N PHE A 14 -0.88 -1.47 -5.23
CA PHE A 14 0.36 -1.06 -4.60
C PHE A 14 0.19 -0.92 -3.09
N LEU A 15 -0.87 -0.21 -2.69
CA LEU A 15 -1.15 0.00 -1.28
C LEU A 15 -1.46 -1.32 -0.58
N LEU A 16 -1.99 -2.27 -1.33
CA LEU A 16 -2.34 -3.58 -0.79
C LEU A 16 -1.12 -4.49 -0.75
N LYS A 17 -0.40 -4.57 -1.87
CA LYS A 17 0.79 -5.39 -1.97
C LYS A 17 1.90 -4.87 -1.05
N ALA A 18 1.89 -3.57 -0.81
CA ALA A 18 2.88 -2.95 0.05
C ALA A 18 2.81 -3.50 1.47
N HIS A 19 1.60 -3.77 1.93
CA HIS A 19 1.40 -4.30 3.28
C HIS A 19 1.99 -5.70 3.40
N GLN A 20 1.93 -6.46 2.31
CA GLN A 20 2.46 -7.82 2.29
C GLN A 20 3.91 -7.84 2.77
N THR A 21 4.68 -6.84 2.34
CA THR A 21 6.09 -6.75 2.72
C THR A 21 6.24 -6.10 4.10
N ALA A 22 5.35 -5.18 4.42
CA ALA A 22 5.39 -4.50 5.71
C ALA A 22 5.14 -5.48 6.86
N VAL A 23 4.04 -6.21 6.77
CA VAL A 23 3.68 -7.18 7.80
C VAL A 23 4.83 -8.15 8.06
N ASP A 24 5.57 -8.48 7.01
CA ASP A 24 6.70 -9.39 7.12
C ASP A 24 7.94 -8.67 7.64
N LYS A 25 8.08 -7.40 7.28
CA LYS A 25 9.22 -6.60 7.72
C LYS A 25 9.27 -6.52 9.24
N ILE A 26 8.11 -6.34 9.85
CA ILE A 26 8.02 -6.24 11.31
C ILE A 26 8.20 -7.61 11.96
N GLY A 27 7.93 -8.66 11.20
CA GLY A 27 8.07 -10.01 11.73
C GLY A 27 6.83 -10.49 12.44
N HIS A 28 5.66 -10.05 11.97
CA HIS A 28 4.39 -10.43 12.58
C HIS A 28 3.78 -11.63 11.85
N PRO A 29 2.92 -12.37 12.55
CA PRO A 29 2.24 -13.55 11.99
C PRO A 29 1.22 -13.18 10.92
N SER A 30 0.48 -14.17 10.44
CA SER A 30 -0.54 -13.95 9.42
C SER A 30 -1.88 -14.48 9.87
N HIS A 31 -2.05 -14.61 11.18
CA HIS A 31 -3.32 -15.10 11.74
C HIS A 31 -4.50 -14.32 11.20
N LYS A 32 -5.70 -14.83 11.44
CA LYS A 32 -6.91 -14.18 10.97
C LYS A 32 -6.98 -12.74 11.46
N GLN A 33 -7.70 -11.90 10.72
CA GLN A 33 -7.84 -10.49 11.07
C GLN A 33 -8.45 -10.34 12.45
N THR A 34 -8.18 -9.20 13.10
CA THR A 34 -8.70 -8.93 14.43
C THR A 34 -9.72 -7.81 14.40
N PRO A 35 -10.58 -7.75 15.44
CA PRO A 35 -11.61 -6.72 15.55
C PRO A 35 -11.04 -5.33 15.82
N ALA A 36 -9.86 -5.30 16.42
CA ALA A 36 -9.20 -4.03 16.72
C ALA A 36 -8.91 -3.24 15.44
N ASP A 37 -8.80 -3.95 14.32
CA ASP A 37 -8.53 -3.32 13.04
C ASP A 37 -9.56 -2.25 12.73
N HIS A 38 -10.75 -2.41 13.29
CA HIS A 38 -11.84 -1.46 13.08
C HIS A 38 -11.38 -0.03 13.37
N ALA A 39 -10.43 0.10 14.29
CA ALA A 39 -9.91 1.41 14.66
C ALA A 39 -8.78 1.83 13.73
N ALA A 40 -8.01 0.85 13.25
CA ALA A 40 -6.90 1.11 12.34
C ALA A 40 -7.39 1.76 11.06
N ILE A 41 -8.64 1.50 10.71
CA ILE A 41 -9.23 2.06 9.50
C ILE A 41 -9.13 3.57 9.48
N GLU A 42 -9.05 4.17 10.67
CA GLU A 42 -8.94 5.62 10.80
C GLU A 42 -7.80 6.15 9.93
N ALA A 43 -6.73 5.37 9.82
CA ALA A 43 -5.58 5.78 9.03
C ALA A 43 -5.79 5.45 7.56
N LEU A 44 -6.64 4.47 7.28
CA LEU A 44 -6.92 4.06 5.91
C LEU A 44 -7.63 5.17 5.15
N ASP A 45 -8.33 6.03 5.88
CA ASP A 45 -9.06 7.14 5.29
C ASP A 45 -8.10 8.12 4.62
N ARG A 46 -6.85 8.13 5.08
CA ARG A 46 -5.84 9.03 4.53
C ARG A 46 -5.44 8.61 3.13
N LEU A 47 -4.88 7.39 3.02
CA LEU A 47 -4.46 6.86 1.73
C LEU A 47 -5.60 6.87 0.74
N LEU A 48 -6.81 6.61 1.22
CA LEU A 48 -7.99 6.58 0.37
C LEU A 48 -8.35 7.99 -0.10
N LEU A 49 -8.35 8.94 0.83
CA LEU A 49 -8.68 10.32 0.51
C LEU A 49 -7.70 10.89 -0.52
N ASP A 50 -6.44 10.48 -0.41
CA ASP A 50 -5.40 10.95 -1.32
C ASP A 50 -5.58 10.33 -2.71
N VAL A 51 -5.56 9.01 -2.76
CA VAL A 51 -5.72 8.28 -4.01
C VAL A 51 -7.03 8.64 -4.69
N ARG A 52 -8.02 9.04 -3.88
CA ARG A 52 -9.32 9.41 -4.41
C ARG A 52 -9.34 10.88 -4.84
N ALA A 53 -8.59 11.71 -4.13
CA ALA A 53 -8.53 13.13 -4.44
C ALA A 53 -7.34 13.43 -5.36
N ARG A 54 -6.83 12.40 -6.01
CA ARG A 54 -5.70 12.55 -6.91
C ARG A 54 -4.56 13.30 -6.24
N ARG A 55 -4.14 12.81 -5.07
CA ARG A 55 -3.06 13.43 -4.32
C ARG A 55 -1.96 12.43 -4.01
N VAL A 56 -1.86 11.40 -4.85
CA VAL A 56 -0.85 10.36 -4.65
C VAL A 56 0.30 10.53 -5.64
N ASP A 57 1.49 10.09 -5.23
CA ASP A 57 2.68 10.20 -6.08
C ASP A 57 3.36 8.84 -6.22
N GLN A 58 4.45 8.81 -6.98
CA GLN A 58 5.20 7.58 -7.19
C GLN A 58 6.35 7.46 -6.20
N PHE A 59 6.66 6.22 -5.82
CA PHE A 59 7.74 5.96 -4.87
C PHE A 59 8.22 4.52 -4.98
N GLN A 60 9.49 4.31 -4.65
CA GLN A 60 10.09 2.98 -4.72
C GLN A 60 10.15 2.33 -3.33
N ILE A 61 9.89 1.03 -3.28
CA ILE A 61 9.91 0.30 -2.02
C ILE A 61 11.33 -0.17 -1.69
N ASN A 62 11.92 -0.91 -2.62
CA ASN A 62 13.27 -1.43 -2.42
C ASN A 62 13.79 -2.07 -3.70
N ALA A 63 15.04 -2.54 -3.66
CA ALA A 63 15.65 -3.17 -4.82
C ALA A 63 15.48 -4.69 -4.77
N SER A 64 15.31 -5.23 -3.57
CA SER A 64 15.14 -6.66 -3.39
C SER A 64 13.67 -7.00 -3.14
N ALA A 65 12.78 -6.26 -3.78
CA ALA A 65 11.35 -6.49 -3.64
C ALA A 65 10.57 -5.79 -4.75
N ALA A 66 9.32 -6.21 -4.94
CA ALA A 66 8.47 -5.63 -5.97
C ALA A 66 8.43 -4.11 -5.86
N GLN A 67 8.66 -3.43 -6.97
CA GLN A 67 8.65 -1.97 -6.99
C GLN A 67 7.43 -1.45 -7.74
N ILE A 68 7.06 -0.20 -7.47
CA ILE A 68 5.93 0.42 -8.13
C ILE A 68 6.21 1.89 -8.45
N ILE A 69 5.69 2.34 -9.59
CA ILE A 69 5.88 3.73 -10.01
C ILE A 69 4.61 4.28 -10.67
N VAL A 70 3.95 5.20 -9.99
CA VAL A 70 2.73 5.82 -10.51
C VAL A 70 2.99 6.51 -11.84
N THR A 71 2.05 6.37 -12.76
CA THR A 71 2.18 6.98 -14.08
C THR A 71 1.31 8.24 -14.19
N ASP A 72 1.78 9.31 -13.57
CA ASP A 72 1.04 10.57 -13.59
C ASP A 72 0.72 10.99 -15.03
N MET A 1 13.40 -4.10 -8.08
CA MET A 1 13.89 -3.53 -9.33
C MET A 1 12.82 -3.59 -10.41
N ASP A 2 11.98 -4.60 -10.36
CA ASP A 2 10.91 -4.78 -11.33
C ASP A 2 9.92 -3.62 -11.26
N ARG A 3 10.13 -2.62 -12.10
CA ARG A 3 9.25 -1.45 -12.14
C ARG A 3 7.84 -1.84 -12.59
N ILE A 4 6.84 -1.15 -12.04
CA ILE A 4 5.45 -1.43 -12.38
C ILE A 4 4.69 -0.14 -12.66
N PHE A 5 4.37 0.09 -13.92
CA PHE A 5 3.64 1.30 -14.31
C PHE A 5 2.14 1.12 -14.10
N MET A 6 1.52 2.12 -13.47
CA MET A 6 0.08 2.07 -13.20
C MET A 6 -0.50 3.47 -13.09
N THR A 7 -1.75 3.62 -13.48
CA THR A 7 -2.42 4.91 -13.44
C THR A 7 -2.92 5.22 -12.02
N ARG A 8 -3.58 6.37 -11.88
CA ARG A 8 -4.10 6.78 -10.58
C ARG A 8 -5.09 5.75 -10.04
N THR A 9 -5.90 5.19 -10.93
CA THR A 9 -6.89 4.20 -10.54
C THR A 9 -6.23 2.84 -10.27
N GLU A 10 -5.08 2.61 -10.90
CA GLU A 10 -4.35 1.36 -10.72
C GLU A 10 -3.44 1.43 -9.51
N ALA A 11 -3.13 2.65 -9.08
CA ALA A 11 -2.26 2.86 -7.92
C ALA A 11 -2.71 2.01 -6.74
N LEU A 12 -4.01 1.71 -6.68
CA LEU A 12 -4.56 0.91 -5.60
C LEU A 12 -3.76 -0.37 -5.40
N GLU A 13 -3.39 -1.01 -6.51
CA GLU A 13 -2.61 -2.24 -6.47
C GLU A 13 -1.26 -2.01 -5.82
N PHE A 14 -0.69 -0.83 -6.05
CA PHE A 14 0.61 -0.48 -5.48
C PHE A 14 0.51 -0.29 -3.97
N LEU A 15 -0.39 0.60 -3.55
CA LEU A 15 -0.59 0.87 -2.14
C LEU A 15 -1.10 -0.36 -1.40
N LEU A 16 -1.76 -1.25 -2.13
CA LEU A 16 -2.30 -2.48 -1.55
C LEU A 16 -1.20 -3.54 -1.42
N LYS A 17 -0.40 -3.69 -2.47
CA LYS A 17 0.68 -4.67 -2.47
C LYS A 17 1.82 -4.21 -1.56
N ALA A 18 1.94 -2.89 -1.39
CA ALA A 18 2.99 -2.34 -0.55
C ALA A 18 2.93 -2.90 0.87
N HIS A 19 1.72 -3.25 1.30
CA HIS A 19 1.52 -3.80 2.63
C HIS A 19 2.25 -5.14 2.79
N GLN A 20 2.16 -5.97 1.76
CA GLN A 20 2.81 -7.28 1.78
C GLN A 20 4.30 -7.14 2.09
N THR A 21 4.87 -6.00 1.71
CA THR A 21 6.29 -5.74 1.93
C THR A 21 6.55 -5.38 3.39
N ALA A 22 5.72 -4.50 3.93
CA ALA A 22 5.86 -4.06 5.32
C ALA A 22 5.68 -5.23 6.28
N VAL A 23 4.55 -5.93 6.15
CA VAL A 23 4.25 -7.07 7.00
C VAL A 23 5.39 -8.09 6.99
N ASP A 24 5.89 -8.39 5.79
CA ASP A 24 6.98 -9.34 5.64
C ASP A 24 8.21 -8.90 6.42
N LYS A 25 8.33 -7.59 6.63
CA LYS A 25 9.46 -7.03 7.37
C LYS A 25 9.35 -7.36 8.85
N ILE A 26 8.15 -7.27 9.40
CA ILE A 26 7.92 -7.57 10.80
C ILE A 26 8.04 -9.06 11.08
N GLY A 27 7.83 -9.87 10.03
CA GLY A 27 7.93 -11.30 10.19
C GLY A 27 6.80 -11.88 11.02
N HIS A 28 5.74 -11.10 11.19
CA HIS A 28 4.58 -11.53 11.96
C HIS A 28 3.29 -11.26 11.21
N PRO A 29 2.23 -12.01 11.55
CA PRO A 29 0.92 -11.87 10.92
C PRO A 29 0.22 -10.56 11.29
N SER A 30 -0.58 -10.03 10.37
CA SER A 30 -1.28 -8.78 10.60
C SER A 30 -2.79 -8.98 10.49
N HIS A 31 -3.21 -10.24 10.52
CA HIS A 31 -4.63 -10.57 10.43
C HIS A 31 -5.08 -11.40 11.64
N LYS A 32 -5.91 -10.78 12.49
CA LYS A 32 -6.41 -11.45 13.69
C LYS A 32 -7.85 -11.04 13.98
N GLN A 33 -8.73 -12.02 14.10
CA GLN A 33 -10.14 -11.75 14.39
C GLN A 33 -10.29 -11.08 15.75
N THR A 34 -10.62 -9.79 15.74
CA THR A 34 -10.81 -9.04 16.98
C THR A 34 -11.75 -7.86 16.76
N PRO A 35 -12.32 -7.35 17.87
CA PRO A 35 -13.25 -6.22 17.82
C PRO A 35 -12.54 -4.91 17.48
N ALA A 36 -11.21 -4.91 17.59
CA ALA A 36 -10.42 -3.72 17.28
C ALA A 36 -10.41 -3.44 15.79
N ASP A 37 -10.63 -4.48 14.99
CA ASP A 37 -10.65 -4.34 13.54
C ASP A 37 -11.60 -3.23 13.11
N HIS A 38 -12.75 -3.16 13.79
CA HIS A 38 -13.75 -2.14 13.48
C HIS A 38 -13.14 -0.74 13.54
N ALA A 39 -12.20 -0.55 14.45
CA ALA A 39 -11.54 0.74 14.62
C ALA A 39 -10.35 0.87 13.68
N ALA A 40 -9.78 -0.27 13.29
CA ALA A 40 -8.64 -0.28 12.38
C ALA A 40 -8.91 0.56 11.14
N ILE A 41 -10.18 0.62 10.74
CA ILE A 41 -10.57 1.38 9.56
C ILE A 41 -10.04 2.81 9.64
N GLU A 42 -9.90 3.32 10.85
CA GLU A 42 -9.39 4.68 11.06
C GLU A 42 -8.07 4.89 10.33
N ALA A 43 -7.30 3.80 10.18
CA ALA A 43 -6.02 3.87 9.49
C ALA A 43 -6.19 3.80 7.98
N LEU A 44 -7.09 2.92 7.54
CA LEU A 44 -7.36 2.75 6.12
C LEU A 44 -7.94 4.03 5.52
N ASP A 45 -8.68 4.78 6.33
CA ASP A 45 -9.30 6.02 5.88
C ASP A 45 -8.25 6.96 5.29
N ARG A 46 -7.02 6.82 5.76
CA ARG A 46 -5.92 7.67 5.28
C ARG A 46 -5.56 7.33 3.83
N LEU A 47 -5.13 6.09 3.62
CA LEU A 47 -4.75 5.63 2.28
C LEU A 47 -5.94 5.69 1.33
N LEU A 48 -7.12 5.43 1.87
CA LEU A 48 -8.34 5.45 1.07
C LEU A 48 -8.66 6.86 0.59
N LEU A 49 -8.83 7.77 1.54
CA LEU A 49 -9.13 9.17 1.21
C LEU A 49 -8.02 9.78 0.37
N ASP A 50 -6.78 9.32 0.59
CA ASP A 50 -5.64 9.82 -0.15
C ASP A 50 -5.72 9.43 -1.62
N VAL A 51 -5.70 8.13 -1.89
CA VAL A 51 -5.77 7.62 -3.25
C VAL A 51 -7.09 8.02 -3.92
N ARG A 52 -8.11 8.27 -3.10
CA ARG A 52 -9.42 8.65 -3.60
C ARG A 52 -9.46 10.14 -3.93
N ALA A 53 -8.70 10.92 -3.16
CA ALA A 53 -8.64 12.36 -3.37
C ALA A 53 -7.46 12.75 -4.25
N ARG A 54 -7.02 11.82 -5.08
CA ARG A 54 -5.90 12.06 -5.98
C ARG A 54 -4.69 12.60 -5.21
N ARG A 55 -4.30 11.89 -4.15
CA ARG A 55 -3.17 12.31 -3.33
C ARG A 55 -2.06 11.25 -3.37
N VAL A 56 -2.02 10.48 -4.46
CA VAL A 56 -1.01 9.44 -4.62
C VAL A 56 0.05 9.85 -5.63
N ASP A 57 1.27 9.37 -5.43
CA ASP A 57 2.37 9.69 -6.34
C ASP A 57 3.27 8.48 -6.53
N GLN A 58 4.32 8.64 -7.34
CA GLN A 58 5.25 7.56 -7.61
C GLN A 58 6.45 7.63 -6.67
N PHE A 59 6.93 6.47 -6.22
CA PHE A 59 8.07 6.41 -5.32
C PHE A 59 8.51 4.96 -5.11
N GLN A 60 9.71 4.79 -4.58
CA GLN A 60 10.25 3.45 -4.32
C GLN A 60 10.44 3.22 -2.83
N ILE A 61 9.99 2.06 -2.35
CA ILE A 61 10.12 1.72 -0.95
C ILE A 61 11.47 1.07 -0.65
N ASN A 62 11.87 0.14 -1.51
CA ASN A 62 13.14 -0.56 -1.35
C ASN A 62 13.71 -0.98 -2.70
N ALA A 63 14.89 -1.59 -2.69
CA ALA A 63 15.53 -2.04 -3.91
C ALA A 63 15.49 -3.56 -4.02
N SER A 64 15.40 -4.23 -2.87
CA SER A 64 15.34 -5.69 -2.85
C SER A 64 13.91 -6.19 -2.84
N ALA A 65 13.07 -5.56 -3.66
CA ALA A 65 11.67 -5.94 -3.75
C ALA A 65 11.02 -5.36 -5.00
N ALA A 66 9.79 -5.78 -5.28
CA ALA A 66 9.06 -5.30 -6.45
C ALA A 66 9.05 -3.77 -6.49
N GLN A 67 9.16 -3.21 -7.69
CA GLN A 67 9.16 -1.77 -7.87
C GLN A 67 7.87 -1.30 -8.53
N ILE A 68 7.43 -0.10 -8.19
CA ILE A 68 6.21 0.46 -8.76
C ILE A 68 6.37 1.95 -9.04
N ILE A 69 5.81 2.40 -10.15
CA ILE A 69 5.89 3.81 -10.55
C ILE A 69 4.57 4.28 -11.13
N VAL A 70 3.92 5.20 -10.43
CA VAL A 70 2.64 5.75 -10.87
C VAL A 70 2.85 6.79 -11.98
N THR A 71 1.99 6.75 -12.99
CA THR A 71 2.08 7.70 -14.10
C THR A 71 1.04 8.81 -13.95
N ASP A 72 1.31 9.75 -13.05
CA ASP A 72 0.41 10.87 -12.82
C ASP A 72 0.91 12.12 -13.54
N MET A 1 14.84 -2.96 -9.79
CA MET A 1 14.86 -3.83 -10.95
C MET A 1 13.45 -4.30 -11.31
N ASP A 2 12.71 -4.74 -10.30
CA ASP A 2 11.34 -5.21 -10.51
C ASP A 2 10.35 -4.05 -10.43
N ARG A 3 10.41 -3.15 -11.41
CA ARG A 3 9.53 -2.00 -11.44
C ARG A 3 8.13 -2.40 -11.89
N ILE A 4 7.13 -1.60 -11.53
CA ILE A 4 5.75 -1.87 -11.90
C ILE A 4 5.02 -0.59 -12.29
N PHE A 5 4.74 -0.45 -13.58
CA PHE A 5 4.05 0.74 -14.09
C PHE A 5 2.54 0.58 -13.92
N MET A 6 1.90 1.61 -13.38
CA MET A 6 0.46 1.60 -13.16
C MET A 6 -0.11 3.02 -13.19
N THR A 7 -1.34 3.15 -13.66
CA THR A 7 -2.00 4.45 -13.74
C THR A 7 -2.67 4.79 -12.41
N ARG A 8 -3.32 5.96 -12.38
CA ARG A 8 -4.00 6.41 -11.17
C ARG A 8 -4.96 5.34 -10.65
N THR A 9 -5.94 4.98 -11.48
CA THR A 9 -6.92 3.97 -11.12
C THR A 9 -6.24 2.65 -10.74
N GLU A 10 -5.03 2.45 -11.25
CA GLU A 10 -4.28 1.23 -10.96
C GLU A 10 -3.50 1.38 -9.66
N ALA A 11 -3.28 2.61 -9.25
CA ALA A 11 -2.54 2.89 -8.02
C ALA A 11 -3.09 2.06 -6.86
N LEU A 12 -4.37 1.76 -6.91
CA LEU A 12 -5.03 0.99 -5.86
C LEU A 12 -4.24 -0.28 -5.56
N GLU A 13 -3.75 -0.93 -6.61
CA GLU A 13 -2.98 -2.17 -6.45
C GLU A 13 -1.65 -1.89 -5.77
N PHE A 14 -1.08 -0.71 -6.03
CA PHE A 14 0.19 -0.32 -5.45
C PHE A 14 0.06 -0.10 -3.95
N LEU A 15 -0.98 0.63 -3.54
CA LEU A 15 -1.22 0.92 -2.14
C LEU A 15 -1.78 -0.31 -1.43
N LEU A 16 -2.44 -1.18 -2.19
CA LEU A 16 -3.03 -2.39 -1.64
C LEU A 16 -1.98 -3.48 -1.47
N LYS A 17 -1.00 -3.48 -2.37
CA LYS A 17 0.08 -4.47 -2.33
C LYS A 17 1.20 -4.02 -1.40
N ALA A 18 1.40 -2.71 -1.31
CA ALA A 18 2.43 -2.15 -0.45
C ALA A 18 2.23 -2.57 0.99
N HIS A 19 0.98 -2.80 1.37
CA HIS A 19 0.65 -3.20 2.74
C HIS A 19 1.29 -4.54 3.08
N GLN A 20 1.05 -5.54 2.23
CA GLN A 20 1.61 -6.87 2.45
C GLN A 20 3.14 -6.82 2.48
N THR A 21 3.71 -5.84 1.80
CA THR A 21 5.15 -5.68 1.74
C THR A 21 5.71 -5.24 3.09
N ALA A 22 5.06 -4.25 3.69
CA ALA A 22 5.48 -3.73 4.99
C ALA A 22 5.19 -4.73 6.10
N VAL A 23 4.02 -5.39 6.03
CA VAL A 23 3.62 -6.37 7.03
C VAL A 23 4.60 -7.55 7.05
N ASP A 24 5.04 -7.97 5.87
CA ASP A 24 5.97 -9.08 5.76
C ASP A 24 7.31 -8.74 6.41
N LYS A 25 7.67 -7.46 6.38
CA LYS A 25 8.92 -7.00 6.96
C LYS A 25 8.94 -7.22 8.47
N ILE A 26 7.80 -6.99 9.11
CA ILE A 26 7.67 -7.17 10.55
C ILE A 26 7.76 -8.64 10.92
N GLY A 27 7.44 -9.51 9.98
CA GLY A 27 7.48 -10.94 10.24
C GLY A 27 6.23 -11.45 10.92
N HIS A 28 5.12 -10.74 10.72
CA HIS A 28 3.85 -11.13 11.32
C HIS A 28 2.79 -11.38 10.25
N PRO A 29 1.77 -12.17 10.60
CA PRO A 29 0.68 -12.50 9.68
C PRO A 29 -0.22 -11.30 9.40
N SER A 30 -0.83 -11.29 8.21
CA SER A 30 -1.71 -10.21 7.82
C SER A 30 -3.17 -10.55 8.14
N HIS A 31 -3.44 -11.83 8.35
CA HIS A 31 -4.79 -12.27 8.68
C HIS A 31 -4.86 -12.81 10.10
N LYS A 32 -5.40 -11.99 11.00
CA LYS A 32 -5.54 -12.38 12.41
C LYS A 32 -6.81 -11.80 13.02
N GLN A 33 -7.62 -12.68 13.61
CA GLN A 33 -8.87 -12.26 14.22
C GLN A 33 -8.61 -11.47 15.50
N THR A 34 -8.88 -10.17 15.45
CA THR A 34 -8.67 -9.30 16.61
C THR A 34 -9.56 -8.06 16.54
N PRO A 35 -9.79 -7.42 17.69
CA PRO A 35 -10.61 -6.22 17.79
C PRO A 35 -9.96 -5.01 17.13
N ALA A 36 -8.62 -4.99 17.15
CA ALA A 36 -7.87 -3.89 16.56
C ALA A 36 -8.23 -3.70 15.09
N ASP A 37 -8.62 -4.79 14.44
CA ASP A 37 -9.00 -4.76 13.03
C ASP A 37 -10.11 -3.75 12.79
N HIS A 38 -10.94 -3.53 13.81
CA HIS A 38 -12.04 -2.59 13.70
C HIS A 38 -11.53 -1.14 13.67
N ALA A 39 -10.43 -0.90 14.39
CA ALA A 39 -9.84 0.43 14.44
C ALA A 39 -8.91 0.68 13.26
N ALA A 40 -8.39 -0.42 12.69
CA ALA A 40 -7.50 -0.33 11.55
C ALA A 40 -8.09 0.51 10.44
N ILE A 41 -9.42 0.52 10.35
CA ILE A 41 -10.13 1.29 9.33
C ILE A 41 -9.68 2.75 9.34
N GLU A 42 -9.29 3.24 10.51
CA GLU A 42 -8.84 4.61 10.66
C GLU A 42 -7.73 4.93 9.66
N ALA A 43 -6.94 3.92 9.33
CA ALA A 43 -5.84 4.09 8.38
C ALA A 43 -6.33 3.99 6.95
N LEU A 44 -7.26 3.08 6.71
CA LEU A 44 -7.81 2.88 5.38
C LEU A 44 -8.44 4.17 4.85
N ASP A 45 -9.17 4.86 5.71
CA ASP A 45 -9.82 6.11 5.33
C ASP A 45 -8.81 7.08 4.71
N ARG A 46 -7.68 7.27 5.38
CA ARG A 46 -6.65 8.16 4.90
C ARG A 46 -6.26 7.83 3.46
N LEU A 47 -6.00 6.54 3.21
CA LEU A 47 -5.62 6.08 1.88
C LEU A 47 -6.65 6.51 0.84
N LEU A 48 -7.90 6.08 1.05
CA LEU A 48 -8.98 6.41 0.13
C LEU A 48 -9.05 7.92 -0.11
N LEU A 49 -8.96 8.69 0.97
CA LEU A 49 -9.00 10.15 0.87
C LEU A 49 -7.90 10.67 -0.04
N ASP A 50 -6.68 10.21 0.19
CA ASP A 50 -5.54 10.63 -0.62
C ASP A 50 -5.79 10.33 -2.10
N VAL A 51 -5.98 9.05 -2.41
CA VAL A 51 -6.23 8.64 -3.79
C VAL A 51 -7.45 9.34 -4.37
N ARG A 52 -8.37 9.74 -3.50
CA ARG A 52 -9.57 10.43 -3.93
C ARG A 52 -9.28 11.88 -4.29
N ALA A 53 -8.34 12.49 -3.57
CA ALA A 53 -7.96 13.87 -3.83
C ALA A 53 -6.71 13.95 -4.70
N ARG A 54 -6.49 12.89 -5.49
CA ARG A 54 -5.32 12.84 -6.37
C ARG A 54 -4.04 13.12 -5.60
N ARG A 55 -3.83 12.40 -4.51
CA ARG A 55 -2.65 12.57 -3.68
C ARG A 55 -1.71 11.38 -3.81
N VAL A 56 -1.79 10.69 -4.95
CA VAL A 56 -0.96 9.53 -5.19
C VAL A 56 0.30 9.91 -5.96
N ASP A 57 1.39 9.19 -5.69
CA ASP A 57 2.67 9.45 -6.35
C ASP A 57 3.55 8.20 -6.33
N GLN A 58 4.74 8.33 -6.90
CA GLN A 58 5.68 7.22 -6.96
C GLN A 58 6.68 7.30 -5.80
N PHE A 59 7.00 6.14 -5.23
CA PHE A 59 7.94 6.07 -4.11
C PHE A 59 8.49 4.66 -3.95
N GLN A 60 9.38 4.50 -2.98
CA GLN A 60 9.99 3.19 -2.72
C GLN A 60 10.42 3.07 -1.26
N ILE A 61 10.16 1.91 -0.67
CA ILE A 61 10.54 1.66 0.72
C ILE A 61 11.97 1.19 0.84
N ASN A 62 12.29 0.11 0.12
CA ASN A 62 13.64 -0.45 0.15
C ASN A 62 14.08 -0.87 -1.26
N ALA A 63 15.39 -0.86 -1.48
CA ALA A 63 15.94 -1.24 -2.77
C ALA A 63 15.65 -2.71 -3.10
N SER A 64 15.61 -3.53 -2.06
CA SER A 64 15.34 -4.96 -2.23
C SER A 64 13.84 -5.22 -2.37
N ALA A 65 13.05 -4.35 -1.78
CA ALA A 65 11.59 -4.49 -1.85
C ALA A 65 11.09 -4.31 -3.27
N ALA A 66 9.86 -4.75 -3.52
CA ALA A 66 9.25 -4.64 -4.84
C ALA A 66 9.18 -3.18 -5.29
N GLN A 67 9.53 -2.94 -6.55
CA GLN A 67 9.50 -1.59 -7.10
C GLN A 67 8.21 -1.35 -7.89
N ILE A 68 7.51 -0.28 -7.55
CA ILE A 68 6.26 0.06 -8.22
C ILE A 68 6.15 1.57 -8.46
N ILE A 69 6.38 1.99 -9.70
CA ILE A 69 6.31 3.40 -10.05
C ILE A 69 4.91 3.77 -10.53
N VAL A 70 4.47 4.98 -10.19
CA VAL A 70 3.16 5.47 -10.59
C VAL A 70 3.23 6.27 -11.87
N THR A 71 2.67 5.73 -12.95
CA THR A 71 2.68 6.41 -14.24
C THR A 71 1.27 6.83 -14.64
N ASP A 72 0.78 7.89 -14.02
CA ASP A 72 -0.55 8.40 -14.31
C ASP A 72 -0.71 8.66 -15.81
N MET A 1 13.37 -3.73 -8.24
CA MET A 1 13.81 -3.74 -9.64
C MET A 1 12.62 -3.86 -10.58
N ASP A 2 11.72 -4.79 -10.27
CA ASP A 2 10.54 -5.02 -11.09
C ASP A 2 9.64 -3.77 -11.12
N ARG A 3 9.82 -2.95 -12.15
CA ARG A 3 9.04 -1.73 -12.28
C ARG A 3 7.57 -2.05 -12.50
N ILE A 4 6.70 -1.32 -11.79
CA ILE A 4 5.26 -1.52 -11.90
C ILE A 4 4.52 -0.19 -12.02
N PHE A 5 4.01 0.10 -13.20
CA PHE A 5 3.28 1.34 -13.43
C PHE A 5 1.81 1.18 -13.07
N MET A 6 1.29 2.12 -12.28
CA MET A 6 -0.10 2.09 -11.86
C MET A 6 -0.72 3.48 -11.91
N THR A 7 -2.00 3.54 -12.27
CA THR A 7 -2.71 4.81 -12.36
C THR A 7 -3.27 5.23 -11.01
N ARG A 8 -3.97 6.36 -10.98
CA ARG A 8 -4.55 6.87 -9.74
C ARG A 8 -5.36 5.79 -9.04
N THR A 9 -6.29 5.18 -9.76
CA THR A 9 -7.12 4.12 -9.19
C THR A 9 -6.32 2.86 -8.94
N GLU A 10 -5.48 2.49 -9.91
CA GLU A 10 -4.65 1.30 -9.78
C GLU A 10 -3.71 1.41 -8.59
N ALA A 11 -3.50 2.64 -8.12
CA ALA A 11 -2.62 2.88 -6.98
C ALA A 11 -2.96 1.95 -5.81
N LEU A 12 -4.23 1.56 -5.73
CA LEU A 12 -4.68 0.68 -4.66
C LEU A 12 -3.79 -0.55 -4.55
N GLU A 13 -3.42 -1.11 -5.71
CA GLU A 13 -2.56 -2.29 -5.74
C GLU A 13 -1.18 -1.98 -5.18
N PHE A 14 -0.71 -0.76 -5.42
CA PHE A 14 0.59 -0.34 -4.94
C PHE A 14 0.61 -0.22 -3.42
N LEU A 15 -0.28 0.61 -2.90
CA LEU A 15 -0.37 0.81 -1.45
C LEU A 15 -0.65 -0.51 -0.74
N LEU A 16 -1.45 -1.36 -1.37
CA LEU A 16 -1.80 -2.66 -0.79
C LEU A 16 -0.64 -3.64 -0.92
N LYS A 17 0.16 -3.46 -1.96
CA LYS A 17 1.31 -4.33 -2.20
C LYS A 17 2.39 -4.08 -1.16
N ALA A 18 2.82 -2.84 -1.02
CA ALA A 18 3.85 -2.48 -0.05
C ALA A 18 3.44 -2.91 1.36
N HIS A 19 2.19 -2.64 1.71
CA HIS A 19 1.68 -3.00 3.03
C HIS A 19 1.79 -4.50 3.27
N GLN A 20 1.44 -5.28 2.26
CA GLN A 20 1.51 -6.73 2.36
C GLN A 20 2.95 -7.21 2.56
N THR A 21 3.89 -6.43 2.05
CA THR A 21 5.30 -6.77 2.17
C THR A 21 5.88 -6.29 3.50
N ALA A 22 5.39 -5.15 3.96
CA ALA A 22 5.86 -4.59 5.23
C ALA A 22 5.36 -5.42 6.41
N VAL A 23 4.05 -5.69 6.44
CA VAL A 23 3.45 -6.48 7.51
C VAL A 23 4.13 -7.84 7.64
N ASP A 24 4.55 -8.40 6.50
CA ASP A 24 5.20 -9.69 6.48
C ASP A 24 6.70 -9.55 6.78
N LYS A 25 7.26 -8.41 6.41
CA LYS A 25 8.68 -8.15 6.65
C LYS A 25 9.00 -8.18 8.13
N ILE A 26 8.05 -7.72 8.95
CA ILE A 26 8.24 -7.69 10.40
C ILE A 26 8.12 -9.09 10.99
N GLY A 27 7.42 -9.97 10.28
CA GLY A 27 7.25 -11.33 10.76
C GLY A 27 6.04 -11.49 11.66
N HIS A 28 5.03 -10.65 11.44
CA HIS A 28 3.81 -10.69 12.24
C HIS A 28 3.22 -12.10 12.26
N PRO A 29 2.43 -12.39 13.29
CA PRO A 29 1.79 -13.70 13.47
C PRO A 29 0.70 -13.95 12.42
N SER A 30 -0.02 -15.06 12.57
CA SER A 30 -1.09 -15.41 11.65
C SER A 30 -2.40 -15.65 12.40
N HIS A 31 -2.50 -15.08 13.59
CA HIS A 31 -3.70 -15.23 14.41
C HIS A 31 -4.92 -14.67 13.68
N LYS A 32 -6.10 -15.10 14.11
CA LYS A 32 -7.35 -14.64 13.51
C LYS A 32 -7.45 -13.12 13.55
N GLN A 33 -8.20 -12.56 12.62
CA GLN A 33 -8.39 -11.12 12.55
C GLN A 33 -8.88 -10.57 13.88
N THR A 34 -8.10 -9.67 14.48
CA THR A 34 -8.44 -9.07 15.76
C THR A 34 -9.48 -7.96 15.59
N PRO A 35 -10.18 -7.63 16.67
CA PRO A 35 -11.21 -6.58 16.67
C PRO A 35 -10.60 -5.19 16.52
N ALA A 36 -9.33 -5.05 16.86
CA ALA A 36 -8.64 -3.78 16.76
C ALA A 36 -8.59 -3.30 15.31
N ASP A 37 -8.66 -4.24 14.38
CA ASP A 37 -8.63 -3.91 12.96
C ASP A 37 -9.69 -2.88 12.61
N HIS A 38 -10.78 -2.88 13.37
CA HIS A 38 -11.88 -1.94 13.14
C HIS A 38 -11.37 -0.50 13.13
N ALA A 39 -10.38 -0.22 13.98
CA ALA A 39 -9.82 1.11 14.07
C ALA A 39 -8.79 1.35 12.97
N ALA A 40 -8.14 0.26 12.54
CA ALA A 40 -7.14 0.35 11.48
C ALA A 40 -7.70 1.00 10.23
N ILE A 41 -9.03 0.89 10.06
CA ILE A 41 -9.69 1.46 8.90
C ILE A 41 -9.40 2.96 8.78
N GLU A 42 -9.09 3.59 9.92
CA GLU A 42 -8.79 5.01 9.94
C GLU A 42 -7.53 5.32 9.13
N ALA A 43 -6.62 4.35 9.08
CA ALA A 43 -5.37 4.52 8.35
C ALA A 43 -5.61 4.41 6.85
N LEU A 44 -6.15 3.29 6.41
CA LEU A 44 -6.42 3.06 5.00
C LEU A 44 -7.41 4.09 4.46
N ASP A 45 -8.35 4.50 5.30
CA ASP A 45 -9.36 5.48 4.92
C ASP A 45 -8.69 6.73 4.34
N ARG A 46 -7.86 7.38 5.16
CA ARG A 46 -7.17 8.59 4.73
C ARG A 46 -6.40 8.35 3.44
N LEU A 47 -5.81 7.17 3.32
CA LEU A 47 -5.03 6.81 2.14
C LEU A 47 -5.93 6.78 0.90
N LEU A 48 -7.00 5.99 0.97
CA LEU A 48 -7.94 5.87 -0.13
C LEU A 48 -8.43 7.24 -0.58
N LEU A 49 -8.96 8.01 0.36
CA LEU A 49 -9.47 9.34 0.07
C LEU A 49 -8.41 10.19 -0.63
N ASP A 50 -7.21 10.21 -0.06
CA ASP A 50 -6.10 10.97 -0.62
C ASP A 50 -5.90 10.64 -2.10
N VAL A 51 -5.70 9.36 -2.38
CA VAL A 51 -5.48 8.90 -3.75
C VAL A 51 -6.66 9.29 -4.64
N ARG A 52 -7.86 9.25 -4.07
CA ARG A 52 -9.08 9.60 -4.81
C ARG A 52 -9.15 11.11 -5.06
N ALA A 53 -8.51 11.87 -4.19
CA ALA A 53 -8.50 13.32 -4.31
C ALA A 53 -7.24 13.81 -5.04
N ARG A 54 -6.68 12.94 -5.86
CA ARG A 54 -5.47 13.27 -6.62
C ARG A 54 -4.32 13.62 -5.67
N ARG A 55 -4.15 12.82 -4.63
CA ARG A 55 -3.09 13.05 -3.65
C ARG A 55 -2.09 11.90 -3.66
N VAL A 56 -1.99 11.22 -4.80
CA VAL A 56 -1.07 10.10 -4.95
C VAL A 56 0.14 10.48 -5.80
N ASP A 57 1.27 9.83 -5.54
CA ASP A 57 2.50 10.10 -6.28
C ASP A 57 3.35 8.84 -6.41
N GLN A 58 4.49 8.97 -7.06
CA GLN A 58 5.39 7.85 -7.25
C GLN A 58 6.47 7.82 -6.17
N PHE A 59 6.94 6.63 -5.82
CA PHE A 59 7.96 6.47 -4.79
C PHE A 59 8.44 5.02 -4.72
N GLN A 60 9.74 4.85 -4.56
CA GLN A 60 10.33 3.52 -4.48
C GLN A 60 10.27 2.99 -3.05
N ILE A 61 10.05 1.68 -2.91
CA ILE A 61 9.97 1.05 -1.60
C ILE A 61 11.37 0.66 -1.10
N ASN A 62 12.09 -0.11 -1.90
CA ASN A 62 13.43 -0.55 -1.55
C ASN A 62 14.19 -1.03 -2.77
N ALA A 63 15.43 -1.46 -2.56
CA ALA A 63 16.27 -1.96 -3.65
C ALA A 63 16.19 -3.47 -3.76
N SER A 64 15.88 -4.12 -2.64
CA SER A 64 15.78 -5.58 -2.61
C SER A 64 14.39 -6.04 -3.06
N ALA A 65 13.38 -5.24 -2.75
CA ALA A 65 12.01 -5.56 -3.12
C ALA A 65 11.63 -4.89 -4.43
N ALA A 66 10.58 -5.40 -5.08
CA ALA A 66 10.12 -4.85 -6.34
C ALA A 66 9.89 -3.35 -6.23
N GLN A 67 10.20 -2.63 -7.30
CA GLN A 67 10.03 -1.18 -7.32
C GLN A 67 8.75 -0.79 -8.04
N ILE A 68 7.92 0.02 -7.38
CA ILE A 68 6.66 0.46 -7.97
C ILE A 68 6.73 1.93 -8.39
N ILE A 69 5.96 2.29 -9.40
CA ILE A 69 5.92 3.66 -9.89
C ILE A 69 4.52 4.07 -10.30
N VAL A 70 4.17 5.33 -10.06
CA VAL A 70 2.85 5.85 -10.41
C VAL A 70 2.95 6.88 -11.52
N THR A 71 2.61 6.47 -12.74
CA THR A 71 2.67 7.37 -13.89
C THR A 71 1.26 7.68 -14.41
N ASP A 72 0.55 8.54 -13.70
CA ASP A 72 -0.80 8.92 -14.08
C ASP A 72 -1.73 7.72 -14.07
N MET A 1 14.95 -1.60 -10.85
CA MET A 1 14.97 -2.86 -11.58
C MET A 1 13.58 -3.49 -11.61
N ASP A 2 12.93 -3.52 -10.46
CA ASP A 2 11.58 -4.10 -10.35
C ASP A 2 10.53 -3.01 -10.45
N ARG A 3 10.66 -2.14 -11.43
CA ARG A 3 9.71 -1.05 -11.63
C ARG A 3 8.34 -1.58 -12.01
N ILE A 4 7.29 -1.02 -11.40
CA ILE A 4 5.93 -1.45 -11.68
C ILE A 4 5.01 -0.26 -11.88
N PHE A 5 4.59 -0.04 -13.12
CA PHE A 5 3.70 1.08 -13.46
C PHE A 5 2.29 0.81 -12.95
N MET A 6 1.53 1.89 -12.75
CA MET A 6 0.16 1.78 -12.27
C MET A 6 -0.61 3.08 -12.50
N THR A 7 -1.89 2.96 -12.79
CA THR A 7 -2.73 4.12 -13.04
C THR A 7 -3.41 4.60 -11.76
N ARG A 8 -4.22 5.63 -11.88
CA ARG A 8 -4.93 6.18 -10.71
C ARG A 8 -5.82 5.13 -10.07
N THR A 9 -6.47 4.32 -10.91
CA THR A 9 -7.36 3.28 -10.42
C THR A 9 -6.57 2.04 -10.00
N GLU A 10 -5.75 1.52 -10.91
CA GLU A 10 -4.95 0.34 -10.64
C GLU A 10 -4.00 0.58 -9.47
N ALA A 11 -3.77 1.86 -9.16
CA ALA A 11 -2.89 2.23 -8.06
C ALA A 11 -3.24 1.47 -6.79
N LEU A 12 -4.51 1.12 -6.65
CA LEU A 12 -4.98 0.38 -5.48
C LEU A 12 -4.11 -0.83 -5.21
N GLU A 13 -3.81 -1.58 -6.27
CA GLU A 13 -2.98 -2.78 -6.14
C GLU A 13 -1.67 -2.45 -5.43
N PHE A 14 -1.09 -1.31 -5.76
CA PHE A 14 0.17 -0.89 -5.16
C PHE A 14 -0.03 -0.50 -3.69
N LEU A 15 -1.06 0.30 -3.43
CA LEU A 15 -1.37 0.75 -2.08
C LEU A 15 -1.47 -0.45 -1.13
N LEU A 16 -2.12 -1.50 -1.58
CA LEU A 16 -2.28 -2.71 -0.77
C LEU A 16 -1.06 -3.61 -0.89
N LYS A 17 -0.34 -3.49 -2.00
CA LYS A 17 0.86 -4.29 -2.23
C LYS A 17 1.92 -4.00 -1.17
N ALA A 18 2.25 -2.73 -1.01
CA ALA A 18 3.25 -2.31 -0.03
C ALA A 18 2.93 -2.87 1.35
N HIS A 19 1.64 -2.89 1.69
CA HIS A 19 1.20 -3.42 2.98
C HIS A 19 1.40 -4.92 3.06
N GLN A 20 1.26 -5.60 1.92
CA GLN A 20 1.42 -7.04 1.86
C GLN A 20 2.85 -7.44 2.21
N THR A 21 3.81 -6.61 1.81
CA THR A 21 5.22 -6.88 2.07
C THR A 21 5.62 -6.39 3.45
N ALA A 22 5.13 -5.20 3.82
CA ALA A 22 5.43 -4.63 5.12
C ALA A 22 4.92 -5.51 6.26
N VAL A 23 3.65 -5.89 6.19
CA VAL A 23 3.04 -6.73 7.20
C VAL A 23 3.73 -8.09 7.27
N ASP A 24 4.33 -8.50 6.16
CA ASP A 24 5.02 -9.78 6.09
C ASP A 24 6.43 -9.67 6.65
N LYS A 25 7.06 -8.52 6.42
CA LYS A 25 8.42 -8.29 6.91
C LYS A 25 8.49 -8.42 8.42
N ILE A 26 7.37 -8.13 9.08
CA ILE A 26 7.30 -8.23 10.54
C ILE A 26 7.05 -9.66 10.98
N GLY A 27 6.47 -10.46 10.10
CA GLY A 27 6.19 -11.84 10.42
C GLY A 27 4.99 -11.99 11.33
N HIS A 28 4.03 -11.08 11.21
CA HIS A 28 2.83 -11.11 12.04
C HIS A 28 2.04 -12.40 11.80
N PRO A 29 1.22 -12.78 12.78
CA PRO A 29 0.40 -13.99 12.71
C PRO A 29 -0.73 -13.87 11.69
N SER A 30 -1.45 -14.96 11.48
CA SER A 30 -2.56 -14.97 10.53
C SER A 30 -3.86 -15.37 11.21
N HIS A 31 -3.91 -15.19 12.53
CA HIS A 31 -5.10 -15.54 13.30
C HIS A 31 -6.34 -14.86 12.72
N LYS A 32 -7.51 -15.30 13.16
CA LYS A 32 -8.77 -14.74 12.68
C LYS A 32 -8.82 -13.24 12.94
N GLN A 33 -9.61 -12.53 12.14
CA GLN A 33 -9.74 -11.09 12.27
C GLN A 33 -10.14 -10.71 13.69
N THR A 34 -9.56 -9.62 14.19
CA THR A 34 -9.85 -9.15 15.54
C THR A 34 -10.56 -7.80 15.52
N PRO A 35 -11.25 -7.48 16.63
CA PRO A 35 -11.99 -6.22 16.76
C PRO A 35 -11.06 -5.01 16.84
N ALA A 36 -9.79 -5.26 17.18
CA ALA A 36 -8.81 -4.19 17.29
C ALA A 36 -8.36 -3.70 15.92
N ASP A 37 -8.44 -4.60 14.94
CA ASP A 37 -8.04 -4.25 13.58
C ASP A 37 -8.78 -3.02 13.08
N HIS A 38 -9.98 -2.81 13.60
CA HIS A 38 -10.80 -1.66 13.21
C HIS A 38 -10.01 -0.37 13.35
N ALA A 39 -9.26 -0.25 14.45
CA ALA A 39 -8.45 0.94 14.70
C ALA A 39 -7.51 1.23 13.54
N ALA A 40 -7.12 0.17 12.83
CA ALA A 40 -6.21 0.30 11.70
C ALA A 40 -6.87 1.09 10.57
N ILE A 41 -8.19 0.97 10.45
CA ILE A 41 -8.93 1.67 9.41
C ILE A 41 -8.81 3.19 9.58
N GLU A 42 -8.56 3.62 10.81
CA GLU A 42 -8.42 5.04 11.10
C GLU A 42 -7.38 5.69 10.20
N ALA A 43 -6.15 5.22 10.31
CA ALA A 43 -5.05 5.75 9.49
C ALA A 43 -5.31 5.52 8.01
N LEU A 44 -5.94 4.38 7.70
CA LEU A 44 -6.24 4.03 6.31
C LEU A 44 -7.04 5.15 5.63
N ASP A 45 -7.89 5.80 6.41
CA ASP A 45 -8.72 6.89 5.88
C ASP A 45 -7.85 7.96 5.23
N ARG A 46 -6.61 8.07 5.69
CA ARG A 46 -5.68 9.05 5.15
C ARG A 46 -5.30 8.72 3.72
N LEU A 47 -4.67 7.56 3.53
CA LEU A 47 -4.25 7.12 2.21
C LEU A 47 -5.44 6.97 1.27
N LEU A 48 -6.59 6.59 1.85
CA LEU A 48 -7.80 6.40 1.06
C LEU A 48 -8.30 7.74 0.51
N LEU A 49 -8.50 8.71 1.40
CA LEU A 49 -8.97 10.03 1.00
C LEU A 49 -8.00 10.68 0.02
N ASP A 50 -6.70 10.54 0.30
CA ASP A 50 -5.67 11.11 -0.55
C ASP A 50 -5.75 10.53 -1.97
N VAL A 51 -5.63 9.21 -2.07
CA VAL A 51 -5.69 8.54 -3.36
C VAL A 51 -7.02 8.81 -4.06
N ARG A 52 -8.08 8.96 -3.26
CA ARG A 52 -9.41 9.22 -3.80
C ARG A 52 -9.52 10.66 -4.32
N ALA A 53 -8.78 11.56 -3.69
CA ALA A 53 -8.79 12.97 -4.08
C ALA A 53 -7.64 13.27 -5.04
N ARG A 54 -7.17 12.25 -5.75
CA ARG A 54 -6.07 12.41 -6.70
C ARG A 54 -4.88 13.08 -6.03
N ARG A 55 -4.45 12.52 -4.90
CA ARG A 55 -3.31 13.05 -4.17
C ARG A 55 -2.23 11.99 -3.99
N VAL A 56 -2.20 11.02 -4.90
CA VAL A 56 -1.21 9.95 -4.85
C VAL A 56 0.06 10.33 -5.61
N ASP A 57 1.19 9.80 -5.16
CA ASP A 57 2.47 10.08 -5.80
C ASP A 57 3.31 8.81 -5.91
N GLN A 58 4.35 8.87 -6.73
CA GLN A 58 5.25 7.72 -6.91
C GLN A 58 6.45 7.81 -5.99
N PHE A 59 6.87 6.66 -5.46
CA PHE A 59 8.01 6.61 -4.56
C PHE A 59 8.39 5.16 -4.24
N GLN A 60 9.68 4.92 -4.06
CA GLN A 60 10.18 3.59 -3.77
C GLN A 60 11.01 3.59 -2.48
N ILE A 61 11.48 2.40 -2.09
CA ILE A 61 12.29 2.28 -0.89
C ILE A 61 13.74 2.67 -1.15
N ASN A 62 14.03 3.04 -2.39
CA ASN A 62 15.39 3.44 -2.77
C ASN A 62 16.35 2.27 -2.65
N ALA A 63 16.05 1.18 -3.36
CA ALA A 63 16.89 0.00 -3.33
C ALA A 63 16.64 -0.88 -4.56
N SER A 64 17.18 -2.09 -4.54
CA SER A 64 17.03 -3.03 -5.64
C SER A 64 15.94 -4.05 -5.34
N ALA A 65 14.84 -3.59 -4.75
CA ALA A 65 13.73 -4.47 -4.41
C ALA A 65 12.50 -4.15 -5.25
N ALA A 66 11.38 -4.79 -4.92
CA ALA A 66 10.14 -4.56 -5.64
C ALA A 66 9.59 -3.16 -5.39
N GLN A 67 9.65 -2.32 -6.42
CA GLN A 67 9.16 -0.95 -6.30
C GLN A 67 8.00 -0.70 -7.25
N ILE A 68 7.27 0.38 -7.03
CA ILE A 68 6.13 0.73 -7.87
C ILE A 68 6.06 2.24 -8.10
N ILE A 69 6.41 2.66 -9.31
CA ILE A 69 6.37 4.08 -9.66
C ILE A 69 5.05 4.46 -10.31
N VAL A 70 4.21 5.18 -9.57
CA VAL A 70 2.91 5.61 -10.07
C VAL A 70 3.08 6.50 -11.31
N THR A 71 2.97 5.89 -12.49
CA THR A 71 3.10 6.63 -13.74
C THR A 71 1.78 6.69 -14.49
N ASP A 72 0.87 7.53 -14.02
CA ASP A 72 -0.44 7.67 -14.65
C ASP A 72 -0.48 8.91 -15.54
N MET A 1 15.51 -6.78 -11.00
CA MET A 1 14.91 -5.51 -11.38
C MET A 1 13.50 -5.73 -11.90
N ASP A 2 12.52 -5.17 -11.19
CA ASP A 2 11.12 -5.29 -11.58
C ASP A 2 10.37 -3.98 -11.36
N ARG A 3 9.89 -3.39 -12.45
CA ARG A 3 9.16 -2.13 -12.36
C ARG A 3 7.66 -2.36 -12.47
N ILE A 4 6.89 -1.60 -11.69
CA ILE A 4 5.43 -1.72 -11.70
C ILE A 4 4.76 -0.36 -11.78
N PHE A 5 4.17 -0.06 -12.93
CA PHE A 5 3.50 1.22 -13.14
C PHE A 5 1.98 1.03 -13.17
N MET A 6 1.29 1.72 -12.27
CA MET A 6 -0.17 1.62 -12.19
C MET A 6 -0.80 3.02 -12.13
N THR A 7 -2.04 3.12 -12.58
CA THR A 7 -2.76 4.38 -12.59
C THR A 7 -3.27 4.72 -11.20
N ARG A 8 -3.97 5.85 -11.09
CA ARG A 8 -4.52 6.28 -9.81
C ARG A 8 -5.41 5.19 -9.19
N THR A 9 -6.28 4.61 -10.01
CA THR A 9 -7.17 3.55 -9.55
C THR A 9 -6.41 2.25 -9.31
N GLU A 10 -5.61 1.85 -10.30
CA GLU A 10 -4.82 0.63 -10.19
C GLU A 10 -3.86 0.70 -9.02
N ALA A 11 -3.58 1.91 -8.55
CA ALA A 11 -2.67 2.11 -7.43
C ALA A 11 -3.05 1.22 -6.26
N LEU A 12 -4.34 0.89 -6.15
CA LEU A 12 -4.83 0.03 -5.07
C LEU A 12 -3.98 -1.23 -4.95
N GLU A 13 -3.73 -1.87 -6.09
CA GLU A 13 -2.92 -3.09 -6.10
C GLU A 13 -1.60 -2.89 -5.38
N PHE A 14 -0.99 -1.73 -5.59
CA PHE A 14 0.28 -1.41 -4.96
C PHE A 14 0.11 -1.21 -3.46
N LEU A 15 -0.88 -0.41 -3.09
CA LEU A 15 -1.15 -0.12 -1.68
C LEU A 15 -1.29 -1.41 -0.88
N LEU A 16 -2.00 -2.38 -1.45
CA LEU A 16 -2.20 -3.67 -0.79
C LEU A 16 -1.00 -4.58 -1.01
N LYS A 17 -0.29 -4.37 -2.11
CA LYS A 17 0.89 -5.17 -2.43
C LYS A 17 1.96 -5.02 -1.36
N ALA A 18 2.40 -3.78 -1.14
CA ALA A 18 3.42 -3.51 -0.14
C ALA A 18 2.95 -3.90 1.25
N HIS A 19 1.64 -3.81 1.48
CA HIS A 19 1.05 -4.16 2.76
C HIS A 19 1.26 -5.64 3.08
N GLN A 20 1.28 -6.46 2.03
CA GLN A 20 1.46 -7.90 2.19
C GLN A 20 2.87 -8.21 2.66
N THR A 21 3.86 -7.58 2.04
CA THR A 21 5.26 -7.79 2.39
C THR A 21 5.61 -7.10 3.71
N ALA A 22 5.02 -5.93 3.92
CA ALA A 22 5.25 -5.16 5.13
C ALA A 22 4.84 -5.94 6.37
N VAL A 23 3.57 -6.34 6.41
CA VAL A 23 3.04 -7.09 7.54
C VAL A 23 3.83 -8.39 7.76
N ASP A 24 4.41 -8.91 6.69
CA ASP A 24 5.19 -10.13 6.76
C ASP A 24 6.58 -9.85 7.33
N LYS A 25 7.11 -8.67 7.02
CA LYS A 25 8.44 -8.29 7.49
C LYS A 25 8.49 -8.27 9.01
N ILE A 26 7.39 -7.85 9.64
CA ILE A 26 7.31 -7.79 11.09
C ILE A 26 7.30 -9.19 11.69
N GLY A 27 6.87 -10.17 10.90
CA GLY A 27 6.83 -11.54 11.38
C GLY A 27 5.55 -11.84 12.14
N HIS A 28 4.45 -11.20 11.73
CA HIS A 28 3.17 -11.41 12.39
C HIS A 28 2.65 -12.83 12.13
N PRO A 29 1.77 -13.30 13.03
CA PRO A 29 1.18 -14.64 12.92
C PRO A 29 0.22 -14.76 11.75
N SER A 30 -0.45 -15.91 11.65
CA SER A 30 -1.40 -16.15 10.57
C SER A 30 -2.81 -16.35 11.13
N HIS A 31 -3.04 -15.84 12.33
CA HIS A 31 -4.34 -15.95 12.98
C HIS A 31 -5.37 -15.05 12.30
N LYS A 32 -6.64 -15.28 12.59
CA LYS A 32 -7.71 -14.47 12.01
C LYS A 32 -7.59 -13.01 12.42
N GLN A 33 -8.13 -12.12 11.60
CA GLN A 33 -8.08 -10.69 11.87
C GLN A 33 -8.79 -10.36 13.18
N THR A 34 -8.25 -9.37 13.90
CA THR A 34 -8.84 -8.95 15.17
C THR A 34 -9.76 -7.75 14.99
N PRO A 35 -10.66 -7.54 15.96
CA PRO A 35 -11.61 -6.42 15.92
C PRO A 35 -10.93 -5.08 16.12
N ALA A 36 -9.88 -5.06 16.95
CA ALA A 36 -9.15 -3.84 17.23
C ALA A 36 -8.50 -3.29 15.96
N ASP A 37 -8.39 -4.13 14.95
CA ASP A 37 -7.80 -3.73 13.67
C ASP A 37 -8.51 -2.52 13.10
N HIS A 38 -9.78 -2.34 13.49
CA HIS A 38 -10.57 -1.21 13.01
C HIS A 38 -9.83 0.10 13.20
N ALA A 39 -9.01 0.16 14.25
CA ALA A 39 -8.24 1.37 14.54
C ALA A 39 -7.32 1.74 13.38
N ALA A 40 -6.72 0.72 12.77
CA ALA A 40 -5.82 0.94 11.65
C ALA A 40 -6.54 1.63 10.49
N ILE A 41 -7.85 1.47 10.43
CA ILE A 41 -8.65 2.08 9.38
C ILE A 41 -8.46 3.59 9.36
N GLU A 42 -8.09 4.15 10.50
CA GLU A 42 -7.88 5.59 10.61
C GLU A 42 -6.93 6.08 9.52
N ALA A 43 -5.94 5.25 9.18
CA ALA A 43 -4.97 5.61 8.15
C ALA A 43 -5.51 5.30 6.76
N LEU A 44 -6.33 4.25 6.67
CA LEU A 44 -6.91 3.85 5.39
C LEU A 44 -7.72 4.99 4.78
N ASP A 45 -8.44 5.71 5.63
CA ASP A 45 -9.26 6.83 5.18
C ASP A 45 -8.42 7.85 4.42
N ARG A 46 -7.42 8.41 5.09
CA ARG A 46 -6.55 9.40 4.48
C ARG A 46 -5.96 8.87 3.17
N LEU A 47 -5.62 7.59 3.16
CA LEU A 47 -5.05 6.96 1.96
C LEU A 47 -6.07 6.94 0.82
N LEU A 48 -7.21 6.31 1.07
CA LEU A 48 -8.27 6.22 0.06
C LEU A 48 -8.61 7.60 -0.49
N LEU A 49 -8.55 8.62 0.37
CA LEU A 49 -8.86 9.97 -0.05
C LEU A 49 -7.70 10.57 -0.85
N ASP A 50 -6.48 10.21 -0.48
CA ASP A 50 -5.29 10.70 -1.18
C ASP A 50 -5.18 10.08 -2.56
N VAL A 51 -5.64 8.83 -2.68
CA VAL A 51 -5.59 8.12 -3.96
C VAL A 51 -6.77 8.49 -4.84
N ARG A 52 -7.92 8.72 -4.22
CA ARG A 52 -9.13 9.07 -4.95
C ARG A 52 -9.11 10.54 -5.36
N ALA A 53 -8.40 11.36 -4.58
CA ALA A 53 -8.29 12.78 -4.87
C ALA A 53 -7.07 13.07 -5.73
N ARG A 54 -6.49 12.03 -6.31
CA ARG A 54 -5.31 12.18 -7.17
C ARG A 54 -4.23 12.98 -6.44
N ARG A 55 -4.19 12.87 -5.12
CA ARG A 55 -3.20 13.57 -4.32
C ARG A 55 -2.03 12.66 -3.98
N VAL A 56 -1.79 11.66 -4.82
CA VAL A 56 -0.71 10.72 -4.59
C VAL A 56 0.39 10.89 -5.65
N ASP A 57 1.62 10.57 -5.28
CA ASP A 57 2.74 10.67 -6.19
C ASP A 57 3.59 9.40 -6.17
N GLN A 58 4.65 9.39 -6.97
CA GLN A 58 5.54 8.23 -7.05
C GLN A 58 6.73 8.40 -6.11
N PHE A 59 7.18 7.29 -5.54
CA PHE A 59 8.31 7.31 -4.61
C PHE A 59 8.76 5.89 -4.27
N GLN A 60 9.98 5.77 -3.76
CA GLN A 60 10.52 4.47 -3.38
C GLN A 60 11.46 4.60 -2.19
N ILE A 61 11.08 4.01 -1.06
CA ILE A 61 11.89 4.06 0.14
C ILE A 61 12.96 2.97 0.13
N ASN A 62 12.67 1.88 -0.58
CA ASN A 62 13.61 0.77 -0.68
C ASN A 62 14.06 0.55 -2.12
N ALA A 63 15.23 -0.03 -2.29
CA ALA A 63 15.78 -0.30 -3.62
C ALA A 63 15.69 -1.78 -3.96
N SER A 64 15.89 -2.63 -2.94
CA SER A 64 15.85 -4.07 -3.14
C SER A 64 14.41 -4.56 -3.31
N ALA A 65 13.51 -3.98 -2.53
CA ALA A 65 12.10 -4.35 -2.59
C ALA A 65 11.52 -4.06 -3.98
N ALA A 66 10.22 -4.24 -4.12
CA ALA A 66 9.54 -4.00 -5.39
C ALA A 66 9.39 -2.50 -5.65
N GLN A 67 9.67 -2.09 -6.88
CA GLN A 67 9.56 -0.69 -7.27
C GLN A 67 8.26 -0.43 -8.02
N ILE A 68 7.27 0.09 -7.31
CA ILE A 68 5.97 0.39 -7.93
C ILE A 68 5.79 1.89 -8.11
N ILE A 69 6.06 2.38 -9.32
CA ILE A 69 5.92 3.79 -9.63
C ILE A 69 4.47 4.15 -9.91
N VAL A 70 4.06 5.34 -9.46
CA VAL A 70 2.69 5.80 -9.66
C VAL A 70 2.58 6.65 -10.93
N THR A 71 1.60 6.34 -11.76
CA THR A 71 1.38 7.06 -13.00
C THR A 71 0.10 7.90 -12.93
N ASP A 72 0.22 9.11 -12.40
CA ASP A 72 -0.93 10.01 -12.27
C ASP A 72 -0.69 11.29 -13.06
N MET A 1 14.97 -6.30 -10.59
CA MET A 1 14.47 -5.44 -11.67
C MET A 1 12.98 -5.65 -11.88
N ASP A 2 12.19 -5.39 -10.84
CA ASP A 2 10.74 -5.55 -10.91
C ASP A 2 10.04 -4.25 -10.54
N ARG A 3 9.53 -3.54 -11.56
CA ARG A 3 8.84 -2.28 -11.34
C ARG A 3 7.38 -2.39 -11.78
N ILE A 4 6.47 -2.16 -10.84
CA ILE A 4 5.04 -2.23 -11.14
C ILE A 4 4.50 -0.85 -11.53
N PHE A 5 3.65 -0.83 -12.55
CA PHE A 5 3.05 0.41 -13.02
C PHE A 5 1.53 0.36 -12.93
N MET A 6 0.93 1.41 -12.37
CA MET A 6 -0.51 1.48 -12.22
C MET A 6 -0.99 2.93 -12.23
N THR A 7 -2.23 3.14 -12.66
CA THR A 7 -2.81 4.47 -12.71
C THR A 7 -3.32 4.91 -11.35
N ARG A 8 -3.87 6.12 -11.28
CA ARG A 8 -4.40 6.65 -10.04
C ARG A 8 -5.37 5.67 -9.39
N THR A 9 -6.30 5.15 -10.19
CA THR A 9 -7.28 4.20 -9.70
C THR A 9 -6.63 2.88 -9.31
N GLU A 10 -5.82 2.33 -10.21
CA GLU A 10 -5.14 1.07 -9.96
C GLU A 10 -4.22 1.19 -8.75
N ALA A 11 -3.88 2.42 -8.38
CA ALA A 11 -3.01 2.66 -7.23
C ALA A 11 -3.50 1.92 -6.00
N LEU A 12 -4.81 1.67 -5.94
CA LEU A 12 -5.40 0.96 -4.81
C LEU A 12 -4.64 -0.33 -4.52
N GLU A 13 -4.29 -1.06 -5.57
CA GLU A 13 -3.56 -2.32 -5.43
C GLU A 13 -2.21 -2.08 -4.75
N PHE A 14 -1.59 -0.95 -5.07
CA PHE A 14 -0.29 -0.61 -4.49
C PHE A 14 -0.42 -0.30 -3.01
N LEU A 15 -1.41 0.53 -2.66
CA LEU A 15 -1.64 0.91 -1.28
C LEU A 15 -2.03 -0.31 -0.44
N LEU A 16 -2.72 -1.25 -1.06
CA LEU A 16 -3.17 -2.46 -0.38
C LEU A 16 -2.02 -3.46 -0.25
N LYS A 17 -1.34 -3.71 -1.38
CA LYS A 17 -0.22 -4.65 -1.39
C LYS A 17 0.95 -4.11 -0.58
N ALA A 18 0.99 -2.79 -0.41
CA ALA A 18 2.06 -2.16 0.36
C ALA A 18 2.21 -2.80 1.73
N HIS A 19 1.10 -3.21 2.32
CA HIS A 19 1.11 -3.84 3.64
C HIS A 19 1.57 -5.29 3.53
N GLN A 20 1.29 -5.92 2.39
CA GLN A 20 1.67 -7.30 2.16
C GLN A 20 3.15 -7.51 2.44
N THR A 21 4.00 -6.77 1.73
CA THR A 21 5.43 -6.88 1.90
C THR A 21 5.88 -6.31 3.24
N ALA A 22 5.28 -5.18 3.64
CA ALA A 22 5.61 -4.55 4.90
C ALA A 22 5.47 -5.53 6.06
N VAL A 23 4.26 -6.04 6.25
CA VAL A 23 4.00 -7.00 7.33
C VAL A 23 4.99 -8.16 7.29
N ASP A 24 5.23 -8.68 6.10
CA ASP A 24 6.16 -9.80 5.93
C ASP A 24 7.58 -9.37 6.28
N LYS A 25 7.87 -8.10 6.11
CA LYS A 25 9.19 -7.56 6.42
C LYS A 25 9.44 -7.53 7.93
N ILE A 26 8.41 -7.15 8.67
CA ILE A 26 8.52 -7.09 10.13
C ILE A 26 8.67 -8.48 10.73
N GLY A 27 8.22 -9.49 10.00
CA GLY A 27 8.31 -10.86 10.48
C GLY A 27 7.15 -11.24 11.37
N HIS A 28 5.99 -10.63 11.14
CA HIS A 28 4.81 -10.92 11.94
C HIS A 28 4.28 -12.31 11.66
N PRO A 29 3.53 -12.87 12.63
CA PRO A 29 2.95 -14.21 12.50
C PRO A 29 1.84 -14.27 11.46
N SER A 30 1.34 -15.48 11.19
CA SER A 30 0.27 -15.67 10.22
C SER A 30 -1.03 -16.07 10.90
N HIS A 31 -1.13 -15.75 12.18
CA HIS A 31 -2.33 -16.07 12.96
C HIS A 31 -3.58 -15.50 12.30
N LYS A 32 -4.74 -16.02 12.68
CA LYS A 32 -6.01 -15.56 12.11
C LYS A 32 -6.18 -14.07 12.31
N GLN A 33 -6.93 -13.44 11.42
CA GLN A 33 -7.17 -12.00 11.49
C GLN A 33 -7.78 -11.62 12.84
N THR A 34 -7.82 -10.32 13.12
CA THR A 34 -8.37 -9.82 14.37
C THR A 34 -9.30 -8.64 14.13
N PRO A 35 -10.18 -8.38 15.11
CA PRO A 35 -11.15 -7.28 15.04
C PRO A 35 -10.48 -5.91 15.12
N ALA A 36 -9.33 -5.87 15.78
CA ALA A 36 -8.59 -4.62 15.94
C ALA A 36 -8.29 -3.98 14.58
N ASP A 37 -8.19 -4.82 13.55
CA ASP A 37 -7.91 -4.33 12.20
C ASP A 37 -8.91 -3.25 11.79
N HIS A 38 -10.12 -3.35 12.33
CA HIS A 38 -11.17 -2.38 12.03
C HIS A 38 -10.71 -0.96 12.35
N ALA A 39 -9.81 -0.84 13.32
CA ALA A 39 -9.30 0.45 13.74
C ALA A 39 -8.24 0.96 12.76
N ALA A 40 -7.46 0.03 12.19
CA ALA A 40 -6.43 0.38 11.24
C ALA A 40 -7.01 1.13 10.04
N ILE A 41 -8.28 0.90 9.77
CA ILE A 41 -8.96 1.55 8.65
C ILE A 41 -8.88 3.07 8.77
N GLU A 42 -8.74 3.55 10.00
CA GLU A 42 -8.64 4.99 10.24
C GLU A 42 -7.52 5.61 9.42
N ALA A 43 -6.46 4.85 9.19
CA ALA A 43 -5.33 5.32 8.41
C ALA A 43 -5.58 5.15 6.92
N LEU A 44 -6.33 4.12 6.57
CA LEU A 44 -6.65 3.84 5.17
C LEU A 44 -7.37 5.03 4.53
N ASP A 45 -8.12 5.76 5.35
CA ASP A 45 -8.86 6.92 4.87
C ASP A 45 -7.93 7.92 4.20
N ARG A 46 -6.74 8.08 4.76
CA ARG A 46 -5.76 9.02 4.22
C ARG A 46 -5.39 8.64 2.79
N LEU A 47 -5.16 7.35 2.56
CA LEU A 47 -4.79 6.87 1.23
C LEU A 47 -5.93 7.07 0.24
N LEU A 48 -7.10 6.54 0.58
CA LEU A 48 -8.27 6.67 -0.28
C LEU A 48 -8.54 8.13 -0.63
N LEU A 49 -8.61 8.96 0.40
CA LEU A 49 -8.86 10.39 0.21
C LEU A 49 -7.82 11.01 -0.74
N ASP A 50 -6.55 10.77 -0.44
CA ASP A 50 -5.47 11.30 -1.26
C ASP A 50 -5.67 10.93 -2.72
N VAL A 51 -5.80 9.63 -2.98
CA VAL A 51 -6.00 9.13 -4.34
C VAL A 51 -7.14 9.87 -5.03
N ARG A 52 -8.28 9.92 -4.35
CA ARG A 52 -9.46 10.59 -4.90
C ARG A 52 -9.20 12.08 -5.09
N ALA A 53 -8.27 12.62 -4.29
CA ALA A 53 -7.93 14.03 -4.38
C ALA A 53 -7.00 14.31 -5.55
N ARG A 54 -6.47 13.24 -6.14
CA ARG A 54 -5.56 13.36 -7.27
C ARG A 54 -4.34 14.20 -6.89
N ARG A 55 -3.74 13.88 -5.76
CA ARG A 55 -2.57 14.60 -5.29
C ARG A 55 -1.50 13.63 -4.79
N VAL A 56 -1.52 12.42 -5.32
CA VAL A 56 -0.55 11.40 -4.94
C VAL A 56 0.69 11.46 -5.81
N ASP A 57 1.71 10.68 -5.45
CA ASP A 57 2.96 10.65 -6.21
C ASP A 57 3.62 9.28 -6.09
N GLN A 58 4.76 9.12 -6.77
CA GLN A 58 5.49 7.87 -6.75
C GLN A 58 6.58 7.89 -5.68
N PHE A 59 6.76 6.76 -5.00
CA PHE A 59 7.77 6.66 -3.95
C PHE A 59 8.05 5.20 -3.61
N GLN A 60 9.05 4.97 -2.76
CA GLN A 60 9.43 3.62 -2.37
C GLN A 60 10.19 3.64 -1.05
N ILE A 61 9.61 3.03 -0.03
CA ILE A 61 10.24 2.97 1.29
C ILE A 61 11.35 1.92 1.32
N ASN A 62 11.23 0.91 0.46
CA ASN A 62 12.22 -0.15 0.38
C ASN A 62 12.82 -0.25 -1.01
N ALA A 63 13.78 -1.15 -1.18
CA ALA A 63 14.43 -1.35 -2.47
C ALA A 63 14.26 -2.78 -2.97
N SER A 64 14.45 -3.74 -2.06
CA SER A 64 14.31 -5.15 -2.40
C SER A 64 12.85 -5.53 -2.57
N ALA A 65 11.96 -4.81 -1.90
CA ALA A 65 10.54 -5.07 -1.97
C ALA A 65 9.97 -4.64 -3.32
N ALA A 66 8.67 -4.83 -3.50
CA ALA A 66 8.01 -4.47 -4.75
C ALA A 66 8.17 -2.97 -5.04
N GLN A 67 8.58 -2.66 -6.26
CA GLN A 67 8.78 -1.27 -6.67
C GLN A 67 7.62 -0.78 -7.53
N ILE A 68 6.56 -0.29 -6.88
CA ILE A 68 5.40 0.20 -7.59
C ILE A 68 5.53 1.68 -7.90
N ILE A 69 4.94 2.12 -9.01
CA ILE A 69 4.99 3.51 -9.43
C ILE A 69 3.60 4.13 -9.42
N VAL A 70 3.56 5.46 -9.29
CA VAL A 70 2.29 6.18 -9.28
C VAL A 70 2.19 7.15 -10.45
N THR A 71 1.65 6.67 -11.57
CA THR A 71 1.50 7.50 -12.76
C THR A 71 0.05 7.84 -13.01
N ASP A 72 -0.49 8.78 -12.23
CA ASP A 72 -1.88 9.20 -12.38
C ASP A 72 -2.19 9.57 -13.82
N MET A 1 13.42 -7.14 -15.62
CA MET A 1 13.39 -6.58 -14.27
C MET A 1 12.00 -6.69 -13.66
N ASP A 2 11.94 -6.71 -12.33
CA ASP A 2 10.68 -6.83 -11.63
C ASP A 2 10.12 -5.45 -11.29
N ARG A 3 9.39 -4.86 -12.24
CA ARG A 3 8.80 -3.55 -12.04
C ARG A 3 7.28 -3.64 -11.89
N ILE A 4 6.70 -2.73 -11.12
CA ILE A 4 5.26 -2.72 -10.90
C ILE A 4 4.69 -1.33 -11.16
N PHE A 5 3.95 -1.20 -12.26
CA PHE A 5 3.34 0.07 -12.63
C PHE A 5 1.83 0.03 -12.41
N MET A 6 1.32 1.01 -11.66
CA MET A 6 -0.11 1.09 -11.37
C MET A 6 -0.64 2.50 -11.63
N THR A 7 -1.87 2.58 -12.11
CA THR A 7 -2.50 3.87 -12.39
C THR A 7 -3.09 4.49 -11.14
N ARG A 8 -3.72 5.64 -11.29
CA ARG A 8 -4.33 6.34 -10.16
C ARG A 8 -5.28 5.42 -9.40
N THR A 9 -6.14 4.73 -10.14
CA THR A 9 -7.10 3.81 -9.53
C THR A 9 -6.43 2.49 -9.15
N GLU A 10 -5.61 1.96 -10.06
CA GLU A 10 -4.91 0.71 -9.83
C GLU A 10 -4.00 0.81 -8.60
N ALA A 11 -3.69 2.05 -8.21
CA ALA A 11 -2.82 2.28 -7.07
C ALA A 11 -3.28 1.47 -5.85
N LEU A 12 -4.57 1.17 -5.80
CA LEU A 12 -5.14 0.41 -4.70
C LEU A 12 -4.32 -0.85 -4.44
N GLU A 13 -3.96 -1.55 -5.51
CA GLU A 13 -3.17 -2.77 -5.40
C GLU A 13 -1.87 -2.51 -4.65
N PHE A 14 -1.26 -1.37 -4.92
CA PHE A 14 0.00 -1.00 -4.28
C PHE A 14 -0.21 -0.71 -2.79
N LEU A 15 -1.23 0.09 -2.49
CA LEU A 15 -1.54 0.44 -1.11
C LEU A 15 -1.74 -0.81 -0.27
N LEU A 16 -2.46 -1.78 -0.81
CA LEU A 16 -2.73 -3.03 -0.10
C LEU A 16 -1.53 -3.96 -0.19
N LYS A 17 -0.74 -3.82 -1.25
CA LYS A 17 0.44 -4.65 -1.45
C LYS A 17 1.46 -4.42 -0.34
N ALA A 18 1.83 -3.17 -0.13
CA ALA A 18 2.79 -2.82 0.92
C ALA A 18 2.37 -3.38 2.27
N HIS A 19 1.06 -3.46 2.49
CA HIS A 19 0.52 -3.98 3.74
C HIS A 19 1.07 -5.36 4.03
N GLN A 20 1.00 -6.24 3.04
CA GLN A 20 1.49 -7.61 3.20
C GLN A 20 2.97 -7.62 3.60
N THR A 21 3.70 -6.61 3.13
CA THR A 21 5.13 -6.50 3.42
C THR A 21 5.34 -5.93 4.82
N ALA A 22 4.57 -4.92 5.18
CA ALA A 22 4.69 -4.29 6.49
C ALA A 22 4.43 -5.29 7.61
N VAL A 23 3.36 -6.08 7.45
CA VAL A 23 3.00 -7.09 8.44
C VAL A 23 4.12 -8.11 8.62
N ASP A 24 4.88 -8.34 7.56
CA ASP A 24 5.99 -9.29 7.59
C ASP A 24 7.24 -8.65 8.18
N LYS A 25 7.44 -7.37 7.87
CA LYS A 25 8.61 -6.64 8.36
C LYS A 25 8.63 -6.63 9.88
N ILE A 26 7.48 -6.42 10.50
CA ILE A 26 7.36 -6.39 11.95
C ILE A 26 7.60 -7.76 12.55
N GLY A 27 7.36 -8.80 11.74
CA GLY A 27 7.54 -10.16 12.21
C GLY A 27 6.25 -10.80 12.65
N HIS A 28 5.15 -10.44 12.00
CA HIS A 28 3.84 -10.99 12.34
C HIS A 28 3.41 -12.04 11.32
N PRO A 29 2.51 -12.93 11.75
CA PRO A 29 2.00 -14.01 10.89
C PRO A 29 1.10 -13.48 9.77
N SER A 30 0.54 -14.40 8.99
CA SER A 30 -0.33 -14.04 7.88
C SER A 30 -1.78 -14.40 8.19
N HIS A 31 -2.09 -14.54 9.47
CA HIS A 31 -3.44 -14.90 9.89
C HIS A 31 -4.45 -13.86 9.40
N LYS A 32 -5.74 -14.21 9.50
CA LYS A 32 -6.80 -13.31 9.06
C LYS A 32 -6.67 -11.95 9.74
N GLN A 33 -7.16 -10.91 9.07
CA GLN A 33 -7.11 -9.55 9.62
C GLN A 33 -7.76 -9.50 11.00
N THR A 34 -6.99 -9.11 12.00
CA THR A 34 -7.49 -9.01 13.36
C THR A 34 -8.70 -8.09 13.44
N PRO A 35 -9.49 -8.24 14.51
CA PRO A 35 -10.70 -7.43 14.72
C PRO A 35 -10.36 -5.97 15.05
N ALA A 36 -9.13 -5.74 15.49
CA ALA A 36 -8.68 -4.40 15.83
C ALA A 36 -8.40 -3.57 14.59
N ASP A 37 -8.08 -4.26 13.49
CA ASP A 37 -7.79 -3.58 12.23
C ASP A 37 -8.95 -2.68 11.81
N HIS A 38 -10.15 -3.02 12.26
CA HIS A 38 -11.34 -2.24 11.94
C HIS A 38 -11.14 -0.77 12.29
N ALA A 39 -10.56 -0.51 13.46
CA ALA A 39 -10.30 0.85 13.91
C ALA A 39 -9.14 1.47 13.15
N ALA A 40 -8.21 0.63 12.70
CA ALA A 40 -7.05 1.09 11.96
C ALA A 40 -7.46 1.80 10.67
N ILE A 41 -8.64 1.44 10.15
CA ILE A 41 -9.15 2.04 8.93
C ILE A 41 -9.25 3.56 9.06
N GLU A 42 -9.39 4.03 10.30
CA GLU A 42 -9.50 5.46 10.55
C GLU A 42 -8.33 6.21 9.93
N ALA A 43 -7.17 5.57 9.88
CA ALA A 43 -5.97 6.18 9.32
C ALA A 43 -5.95 6.02 7.80
N LEU A 44 -6.47 4.89 7.32
CA LEU A 44 -6.51 4.61 5.89
C LEU A 44 -7.33 5.66 5.15
N ASP A 45 -8.28 6.28 5.86
CA ASP A 45 -9.13 7.30 5.27
C ASP A 45 -8.29 8.38 4.59
N ARG A 46 -7.12 8.64 5.15
CA ARG A 46 -6.22 9.66 4.59
C ARG A 46 -5.73 9.25 3.21
N LEU A 47 -5.12 8.06 3.13
CA LEU A 47 -4.61 7.56 1.86
C LEU A 47 -5.69 7.53 0.80
N LEU A 48 -6.83 6.94 1.14
CA LEU A 48 -7.96 6.84 0.22
C LEU A 48 -8.38 8.22 -0.27
N LEU A 49 -8.61 9.14 0.67
CA LEU A 49 -9.00 10.49 0.33
C LEU A 49 -8.00 11.15 -0.60
N ASP A 50 -6.72 11.04 -0.25
CA ASP A 50 -5.66 11.62 -1.07
C ASP A 50 -5.71 11.08 -2.50
N VAL A 51 -5.53 9.78 -2.64
CA VAL A 51 -5.56 9.15 -3.97
C VAL A 51 -6.85 9.50 -4.70
N ARG A 52 -7.93 9.69 -3.95
CA ARG A 52 -9.22 10.01 -4.54
C ARG A 52 -9.24 11.47 -5.01
N ALA A 53 -8.51 12.32 -4.30
CA ALA A 53 -8.45 13.74 -4.65
C ALA A 53 -7.23 14.04 -5.52
N ARG A 54 -6.77 13.03 -6.26
CA ARG A 54 -5.62 13.20 -7.12
C ARG A 54 -4.42 13.76 -6.36
N ARG A 55 -4.10 13.11 -5.24
CA ARG A 55 -2.98 13.55 -4.40
C ARG A 55 -1.98 12.41 -4.19
N VAL A 56 -1.95 11.48 -5.14
CA VAL A 56 -1.04 10.35 -5.06
C VAL A 56 0.16 10.54 -5.96
N ASP A 57 1.29 9.94 -5.59
CA ASP A 57 2.51 10.04 -6.38
C ASP A 57 3.31 8.75 -6.30
N GLN A 58 4.42 8.70 -7.04
CA GLN A 58 5.28 7.52 -7.06
C GLN A 58 6.43 7.67 -6.06
N PHE A 59 6.86 6.55 -5.50
CA PHE A 59 7.95 6.55 -4.53
C PHE A 59 8.47 5.14 -4.28
N GLN A 60 9.77 5.02 -4.03
CA GLN A 60 10.38 3.72 -3.78
C GLN A 60 10.78 3.59 -2.31
N ILE A 61 10.54 2.41 -1.75
CA ILE A 61 10.87 2.14 -0.36
C ILE A 61 12.34 1.74 -0.20
N ASN A 62 12.82 0.90 -1.11
CA ASN A 62 14.20 0.45 -1.07
C ASN A 62 14.56 -0.31 -2.34
N ALA A 63 15.85 -0.43 -2.62
CA ALA A 63 16.33 -1.14 -3.80
C ALA A 63 16.09 -2.63 -3.68
N SER A 64 16.01 -3.12 -2.45
CA SER A 64 15.78 -4.54 -2.20
C SER A 64 14.32 -4.90 -2.41
N ALA A 65 13.43 -4.00 -2.01
CA ALA A 65 12.00 -4.22 -2.16
C ALA A 65 11.55 -4.07 -3.61
N ALA A 66 10.28 -4.33 -3.87
CA ALA A 66 9.74 -4.23 -5.21
C ALA A 66 9.65 -2.77 -5.66
N GLN A 67 9.70 -2.55 -6.97
CA GLN A 67 9.62 -1.21 -7.52
C GLN A 67 8.20 -0.87 -7.94
N ILE A 68 7.54 -0.01 -7.17
CA ILE A 68 6.17 0.38 -7.46
C ILE A 68 6.13 1.78 -8.09
N ILE A 69 5.22 1.96 -9.04
CA ILE A 69 5.08 3.25 -9.72
C ILE A 69 3.61 3.67 -9.78
N VAL A 70 3.38 4.97 -9.68
CA VAL A 70 2.02 5.51 -9.73
C VAL A 70 1.85 6.46 -10.92
N THR A 71 1.22 5.97 -11.97
CA THR A 71 0.99 6.76 -13.17
C THR A 71 -0.49 7.08 -13.34
N ASP A 72 -0.95 8.15 -12.69
CA ASP A 72 -2.35 8.56 -12.77
C ASP A 72 -2.78 8.71 -14.22
N MET A 1 14.82 -5.77 -9.59
CA MET A 1 14.14 -4.54 -9.98
C MET A 1 13.06 -4.83 -11.01
N ASP A 2 11.86 -5.13 -10.54
CA ASP A 2 10.74 -5.44 -11.42
C ASP A 2 9.74 -4.27 -11.44
N ARG A 3 9.97 -3.33 -12.36
CA ARG A 3 9.10 -2.17 -12.49
C ARG A 3 7.70 -2.59 -12.95
N ILE A 4 6.70 -2.22 -12.16
CA ILE A 4 5.32 -2.56 -12.48
C ILE A 4 4.52 -1.31 -12.86
N PHE A 5 3.85 -1.37 -14.01
CA PHE A 5 3.05 -0.24 -14.48
C PHE A 5 1.59 -0.39 -14.06
N MET A 6 0.99 0.71 -13.63
CA MET A 6 -0.41 0.70 -13.19
C MET A 6 -0.99 2.10 -13.22
N THR A 7 -2.27 2.20 -13.58
CA THR A 7 -2.96 3.49 -13.64
C THR A 7 -3.54 3.87 -12.29
N ARG A 8 -4.22 5.01 -12.25
CA ARG A 8 -4.83 5.49 -11.01
C ARG A 8 -5.66 4.40 -10.35
N THR A 9 -6.52 3.76 -11.14
CA THR A 9 -7.38 2.69 -10.64
C THR A 9 -6.56 1.48 -10.21
N GLU A 10 -5.67 1.04 -11.09
CA GLU A 10 -4.81 -0.11 -10.81
C GLU A 10 -3.93 0.14 -9.59
N ALA A 11 -3.77 1.42 -9.24
CA ALA A 11 -2.96 1.80 -8.09
C ALA A 11 -3.33 0.97 -6.87
N LEU A 12 -4.59 0.56 -6.78
CA LEU A 12 -5.06 -0.23 -5.66
C LEU A 12 -4.14 -1.42 -5.41
N GLU A 13 -3.81 -2.15 -6.48
CA GLU A 13 -2.94 -3.31 -6.38
C GLU A 13 -1.64 -2.95 -5.69
N PHE A 14 -1.12 -1.77 -6.00
CA PHE A 14 0.13 -1.29 -5.41
C PHE A 14 -0.04 -1.01 -3.92
N LEU A 15 -1.08 -0.26 -3.58
CA LEU A 15 -1.36 0.09 -2.19
C LEU A 15 -1.43 -1.16 -1.32
N LEU A 16 -2.10 -2.19 -1.83
CA LEU A 16 -2.24 -3.44 -1.10
C LEU A 16 -0.99 -4.30 -1.23
N LYS A 17 -0.25 -4.10 -2.33
CA LYS A 17 0.98 -4.84 -2.57
C LYS A 17 2.02 -4.54 -1.50
N ALA A 18 2.30 -3.26 -1.29
CA ALA A 18 3.27 -2.85 -0.29
C ALA A 18 2.95 -3.46 1.07
N HIS A 19 1.67 -3.66 1.33
CA HIS A 19 1.23 -4.23 2.60
C HIS A 19 1.97 -5.53 2.90
N GLN A 20 2.23 -6.31 1.86
CA GLN A 20 2.93 -7.58 2.00
C GLN A 20 4.38 -7.36 2.46
N THR A 21 4.98 -6.27 1.98
CA THR A 21 6.35 -5.93 2.32
C THR A 21 6.43 -5.35 3.73
N ALA A 22 5.50 -4.46 4.04
CA ALA A 22 5.46 -3.82 5.37
C ALA A 22 5.31 -4.86 6.47
N VAL A 23 4.28 -5.69 6.35
CA VAL A 23 4.01 -6.72 7.35
C VAL A 23 5.18 -7.70 7.44
N ASP A 24 5.85 -7.92 6.31
CA ASP A 24 6.99 -8.83 6.27
C ASP A 24 8.20 -8.22 6.97
N LYS A 25 8.31 -6.90 6.93
CA LYS A 25 9.42 -6.20 7.56
C LYS A 25 9.52 -6.55 9.03
N ILE A 26 8.42 -6.37 9.76
CA ILE A 26 8.39 -6.66 11.18
C ILE A 26 8.47 -8.17 11.42
N GLY A 27 8.09 -8.96 10.41
CA GLY A 27 8.13 -10.40 10.54
C GLY A 27 7.11 -10.92 11.53
N HIS A 28 5.99 -10.22 11.65
CA HIS A 28 4.93 -10.62 12.58
C HIS A 28 3.57 -10.64 11.88
N PRO A 29 2.63 -11.42 12.45
CA PRO A 29 1.28 -11.54 11.90
C PRO A 29 0.47 -10.26 12.07
N SER A 30 -0.06 -9.75 10.97
CA SER A 30 -0.86 -8.53 10.99
C SER A 30 -2.26 -8.79 10.46
N HIS A 31 -2.59 -10.06 10.24
CA HIS A 31 -3.90 -10.44 9.73
C HIS A 31 -4.60 -11.39 10.69
N LYS A 32 -5.71 -10.93 11.27
CA LYS A 32 -6.47 -11.75 12.21
C LYS A 32 -7.94 -11.36 12.18
N GLN A 33 -8.82 -12.38 12.16
CA GLN A 33 -10.25 -12.14 12.13
C GLN A 33 -10.77 -11.74 13.50
N THR A 34 -11.09 -10.46 13.65
CA THR A 34 -11.60 -9.95 14.92
C THR A 34 -12.34 -8.64 14.73
N PRO A 35 -13.19 -8.29 15.70
CA PRO A 35 -13.98 -7.06 15.66
C PRO A 35 -13.13 -5.81 15.84
N ALA A 36 -11.95 -5.98 16.43
CA ALA A 36 -11.03 -4.88 16.66
C ALA A 36 -10.50 -4.33 15.34
N ASP A 37 -10.45 -5.18 14.32
CA ASP A 37 -9.97 -4.79 13.01
C ASP A 37 -10.76 -3.61 12.47
N HIS A 38 -12.01 -3.50 12.91
CA HIS A 38 -12.88 -2.41 12.46
C HIS A 38 -12.23 -1.06 12.72
N ALA A 39 -11.36 -1.01 13.72
CA ALA A 39 -10.67 0.24 14.07
C ALA A 39 -9.54 0.53 13.08
N ALA A 40 -8.92 -0.52 12.56
CA ALA A 40 -7.83 -0.38 11.61
C ALA A 40 -8.23 0.54 10.46
N ILE A 41 -9.51 0.52 10.10
CA ILE A 41 -10.01 1.35 9.02
C ILE A 41 -9.64 2.81 9.23
N GLU A 42 -9.48 3.21 10.49
CA GLU A 42 -9.13 4.58 10.82
C GLU A 42 -7.89 5.02 10.06
N ALA A 43 -6.99 4.07 9.81
CA ALA A 43 -5.74 4.36 9.09
C ALA A 43 -5.98 4.37 7.58
N LEU A 44 -6.96 3.59 7.15
CA LEU A 44 -7.29 3.50 5.72
C LEU A 44 -7.78 4.85 5.20
N ASP A 45 -8.41 5.62 6.07
CA ASP A 45 -8.94 6.94 5.70
C ASP A 45 -7.82 7.84 5.19
N ARG A 46 -6.59 7.56 5.62
CA ARG A 46 -5.44 8.35 5.21
C ARG A 46 -5.09 8.08 3.76
N LEU A 47 -4.74 6.83 3.46
CA LEU A 47 -4.38 6.44 2.10
C LEU A 47 -5.53 6.70 1.13
N LEU A 48 -6.75 6.51 1.62
CA LEU A 48 -7.94 6.72 0.80
C LEU A 48 -8.13 8.20 0.50
N LEU A 49 -8.09 9.02 1.53
CA LEU A 49 -8.26 10.46 1.38
C LEU A 49 -7.21 11.03 0.44
N ASP A 50 -5.97 10.57 0.58
CA ASP A 50 -4.88 11.03 -0.27
C ASP A 50 -5.10 10.61 -1.72
N VAL A 51 -5.22 9.31 -1.94
CA VAL A 51 -5.43 8.78 -3.28
C VAL A 51 -6.70 9.36 -3.90
N ARG A 52 -7.63 9.77 -3.06
CA ARG A 52 -8.90 10.33 -3.52
C ARG A 52 -8.74 11.83 -3.80
N ALA A 53 -7.85 12.48 -3.06
CA ALA A 53 -7.60 13.90 -3.23
C ALA A 53 -6.43 14.16 -4.17
N ARG A 54 -6.24 13.26 -5.12
CA ARG A 54 -5.15 13.37 -6.09
C ARG A 54 -3.82 13.59 -5.37
N ARG A 55 -3.51 12.70 -4.43
CA ARG A 55 -2.27 12.79 -3.67
C ARG A 55 -1.39 11.57 -3.91
N VAL A 56 -1.57 10.95 -5.08
CA VAL A 56 -0.79 9.77 -5.43
C VAL A 56 0.50 10.15 -6.14
N ASP A 57 1.50 9.28 -6.08
CA ASP A 57 2.79 9.52 -6.72
C ASP A 57 3.66 8.26 -6.69
N GLN A 58 4.81 8.34 -7.35
CA GLN A 58 5.73 7.22 -7.40
C GLN A 58 6.78 7.32 -6.30
N PHE A 59 7.14 6.19 -5.72
CA PHE A 59 8.14 6.15 -4.66
C PHE A 59 8.49 4.71 -4.28
N GLN A 60 9.54 4.55 -3.49
CA GLN A 60 9.98 3.23 -3.06
C GLN A 60 10.84 3.33 -1.80
N ILE A 61 10.67 2.36 -0.91
CA ILE A 61 11.43 2.33 0.34
C ILE A 61 12.77 1.63 0.15
N ASN A 62 12.80 0.69 -0.79
CA ASN A 62 14.02 -0.07 -1.07
C ASN A 62 14.21 -0.25 -2.57
N ALA A 63 13.13 -0.59 -3.26
CA ALA A 63 13.18 -0.80 -4.70
C ALA A 63 14.10 -1.96 -5.07
N SER A 64 14.22 -2.92 -4.15
CA SER A 64 15.07 -4.09 -4.37
C SER A 64 14.23 -5.35 -4.49
N ALA A 65 13.05 -5.34 -3.88
CA ALA A 65 12.16 -6.48 -3.92
C ALA A 65 11.04 -6.26 -4.93
N ALA A 66 10.64 -5.02 -5.12
CA ALA A 66 9.58 -4.68 -6.06
C ALA A 66 9.70 -3.22 -6.50
N GLN A 67 8.94 -2.87 -7.55
CA GLN A 67 8.96 -1.51 -8.07
C GLN A 67 7.60 -1.14 -8.65
N ILE A 68 7.09 0.03 -8.26
CA ILE A 68 5.80 0.50 -8.74
C ILE A 68 5.87 1.98 -9.12
N ILE A 69 5.39 2.30 -10.31
CA ILE A 69 5.38 3.68 -10.79
C ILE A 69 3.95 4.19 -10.98
N VAL A 70 3.59 5.22 -10.23
CA VAL A 70 2.26 5.81 -10.31
C VAL A 70 2.20 6.86 -11.42
N THR A 71 1.47 6.54 -12.48
CA THR A 71 1.33 7.45 -13.61
C THR A 71 0.28 8.53 -13.32
N ASP A 72 0.73 9.62 -12.70
CA ASP A 72 -0.17 10.73 -12.37
C ASP A 72 -0.53 11.52 -13.61
#